data_1CT9
#
_entry.id   1CT9
#
_cell.length_a   99.930
_cell.length_b   127.100
_cell.length_c   204.510
_cell.angle_alpha   90.00
_cell.angle_beta   90.00
_cell.angle_gamma   90.00
#
_symmetry.space_group_name_H-M   'P 21 21 21'
#
loop_
_entity.id
_entity.type
_entity.pdbx_description
1 polymer 'ASPARAGINE SYNTHETASE B'
2 non-polymer 'URANYL (VI) ION'
3 non-polymer 'CHLORIDE ION'
4 non-polymer 'ADENOSINE MONOPHOSPHATE'
5 non-polymer GLUTAMINE
6 water water
#
_entity_poly.entity_id   1
_entity_poly.type   'polypeptide(L)'
_entity_poly.pdbx_seq_one_letter_code
;ASIFGVFDIKTDAVELRKKALELSRLMRHRGPDWSGIYASDNAILAHERLSIVDVNAGAQPLYNQQKTHVLAVNGEIYNH
QALRAEYGDRYQFQTGSDCEVILALYQEKGPEFLDDLQGMFAFALYDSEKDAYLIGRDHLGIIPLYMGYDEHGQLYVASE
MKALVPVCRTIKEFPAGSYLWSQDGEIRSYYHRDWFDYDAVKDNVTDKNELRQALEDSVKSHLMSDVPYGVLLSGGLDSS
IISAITKKYAARRVEDQERSEAWWPQLHSFAVGLPGSPDLKAAQEVANHLGTVHHEIHFTVQEGLDAIRDVIYHIETYDV
TTIRASTPMYLMSRKIKAMGIKMVLSGEGSDEVFGGYLYFHKAPNAKELHEETVRKLLALHMYDCARANKAMSAWGVEAR
VPFLDKKFLDVAMRINPQDKMCGNGKMEKHILRECFEAYLPASVAWRQKEQFSDGVGYSWIDTLKEVAAQQVSDQQLETA
RFRFPYNTPTSKEAYLYREIFEELFPLPSAAECVPGGPSVACSSAKAIEWDEAFKKMDDPSGRAVGVHQSAYK
;
_entity_poly.pdbx_strand_id   A,B,C,D
#
# COMPACT_ATOMS: atom_id res chain seq x y z
N ALA A 1 -12.64 -36.38 40.72
CA ALA A 1 -12.12 -37.70 40.38
C ALA A 1 -12.59 -38.09 39.00
N SER A 2 -12.14 -39.25 38.59
CA SER A 2 -12.55 -39.83 37.35
C SER A 2 -13.01 -41.26 37.63
N ILE A 3 -13.97 -41.70 36.74
CA ILE A 3 -14.55 -43.05 36.64
C ILE A 3 -14.35 -43.62 35.23
N PHE A 4 -13.95 -44.86 35.18
CA PHE A 4 -13.75 -45.55 33.94
C PHE A 4 -14.33 -46.96 34.12
N GLY A 5 -15.27 -47.38 33.25
CA GLY A 5 -15.85 -48.71 33.40
C GLY A 5 -16.04 -49.39 32.07
N VAL A 6 -15.93 -50.71 32.06
CA VAL A 6 -16.09 -51.57 30.90
C VAL A 6 -17.01 -52.70 31.33
N PHE A 7 -18.10 -52.91 30.61
CA PHE A 7 -19.09 -53.93 30.94
C PHE A 7 -19.37 -54.84 29.76
N ASP A 8 -20.11 -55.93 29.96
CA ASP A 8 -20.40 -56.84 28.84
C ASP A 8 -19.14 -57.30 28.10
N ILE A 9 -18.19 -57.75 28.90
CA ILE A 9 -16.86 -58.22 28.46
C ILE A 9 -16.86 -59.54 27.73
N LYS A 10 -16.47 -59.46 26.47
CA LYS A 10 -16.43 -60.58 25.55
C LYS A 10 -15.02 -60.95 25.12
N THR A 11 -14.02 -60.27 25.68
CA THR A 11 -12.65 -60.57 25.30
C THR A 11 -11.76 -60.93 26.48
N ASP A 12 -10.47 -60.99 26.25
CA ASP A 12 -9.55 -61.37 27.30
C ASP A 12 -9.70 -60.34 28.35
N ALA A 13 -10.03 -60.78 29.55
CA ALA A 13 -10.20 -59.83 30.61
C ALA A 13 -8.86 -59.27 31.04
N VAL A 14 -7.82 -60.10 30.96
CA VAL A 14 -6.49 -59.68 31.37
C VAL A 14 -6.02 -58.50 30.61
N GLU A 15 -6.09 -58.71 29.33
CA GLU A 15 -5.83 -57.78 28.29
C GLU A 15 -6.53 -56.43 28.63
N LEU A 16 -7.84 -56.54 28.70
CA LEU A 16 -8.66 -55.39 28.92
C LEU A 16 -8.27 -54.64 30.18
N ARG A 17 -7.78 -55.38 31.16
CA ARG A 17 -7.43 -54.75 32.41
C ARG A 17 -6.27 -53.82 32.21
N LYS A 18 -5.34 -54.25 31.37
CA LYS A 18 -4.17 -53.45 31.07
C LYS A 18 -4.58 -52.19 30.34
N LYS A 19 -5.54 -52.36 29.46
CA LYS A 19 -6.00 -51.23 28.69
C LYS A 19 -6.73 -50.22 29.54
N ALA A 20 -7.45 -50.72 30.51
CA ALA A 20 -8.22 -49.84 31.41
C ALA A 20 -7.36 -48.84 32.19
N LEU A 21 -6.20 -49.36 32.63
CA LEU A 21 -5.19 -48.61 33.37
C LEU A 21 -4.78 -47.42 32.51
N GLU A 22 -4.35 -47.78 31.29
CA GLU A 22 -3.92 -46.87 30.24
C GLU A 22 -4.91 -45.72 30.07
N LEU A 23 -6.17 -46.08 29.81
CA LEU A 23 -7.25 -45.17 29.56
C LEU A 23 -7.71 -44.40 30.76
N SER A 24 -7.73 -45.08 31.90
CA SER A 24 -8.07 -44.40 33.13
C SER A 24 -7.00 -43.31 33.40
N ARG A 25 -5.73 -43.64 33.21
CA ARG A 25 -4.67 -42.70 33.39
C ARG A 25 -4.84 -41.39 32.60
N LEU A 26 -5.45 -41.44 31.43
CA LEU A 26 -5.62 -40.21 30.66
C LEU A 26 -6.47 -39.21 31.40
N MET A 27 -7.16 -39.61 32.46
CA MET A 27 -8.00 -38.61 33.14
C MET A 27 -7.47 -38.31 34.56
N ARG A 28 -6.27 -38.78 34.85
CA ARG A 28 -5.71 -38.62 36.17
C ARG A 28 -5.74 -37.21 36.77
N HIS A 29 -5.73 -36.21 35.92
CA HIS A 29 -5.78 -34.82 36.36
C HIS A 29 -7.00 -34.63 37.25
N ARG A 30 -8.05 -35.39 36.97
CA ARG A 30 -9.21 -35.20 37.76
C ARG A 30 -9.11 -35.85 39.14
N GLY A 31 -8.24 -36.85 39.31
CA GLY A 31 -8.11 -37.51 40.61
C GLY A 31 -6.67 -37.83 40.89
N PRO A 32 -5.92 -36.77 41.08
CA PRO A 32 -4.49 -36.90 41.30
C PRO A 32 -4.05 -37.62 42.56
N ASP A 33 -4.94 -37.64 43.56
CA ASP A 33 -4.66 -38.16 44.93
C ASP A 33 -4.30 -39.58 45.02
N TRP A 34 -5.06 -40.42 44.28
CA TRP A 34 -4.82 -41.86 44.28
C TRP A 34 -5.64 -42.63 43.24
N SER A 35 -5.26 -43.84 42.97
CA SER A 35 -5.88 -44.63 41.96
C SER A 35 -6.42 -45.89 42.56
N GLY A 36 -7.53 -46.36 42.05
CA GLY A 36 -8.13 -47.62 42.49
C GLY A 36 -8.74 -48.40 41.35
N ILE A 37 -8.88 -49.70 41.53
CA ILE A 37 -9.47 -50.42 40.44
C ILE A 37 -9.99 -51.77 40.83
N TYR A 38 -11.08 -52.11 40.16
CA TYR A 38 -11.70 -53.39 40.31
C TYR A 38 -11.83 -53.94 38.92
N ALA A 39 -11.37 -55.17 38.78
CA ALA A 39 -11.38 -55.92 37.57
C ALA A 39 -11.74 -57.37 37.83
N SER A 40 -12.68 -57.83 37.04
CA SER A 40 -13.11 -59.21 37.06
C SER A 40 -13.23 -59.71 35.62
N ASP A 41 -13.84 -60.84 35.41
CA ASP A 41 -13.96 -61.32 34.07
C ASP A 41 -15.09 -60.64 33.34
N ASN A 42 -16.03 -60.08 34.12
CA ASN A 42 -17.18 -59.44 33.51
C ASN A 42 -17.29 -57.96 33.66
N ALA A 43 -16.41 -57.38 34.46
CA ALA A 43 -16.49 -55.93 34.66
C ALA A 43 -15.21 -55.34 35.23
N ILE A 44 -14.93 -54.10 34.84
CA ILE A 44 -13.76 -53.36 35.27
C ILE A 44 -14.22 -52.04 35.74
N LEU A 45 -13.73 -51.61 36.87
CA LEU A 45 -14.09 -50.29 37.36
C LEU A 45 -12.78 -49.69 37.81
N ALA A 46 -12.39 -48.56 37.22
CA ALA A 46 -11.10 -47.94 37.58
C ALA A 46 -11.38 -46.56 38.02
N HIS A 47 -10.71 -46.10 39.12
CA HIS A 47 -11.04 -44.78 39.68
C HIS A 47 -9.79 -43.95 39.94
N GLU A 48 -9.88 -42.65 39.74
CA GLU A 48 -8.75 -41.78 40.04
C GLU A 48 -9.38 -40.79 41.00
N ARG A 49 -8.81 -40.74 42.20
CA ARG A 49 -9.41 -39.89 43.24
C ARG A 49 -8.86 -38.47 43.55
N LEU A 50 -9.82 -37.62 43.92
CA LEU A 50 -9.68 -36.28 44.46
C LEU A 50 -10.51 -36.35 45.75
N SER A 51 -9.81 -36.53 46.89
CA SER A 51 -10.33 -36.74 48.23
C SER A 51 -10.85 -35.51 48.87
N ILE A 52 -12.17 -35.37 48.98
CA ILE A 52 -12.71 -34.15 49.56
C ILE A 52 -13.34 -34.42 50.90
N VAL A 53 -14.05 -35.53 50.90
CA VAL A 53 -14.77 -36.06 52.04
C VAL A 53 -14.21 -37.41 52.47
N ASP A 54 -13.86 -37.49 53.75
CA ASP A 54 -13.31 -38.69 54.37
C ASP A 54 -12.10 -39.10 53.61
N VAL A 55 -11.11 -38.26 53.73
CA VAL A 55 -9.87 -38.46 53.05
C VAL A 55 -9.19 -39.81 53.34
N ASN A 56 -9.27 -40.23 54.59
CA ASN A 56 -8.58 -41.43 55.01
C ASN A 56 -9.19 -42.78 54.65
N ALA A 57 -10.50 -42.82 54.71
CA ALA A 57 -11.10 -44.09 54.36
C ALA A 57 -12.07 -43.97 53.22
N GLY A 58 -12.04 -42.86 52.50
CA GLY A 58 -12.97 -42.63 51.40
C GLY A 58 -12.54 -43.21 50.03
N ALA A 59 -11.52 -44.07 50.01
CA ALA A 59 -11.01 -44.70 48.81
C ALA A 59 -12.02 -45.42 47.91
N GLN A 60 -11.77 -45.38 46.60
CA GLN A 60 -12.62 -46.08 45.68
C GLN A 60 -11.81 -46.88 44.67
N PRO A 61 -12.45 -47.86 44.03
CA PRO A 61 -13.84 -48.25 44.21
C PRO A 61 -14.23 -48.66 45.64
N LEU A 62 -15.47 -48.35 45.93
CA LEU A 62 -16.03 -48.68 47.20
C LEU A 62 -16.67 -50.03 47.07
N TYR A 63 -16.51 -50.82 48.09
CA TYR A 63 -17.07 -52.13 48.07
C TYR A 63 -18.05 -52.38 49.18
N ASN A 64 -18.90 -53.28 48.78
CA ASN A 64 -19.92 -53.90 49.56
C ASN A 64 -19.29 -54.47 50.80
N GLN A 65 -20.10 -54.58 51.80
CA GLN A 65 -19.62 -55.19 53.00
C GLN A 65 -19.22 -56.63 52.64
N GLN A 66 -20.04 -57.29 51.82
CA GLN A 66 -19.78 -58.65 51.37
C GLN A 66 -18.85 -58.65 50.20
N LYS A 67 -18.53 -57.47 49.72
CA LYS A 67 -17.63 -57.36 48.62
C LYS A 67 -18.15 -58.00 47.31
N THR A 68 -19.47 -57.99 47.21
CA THR A 68 -20.16 -58.51 46.07
C THR A 68 -20.63 -57.36 45.18
N HIS A 69 -20.68 -56.17 45.79
CA HIS A 69 -21.08 -54.95 45.08
C HIS A 69 -19.87 -53.99 45.05
N VAL A 70 -19.61 -53.33 43.92
CA VAL A 70 -18.50 -52.38 43.68
C VAL A 70 -19.00 -51.12 43.05
N LEU A 71 -18.60 -49.99 43.61
CA LEU A 71 -19.07 -48.75 43.12
C LEU A 71 -17.95 -47.76 42.86
N ALA A 72 -18.01 -47.07 41.73
CA ALA A 72 -17.04 -46.04 41.34
C ALA A 72 -17.79 -44.75 41.06
N VAL A 73 -17.46 -43.72 41.83
CA VAL A 73 -18.17 -42.47 41.68
C VAL A 73 -17.29 -41.21 41.64
N ASN A 74 -17.76 -40.28 40.83
CA ASN A 74 -17.21 -38.94 40.67
C ASN A 74 -18.35 -38.02 41.10
N GLY A 75 -18.28 -37.50 42.33
CA GLY A 75 -19.38 -36.67 42.74
C GLY A 75 -19.39 -36.34 44.23
N GLU A 76 -20.47 -35.65 44.64
CA GLU A 76 -20.69 -35.26 46.02
C GLU A 76 -22.15 -35.51 46.29
N ILE A 77 -22.45 -36.32 47.31
CA ILE A 77 -23.86 -36.54 47.62
C ILE A 77 -24.21 -35.74 48.87
N TYR A 78 -24.77 -34.53 48.67
CA TYR A 78 -25.09 -33.61 49.75
C TYR A 78 -25.91 -34.06 50.94
N ASN A 79 -26.89 -34.92 50.70
CA ASN A 79 -27.78 -35.46 51.73
C ASN A 79 -27.36 -36.83 52.23
N HIS A 80 -26.09 -37.19 52.02
CA HIS A 80 -25.63 -38.50 52.46
C HIS A 80 -25.82 -38.81 53.94
N GLN A 81 -25.65 -37.80 54.77
CA GLN A 81 -25.79 -37.98 56.21
C GLN A 81 -27.18 -38.49 56.58
N ALA A 82 -28.19 -37.85 55.98
CA ALA A 82 -29.58 -38.21 56.16
C ALA A 82 -29.84 -39.64 55.70
N LEU A 83 -29.17 -40.06 54.62
CA LEU A 83 -29.34 -41.36 54.07
C LEU A 83 -28.72 -42.40 54.95
N ARG A 84 -27.52 -42.09 55.45
CA ARG A 84 -26.81 -43.00 56.30
C ARG A 84 -27.74 -43.36 57.44
N ALA A 85 -28.45 -42.34 57.90
CA ALA A 85 -29.36 -42.44 59.02
C ALA A 85 -30.52 -43.26 58.60
N GLU A 86 -31.04 -42.92 57.43
CA GLU A 86 -32.18 -43.63 56.96
C GLU A 86 -31.90 -45.11 56.74
N TYR A 87 -30.75 -45.44 56.17
CA TYR A 87 -30.41 -46.81 55.82
C TYR A 87 -29.37 -47.52 56.63
N GLY A 88 -28.85 -46.93 57.68
CA GLY A 88 -27.82 -47.60 58.46
C GLY A 88 -28.28 -48.90 59.14
N ASP A 89 -29.58 -49.03 59.36
CA ASP A 89 -30.12 -50.23 60.03
C ASP A 89 -30.18 -51.47 59.15
N ARG A 90 -30.09 -51.20 57.85
CA ARG A 90 -30.06 -52.22 56.84
C ARG A 90 -28.71 -52.36 56.16
N TYR A 91 -27.96 -51.28 56.05
CA TYR A 91 -26.67 -51.32 55.34
C TYR A 91 -25.52 -50.93 56.20
N GLN A 92 -24.49 -51.79 56.24
CA GLN A 92 -23.34 -51.52 57.06
C GLN A 92 -22.34 -50.64 56.33
N PHE A 93 -22.34 -49.35 56.64
CA PHE A 93 -21.38 -48.46 56.02
C PHE A 93 -19.97 -48.82 56.39
N GLN A 94 -19.15 -48.93 55.38
CA GLN A 94 -17.77 -49.31 55.57
C GLN A 94 -16.84 -48.09 55.67
N THR A 95 -17.35 -46.93 55.24
CA THR A 95 -16.58 -45.71 55.19
C THR A 95 -17.38 -44.49 55.58
N GLY A 96 -16.67 -43.34 55.52
CA GLY A 96 -17.27 -42.07 55.79
C GLY A 96 -17.60 -41.36 54.48
N SER A 97 -17.27 -42.00 53.35
CA SER A 97 -17.53 -41.40 52.06
C SER A 97 -19.00 -41.06 51.81
N ASP A 98 -19.24 -39.81 51.38
CA ASP A 98 -20.55 -39.37 51.02
C ASP A 98 -21.14 -40.28 49.89
N CYS A 99 -20.26 -40.85 49.09
CA CYS A 99 -20.62 -41.72 47.98
C CYS A 99 -21.11 -43.16 48.28
N GLU A 100 -20.71 -43.69 49.42
CA GLU A 100 -21.12 -45.05 49.74
C GLU A 100 -22.65 -45.22 49.85
N VAL A 101 -23.34 -44.10 50.07
CA VAL A 101 -24.76 -44.19 50.20
C VAL A 101 -25.42 -44.87 48.98
N ILE A 102 -24.74 -44.76 47.85
CA ILE A 102 -25.23 -45.31 46.61
C ILE A 102 -25.33 -46.83 46.74
N LEU A 103 -24.31 -47.44 47.35
CA LEU A 103 -24.25 -48.85 47.63
C LEU A 103 -25.46 -49.33 48.48
N ALA A 104 -25.79 -48.53 49.47
CA ALA A 104 -26.90 -48.81 50.37
C ALA A 104 -28.23 -48.78 49.64
N LEU A 105 -28.47 -47.71 48.91
CA LEU A 105 -29.70 -47.57 48.19
C LEU A 105 -29.84 -48.59 47.08
N TYR A 106 -28.74 -48.92 46.43
CA TYR A 106 -28.80 -49.89 45.36
C TYR A 106 -29.20 -51.22 45.99
N GLN A 107 -28.73 -51.46 47.22
CA GLN A 107 -29.03 -52.67 47.96
C GLN A 107 -30.52 -52.86 48.33
N GLU A 108 -31.20 -51.77 48.67
CA GLU A 108 -32.59 -51.81 49.05
C GLU A 108 -33.57 -51.38 47.96
N LYS A 109 -33.04 -50.73 46.95
CA LYS A 109 -33.90 -50.23 45.88
C LYS A 109 -33.54 -50.62 44.46
N GLY A 110 -32.45 -51.41 44.32
CA GLY A 110 -32.00 -51.79 42.99
C GLY A 110 -31.76 -50.47 42.25
N PRO A 111 -32.15 -50.42 40.98
CA PRO A 111 -32.00 -49.22 40.15
C PRO A 111 -33.02 -48.10 40.41
N GLU A 112 -33.93 -48.23 41.34
CA GLU A 112 -34.89 -47.17 41.41
C GLU A 112 -34.69 -46.03 42.43
N PHE A 113 -33.45 -45.73 42.81
CA PHE A 113 -33.21 -44.74 43.84
C PHE A 113 -32.58 -43.44 43.39
N LEU A 114 -32.28 -43.33 42.10
CA LEU A 114 -31.61 -42.17 41.54
C LEU A 114 -32.10 -40.83 42.05
N ASP A 115 -33.40 -40.64 42.10
CA ASP A 115 -33.99 -39.41 42.56
C ASP A 115 -33.93 -39.25 44.11
N ASP A 116 -33.41 -40.26 44.83
CA ASP A 116 -33.24 -40.22 46.30
C ASP A 116 -32.01 -39.37 46.66
N LEU A 117 -31.06 -39.34 45.72
CA LEU A 117 -29.83 -38.59 45.87
C LEU A 117 -29.94 -37.10 45.67
N GLN A 118 -29.18 -36.39 46.45
CA GLN A 118 -29.18 -34.99 46.25
C GLN A 118 -27.75 -34.62 46.15
N GLY A 119 -27.34 -34.26 44.94
CA GLY A 119 -25.95 -33.91 44.69
C GLY A 119 -25.55 -33.93 43.24
N MET A 120 -24.28 -34.03 43.02
CA MET A 120 -23.83 -34.10 41.65
C MET A 120 -23.04 -35.39 41.55
N PHE A 121 -23.19 -36.11 40.47
CA PHE A 121 -22.42 -37.32 40.38
C PHE A 121 -22.62 -37.99 39.03
N ALA A 122 -21.74 -38.96 38.80
CA ALA A 122 -21.77 -39.84 37.69
C ALA A 122 -21.26 -41.10 38.35
N PHE A 123 -21.89 -42.27 38.18
CA PHE A 123 -21.31 -43.45 38.85
C PHE A 123 -21.48 -44.75 38.08
N ALA A 124 -20.65 -45.73 38.42
CA ALA A 124 -20.80 -47.03 37.83
C ALA A 124 -20.70 -48.06 38.96
N LEU A 125 -21.71 -48.93 39.05
CA LEU A 125 -21.83 -49.98 40.03
C LEU A 125 -21.93 -51.35 39.34
N TYR A 126 -21.15 -52.30 39.85
CA TYR A 126 -21.17 -53.61 39.34
C TYR A 126 -21.51 -54.53 40.49
N ASP A 127 -22.47 -55.44 40.31
CA ASP A 127 -23.01 -56.45 41.23
C ASP A 127 -22.57 -57.78 40.78
N SER A 128 -21.55 -58.34 41.43
CA SER A 128 -21.00 -59.62 41.06
C SER A 128 -21.92 -60.78 41.39
N GLU A 129 -22.88 -60.52 42.28
CA GLU A 129 -23.81 -61.55 42.67
C GLU A 129 -24.71 -61.78 41.49
N LYS A 130 -25.51 -60.76 41.23
CA LYS A 130 -26.46 -60.76 40.14
C LYS A 130 -25.83 -60.70 38.75
N ASP A 131 -24.55 -60.42 38.68
CA ASP A 131 -23.85 -60.26 37.39
C ASP A 131 -24.55 -59.13 36.64
N ALA A 132 -24.66 -57.98 37.30
CA ALA A 132 -25.36 -56.88 36.67
C ALA A 132 -24.67 -55.55 36.95
N TYR A 133 -25.04 -54.50 36.21
CA TYR A 133 -24.42 -53.20 36.42
C TYR A 133 -25.39 -52.05 36.34
N LEU A 134 -25.02 -50.97 37.01
CA LEU A 134 -25.91 -49.84 36.96
C LEU A 134 -25.11 -48.56 36.81
N ILE A 135 -25.48 -47.74 35.82
CA ILE A 135 -24.78 -46.50 35.53
C ILE A 135 -25.74 -45.37 35.73
N GLY A 136 -25.27 -44.29 36.33
CA GLY A 136 -26.15 -43.16 36.61
C GLY A 136 -25.46 -41.79 36.60
N ARG A 137 -26.24 -40.77 36.32
CA ARG A 137 -25.69 -39.45 36.29
C ARG A 137 -26.68 -38.51 36.90
N ASP A 138 -26.19 -37.53 37.67
CA ASP A 138 -27.02 -36.51 38.33
C ASP A 138 -28.06 -35.91 37.41
N HIS A 139 -28.96 -35.19 38.03
CA HIS A 139 -30.11 -34.59 37.40
C HIS A 139 -29.88 -33.65 36.21
N LEU A 140 -28.84 -32.84 36.20
CA LEU A 140 -28.69 -31.89 35.10
C LEU A 140 -27.39 -32.09 34.35
N GLY A 141 -26.74 -33.23 34.62
CA GLY A 141 -25.47 -33.55 34.02
C GLY A 141 -24.37 -32.66 34.56
N ILE A 142 -24.50 -32.27 35.84
CA ILE A 142 -23.48 -31.44 36.53
C ILE A 142 -22.09 -32.04 36.40
N ILE A 143 -21.98 -33.32 36.73
CA ILE A 143 -20.75 -34.05 36.59
C ILE A 143 -20.80 -34.72 35.21
N PRO A 144 -19.68 -34.75 34.50
CA PRO A 144 -19.62 -35.34 33.15
C PRO A 144 -19.53 -36.85 33.12
N LEU A 145 -19.96 -37.41 31.97
CA LEU A 145 -19.96 -38.84 31.73
C LEU A 145 -20.31 -39.13 30.27
N TYR A 146 -19.46 -39.99 29.70
CA TYR A 146 -19.52 -40.49 28.35
C TYR A 146 -19.66 -42.01 28.37
N MET A 147 -20.26 -42.53 27.28
CA MET A 147 -20.54 -43.94 27.00
C MET A 147 -20.12 -44.26 25.57
N GLY A 148 -19.84 -45.51 25.30
CA GLY A 148 -19.46 -45.89 23.96
C GLY A 148 -19.29 -47.37 23.86
N TYR A 149 -19.17 -47.85 22.63
CA TYR A 149 -18.98 -49.25 22.41
C TYR A 149 -17.80 -49.59 21.53
N ASP A 150 -17.33 -50.77 21.79
CA ASP A 150 -16.28 -51.49 21.15
C ASP A 150 -16.67 -52.01 19.79
N GLU A 151 -15.62 -52.49 19.05
CA GLU A 151 -15.82 -53.17 17.79
C GLU A 151 -16.31 -54.57 18.14
N HIS A 152 -16.45 -54.81 19.45
CA HIS A 152 -16.93 -56.09 19.91
C HIS A 152 -18.23 -55.97 20.68
N GLY A 153 -18.68 -54.75 20.87
CA GLY A 153 -19.92 -54.66 21.63
C GLY A 153 -19.68 -54.40 23.11
N GLN A 154 -18.42 -54.41 23.54
CA GLN A 154 -18.17 -54.16 24.94
C GLN A 154 -18.53 -52.72 25.20
N LEU A 155 -19.03 -52.43 26.42
CA LEU A 155 -19.52 -51.12 26.80
C LEU A 155 -18.62 -50.42 27.73
N TYR A 156 -18.33 -49.18 27.36
CA TYR A 156 -17.47 -48.33 28.14
C TYR A 156 -18.16 -47.08 28.60
N VAL A 157 -17.67 -46.68 29.75
CA VAL A 157 -18.15 -45.48 30.39
C VAL A 157 -16.93 -44.69 30.87
N ALA A 158 -16.94 -43.38 30.75
CA ALA A 158 -15.81 -42.59 31.22
C ALA A 158 -16.20 -41.17 31.49
N SER A 159 -15.54 -40.55 32.47
CA SER A 159 -15.84 -39.17 32.81
C SER A 159 -15.57 -38.24 31.66
N GLU A 160 -14.50 -38.50 30.91
CA GLU A 160 -14.20 -37.62 29.79
C GLU A 160 -14.13 -38.43 28.50
N MET A 161 -14.55 -37.88 27.36
CA MET A 161 -14.45 -38.63 26.09
C MET A 161 -13.03 -39.00 25.68
N LYS A 162 -12.10 -38.33 26.29
CA LYS A 162 -10.68 -38.51 26.06
C LYS A 162 -10.29 -39.96 26.33
N ALA A 163 -10.94 -40.56 27.35
CA ALA A 163 -10.68 -41.95 27.76
C ALA A 163 -11.37 -42.99 26.84
N LEU A 164 -12.37 -42.57 26.07
CA LEU A 164 -13.10 -43.50 25.20
C LEU A 164 -12.62 -43.55 23.73
N VAL A 165 -12.41 -42.36 23.15
CA VAL A 165 -11.98 -42.12 21.79
C VAL A 165 -10.95 -43.10 21.32
N PRO A 166 -9.90 -43.36 22.06
CA PRO A 166 -8.90 -44.31 21.61
C PRO A 166 -9.41 -45.75 21.41
N VAL A 167 -10.52 -46.17 22.00
CA VAL A 167 -10.91 -47.62 21.85
C VAL A 167 -12.31 -47.88 21.26
N CYS A 168 -13.23 -46.94 21.41
CA CYS A 168 -14.60 -47.15 20.94
C CYS A 168 -14.77 -46.79 19.46
N ARG A 169 -15.80 -47.40 18.88
CA ARG A 169 -16.21 -47.18 17.50
C ARG A 169 -17.17 -46.00 17.47
N THR A 170 -17.96 -45.94 18.54
CA THR A 170 -18.95 -44.88 18.74
C THR A 170 -18.94 -44.44 20.19
N ILE A 171 -19.49 -43.28 20.39
CA ILE A 171 -19.47 -42.63 21.68
C ILE A 171 -20.56 -41.58 21.74
N LYS A 172 -20.91 -41.26 22.94
CA LYS A 172 -21.90 -40.25 23.20
C LYS A 172 -21.91 -39.97 24.69
N GLU A 173 -22.57 -38.92 24.99
CA GLU A 173 -22.71 -38.47 26.35
C GLU A 173 -23.67 -39.40 27.08
N PHE A 174 -23.33 -39.79 28.29
CA PHE A 174 -24.32 -40.58 29.03
C PHE A 174 -25.42 -39.62 29.42
N PRO A 175 -26.66 -39.82 29.02
CA PRO A 175 -27.69 -38.90 29.34
C PRO A 175 -27.85 -38.41 30.78
N ALA A 176 -28.12 -37.13 30.90
CA ALA A 176 -28.33 -36.47 32.16
C ALA A 176 -29.64 -36.96 32.78
N GLY A 177 -29.81 -36.86 34.10
CA GLY A 177 -31.06 -37.29 34.75
C GLY A 177 -31.48 -38.69 34.32
N SER A 178 -30.50 -39.53 34.07
CA SER A 178 -30.73 -40.88 33.62
C SER A 178 -29.84 -41.89 34.28
N TYR A 179 -30.22 -43.15 34.00
CA TYR A 179 -29.51 -44.34 34.44
C TYR A 179 -29.69 -45.41 33.39
N LEU A 180 -28.79 -46.35 33.44
CA LEU A 180 -28.72 -47.52 32.64
C LEU A 180 -28.54 -48.67 33.59
N TRP A 181 -29.57 -49.47 33.72
CA TRP A 181 -29.61 -50.67 34.55
C TRP A 181 -29.38 -51.79 33.59
N SER A 182 -28.35 -52.61 33.77
CA SER A 182 -28.14 -53.66 32.79
C SER A 182 -29.33 -54.58 32.59
N GLN A 183 -30.08 -54.80 33.63
CA GLN A 183 -31.18 -55.71 33.47
C GLN A 183 -32.32 -55.19 32.62
N ASP A 184 -32.23 -53.90 32.36
CA ASP A 184 -33.19 -53.23 31.51
C ASP A 184 -32.65 -53.10 30.10
N GLY A 185 -31.38 -52.71 29.99
CA GLY A 185 -30.75 -52.58 28.69
C GLY A 185 -31.06 -51.26 27.96
N GLU A 186 -31.98 -50.48 28.56
CA GLU A 186 -32.43 -49.19 28.03
C GLU A 186 -32.11 -48.08 29.00
N ILE A 187 -31.71 -46.94 28.45
CA ILE A 187 -31.37 -45.79 29.27
C ILE A 187 -32.65 -45.12 29.62
N ARG A 188 -32.87 -44.93 30.93
CA ARG A 188 -34.07 -44.33 31.42
C ARG A 188 -33.80 -43.03 32.14
N SER A 189 -34.66 -42.01 31.86
CA SER A 189 -34.61 -40.70 32.49
C SER A 189 -35.25 -40.87 33.85
N TYR A 190 -34.78 -40.20 34.90
CA TYR A 190 -35.42 -40.40 36.22
C TYR A 190 -35.90 -39.12 36.84
N TYR A 191 -35.50 -38.05 36.20
CA TYR A 191 -35.75 -36.72 36.68
C TYR A 191 -36.76 -36.00 35.86
N HIS A 192 -37.80 -35.61 36.52
CA HIS A 192 -38.79 -34.86 35.83
C HIS A 192 -39.49 -34.14 36.94
N ARG A 193 -39.96 -32.96 36.62
CA ARG A 193 -40.65 -32.10 37.59
C ARG A 193 -41.75 -31.40 36.89
N ASP A 194 -42.81 -31.22 37.64
CA ASP A 194 -43.97 -30.54 37.13
C ASP A 194 -43.58 -29.21 36.51
N TRP A 195 -42.65 -28.49 37.20
CA TRP A 195 -42.20 -27.20 36.71
C TRP A 195 -41.64 -27.29 35.33
N PHE A 196 -41.37 -28.53 34.87
CA PHE A 196 -40.92 -28.73 33.50
C PHE A 196 -41.91 -28.10 32.52
N ASP A 197 -43.11 -27.86 33.03
CA ASP A 197 -44.18 -27.27 32.26
C ASP A 197 -44.74 -26.08 32.94
N TYR A 198 -45.02 -25.10 32.10
CA TYR A 198 -45.56 -23.79 32.43
C TYR A 198 -46.92 -23.79 33.09
N ASP A 199 -47.87 -24.60 32.56
CA ASP A 199 -49.19 -24.60 33.19
C ASP A 199 -49.06 -25.07 34.59
N ALA A 200 -47.95 -25.72 34.86
CA ALA A 200 -47.76 -26.21 36.20
C ALA A 200 -47.42 -25.06 37.15
N VAL A 201 -46.71 -24.05 36.67
CA VAL A 201 -46.37 -22.96 37.57
C VAL A 201 -47.02 -21.63 37.28
N LYS A 202 -47.77 -21.61 36.20
CA LYS A 202 -48.46 -20.42 35.79
C LYS A 202 -49.18 -19.66 36.93
N ASP A 203 -49.93 -20.34 37.83
CA ASP A 203 -50.61 -19.55 38.89
C ASP A 203 -49.95 -19.47 40.28
N ASN A 204 -48.74 -20.00 40.34
CA ASN A 204 -47.97 -20.03 41.55
C ASN A 204 -47.80 -18.73 42.25
N VAL A 205 -47.54 -18.87 43.53
CA VAL A 205 -47.21 -17.76 44.38
C VAL A 205 -45.69 -17.68 44.35
N THR A 206 -45.19 -16.59 44.87
CA THR A 206 -43.77 -16.39 44.96
C THR A 206 -43.38 -16.04 46.39
N ASP A 207 -42.57 -16.91 46.97
CA ASP A 207 -42.16 -16.70 48.34
C ASP A 207 -40.72 -16.26 48.44
N LYS A 208 -40.56 -14.98 48.69
CA LYS A 208 -39.26 -14.39 48.86
C LYS A 208 -38.42 -15.07 49.92
N ASN A 209 -38.96 -15.22 51.12
CA ASN A 209 -38.20 -15.86 52.18
C ASN A 209 -37.89 -17.30 51.81
N GLU A 210 -38.93 -17.96 51.31
CA GLU A 210 -38.82 -19.33 50.88
C GLU A 210 -37.63 -19.50 49.96
N LEU A 211 -37.62 -18.59 48.99
CA LEU A 211 -36.59 -18.56 47.97
C LEU A 211 -35.20 -18.27 48.52
N ARG A 212 -35.13 -17.36 49.47
CA ARG A 212 -33.86 -17.00 50.04
C ARG A 212 -33.30 -18.15 50.85
N GLN A 213 -34.18 -18.68 51.70
CA GLN A 213 -33.90 -19.79 52.56
C GLN A 213 -33.40 -21.00 51.78
N ALA A 214 -34.05 -21.26 50.66
CA ALA A 214 -33.70 -22.37 49.79
C ALA A 214 -32.26 -22.25 49.28
N LEU A 215 -31.90 -21.06 48.75
CA LEU A 215 -30.53 -20.83 48.27
C LEU A 215 -29.53 -20.98 49.40
N GLU A 216 -29.95 -20.42 50.52
CA GLU A 216 -29.14 -20.47 51.71
C GLU A 216 -28.81 -21.92 52.09
N ASP A 217 -29.84 -22.72 52.17
CA ASP A 217 -29.70 -24.11 52.51
C ASP A 217 -28.80 -24.88 51.55
N SER A 218 -29.04 -24.61 50.28
CA SER A 218 -28.26 -25.26 49.23
C SER A 218 -26.76 -25.02 49.46
N VAL A 219 -26.43 -23.75 49.65
CA VAL A 219 -25.03 -23.41 49.95
C VAL A 219 -24.56 -24.15 51.19
N LYS A 220 -25.37 -24.08 52.26
CA LYS A 220 -24.99 -24.74 53.49
C LYS A 220 -24.67 -26.17 53.27
N SER A 221 -25.56 -26.84 52.52
CA SER A 221 -25.30 -28.24 52.21
C SER A 221 -24.06 -28.41 51.37
N HIS A 222 -23.79 -27.40 50.53
CA HIS A 222 -22.66 -27.45 49.61
C HIS A 222 -21.31 -27.22 50.21
N LEU A 223 -21.28 -26.83 51.48
CA LEU A 223 -20.00 -26.64 52.12
C LEU A 223 -19.40 -27.94 52.68
N MET A 224 -20.13 -29.02 52.49
CA MET A 224 -19.70 -30.31 52.96
C MET A 224 -18.28 -30.66 52.56
N SER A 225 -17.36 -30.78 53.51
CA SER A 225 -16.00 -31.07 53.11
C SER A 225 -15.03 -31.31 54.26
N ASP A 226 -14.01 -32.12 53.97
CA ASP A 226 -12.93 -32.42 54.91
C ASP A 226 -11.63 -31.69 54.52
N VAL A 227 -11.68 -30.89 53.46
CA VAL A 227 -10.49 -30.18 53.01
C VAL A 227 -10.80 -28.70 52.86
N PRO A 228 -9.77 -27.88 52.59
CA PRO A 228 -9.89 -26.42 52.41
C PRO A 228 -10.56 -26.06 51.10
N TYR A 229 -11.48 -25.14 51.16
CA TYR A 229 -12.13 -24.79 49.95
C TYR A 229 -12.30 -23.31 49.86
N GLY A 230 -12.71 -22.86 48.64
CA GLY A 230 -12.88 -21.43 48.38
C GLY A 230 -14.05 -21.05 47.54
N VAL A 231 -14.13 -19.78 47.16
CA VAL A 231 -15.23 -19.35 46.31
C VAL A 231 -14.74 -18.67 45.04
N LEU A 232 -15.41 -18.86 43.93
CA LEU A 232 -14.98 -18.19 42.73
C LEU A 232 -15.75 -16.88 42.69
N LEU A 233 -15.05 -15.78 42.88
CA LEU A 233 -15.66 -14.47 42.90
C LEU A 233 -15.44 -13.64 41.64
N SER A 234 -16.52 -13.32 40.91
CA SER A 234 -16.40 -12.50 39.72
C SER A 234 -16.72 -11.08 40.04
N GLY A 235 -17.40 -10.86 41.15
CA GLY A 235 -17.80 -9.50 41.47
C GLY A 235 -19.21 -9.30 40.90
N GLY A 236 -19.63 -10.30 40.09
CA GLY A 236 -20.96 -10.31 39.48
C GLY A 236 -21.94 -10.75 40.55
N LEU A 237 -23.23 -10.53 40.33
CA LEU A 237 -24.29 -10.89 41.29
C LEU A 237 -24.20 -12.29 41.89
N ASP A 238 -24.31 -13.26 40.99
CA ASP A 238 -24.35 -14.67 41.33
C ASP A 238 -23.26 -15.13 42.28
N SER A 239 -22.03 -14.96 41.80
CA SER A 239 -20.86 -15.36 42.53
C SER A 239 -20.70 -14.55 43.80
N SER A 240 -21.16 -13.29 43.78
CA SER A 240 -21.14 -12.43 44.94
C SER A 240 -22.18 -12.92 45.96
N ILE A 241 -23.32 -13.35 45.45
CA ILE A 241 -24.35 -13.87 46.32
C ILE A 241 -23.81 -15.09 47.02
N ILE A 242 -23.32 -16.01 46.25
CA ILE A 242 -22.81 -17.26 46.75
C ILE A 242 -21.76 -17.08 47.82
N SER A 243 -20.86 -16.16 47.49
CA SER A 243 -19.70 -15.80 48.32
C SER A 243 -20.11 -15.26 49.67
N ALA A 244 -21.06 -14.32 49.65
CA ALA A 244 -21.60 -13.74 50.86
C ALA A 244 -22.21 -14.81 51.75
N ILE A 245 -23.04 -15.64 51.17
CA ILE A 245 -23.63 -16.71 51.96
C ILE A 245 -22.55 -17.61 52.52
N THR A 246 -21.55 -17.91 51.73
CA THR A 246 -20.57 -18.82 52.24
C THR A 246 -19.86 -18.23 53.41
N LYS A 247 -19.65 -16.94 53.31
CA LYS A 247 -18.96 -16.23 54.37
C LYS A 247 -19.72 -16.30 55.67
N LYS A 248 -21.00 -16.00 55.55
CA LYS A 248 -21.88 -16.00 56.69
C LYS A 248 -22.07 -17.40 57.31
N TYR A 249 -22.19 -18.46 56.51
CA TYR A 249 -22.38 -19.74 57.15
C TYR A 249 -21.12 -20.49 57.45
N ALA A 250 -20.09 -20.20 56.68
CA ALA A 250 -18.81 -20.87 56.85
C ALA A 250 -18.37 -20.82 58.31
N LEU A 267 -11.89 -17.39 54.83
CA LEU A 267 -12.56 -17.66 53.57
C LEU A 267 -11.84 -17.05 52.37
N HIS A 268 -11.26 -17.90 51.56
CA HIS A 268 -10.50 -17.47 50.40
C HIS A 268 -11.33 -17.26 49.12
N SER A 269 -11.14 -16.13 48.46
CA SER A 269 -11.84 -15.86 47.23
C SER A 269 -10.87 -15.74 46.05
N PHE A 270 -11.35 -16.07 44.84
CA PHE A 270 -10.50 -16.04 43.65
C PHE A 270 -11.17 -15.40 42.48
N ALA A 271 -10.42 -14.58 41.76
CA ALA A 271 -10.94 -13.92 40.57
C ALA A 271 -9.86 -13.96 39.54
N VAL A 272 -10.26 -14.08 38.29
CA VAL A 272 -9.23 -14.18 37.28
C VAL A 272 -9.48 -13.11 36.24
N GLY A 273 -8.44 -12.69 35.57
CA GLY A 273 -8.61 -11.71 34.53
C GLY A 273 -7.30 -11.23 34.02
N LEU A 274 -7.49 -10.45 32.99
CA LEU A 274 -6.38 -9.78 32.37
C LEU A 274 -6.16 -8.58 33.30
N PRO A 275 -4.88 -8.23 33.52
CA PRO A 275 -4.54 -7.12 34.40
C PRO A 275 -5.41 -5.95 34.08
N GLY A 276 -6.18 -5.48 35.04
CA GLY A 276 -7.04 -4.36 34.68
C GLY A 276 -8.48 -4.68 34.26
N SER A 277 -8.95 -5.93 34.31
CA SER A 277 -10.32 -6.17 33.87
C SER A 277 -11.45 -5.82 34.83
N PRO A 278 -12.65 -5.67 34.26
CA PRO A 278 -13.84 -5.39 35.02
C PRO A 278 -14.06 -6.42 36.13
N ASP A 279 -13.95 -7.68 35.77
CA ASP A 279 -14.12 -8.74 36.77
C ASP A 279 -13.16 -8.55 37.94
N LEU A 280 -11.92 -8.27 37.62
CA LEU A 280 -10.92 -8.11 38.62
C LEU A 280 -11.33 -6.97 39.55
N LYS A 281 -11.77 -5.87 38.98
CA LYS A 281 -12.19 -4.71 39.76
C LYS A 281 -13.37 -4.97 40.71
N ALA A 282 -14.42 -5.51 40.11
CA ALA A 282 -15.64 -5.83 40.80
C ALA A 282 -15.39 -6.84 41.90
N ALA A 283 -14.64 -7.84 41.56
CA ALA A 283 -14.37 -8.79 42.58
C ALA A 283 -13.64 -8.20 43.79
N GLN A 284 -12.73 -7.28 43.55
CA GLN A 284 -11.97 -6.67 44.65
C GLN A 284 -12.93 -6.01 45.61
N GLU A 285 -13.86 -5.35 45.01
CA GLU A 285 -14.88 -4.69 45.76
C GLU A 285 -15.58 -5.61 46.75
N VAL A 286 -16.15 -6.66 46.20
CA VAL A 286 -16.88 -7.63 46.97
C VAL A 286 -16.03 -8.25 48.02
N ALA A 287 -14.81 -8.61 47.65
CA ALA A 287 -13.89 -9.23 48.54
C ALA A 287 -13.70 -8.36 49.72
N ASN A 288 -13.60 -7.07 49.43
CA ASN A 288 -13.44 -6.05 50.48
C ASN A 288 -14.66 -6.02 51.40
N HIS A 289 -15.80 -5.92 50.78
CA HIS A 289 -17.04 -5.96 51.48
C HIS A 289 -17.18 -7.15 52.44
N LEU A 290 -16.86 -8.36 51.96
CA LEU A 290 -16.99 -9.61 52.67
C LEU A 290 -15.82 -9.91 53.56
N GLY A 291 -14.71 -9.33 53.21
CA GLY A 291 -13.56 -9.58 54.02
C GLY A 291 -12.98 -10.96 53.84
N THR A 292 -12.94 -11.39 52.60
CA THR A 292 -12.39 -12.71 52.36
C THR A 292 -10.93 -12.56 51.99
N VAL A 293 -10.13 -13.59 52.22
CA VAL A 293 -8.76 -13.48 51.74
C VAL A 293 -8.86 -13.65 50.22
N HIS A 294 -8.75 -12.53 49.52
CA HIS A 294 -8.92 -12.48 48.08
C HIS A 294 -7.66 -12.65 47.27
N HIS A 295 -7.76 -13.46 46.22
CA HIS A 295 -6.61 -13.74 45.36
C HIS A 295 -6.96 -13.34 43.94
N GLU A 296 -6.31 -12.32 43.46
CA GLU A 296 -6.55 -11.83 42.14
C GLU A 296 -5.60 -12.46 41.16
N ILE A 297 -6.18 -13.28 40.30
CA ILE A 297 -5.38 -14.00 39.34
C ILE A 297 -5.31 -13.35 37.99
N HIS A 298 -4.10 -13.04 37.61
CA HIS A 298 -3.87 -12.43 36.32
C HIS A 298 -3.35 -13.40 35.34
N PHE A 299 -3.69 -13.11 34.10
CA PHE A 299 -3.12 -13.94 33.06
C PHE A 299 -2.83 -13.01 31.91
N THR A 300 -1.93 -13.41 31.04
CA THR A 300 -1.69 -12.56 29.90
C THR A 300 -2.35 -13.23 28.73
N VAL A 301 -2.64 -12.45 27.70
CA VAL A 301 -3.23 -12.96 26.46
C VAL A 301 -2.40 -14.11 25.91
N GLN A 302 -1.08 -13.91 25.82
CA GLN A 302 -0.25 -15.01 25.35
C GLN A 302 -0.36 -16.28 26.18
N GLU A 303 -0.61 -16.15 27.51
CA GLU A 303 -0.71 -17.34 28.36
C GLU A 303 -2.03 -18.06 28.05
N GLY A 304 -3.01 -17.21 27.80
CA GLY A 304 -4.32 -17.69 27.40
C GLY A 304 -4.15 -18.41 26.07
N LEU A 305 -3.54 -17.70 25.10
CA LEU A 305 -3.31 -18.26 23.78
C LEU A 305 -2.58 -19.61 23.84
N ASP A 306 -1.52 -19.63 24.63
CA ASP A 306 -0.73 -20.85 24.76
C ASP A 306 -1.53 -22.00 25.38
N ALA A 307 -2.62 -21.69 26.09
CA ALA A 307 -3.39 -22.77 26.72
C ALA A 307 -4.56 -23.37 25.88
N ILE A 308 -4.94 -22.72 24.78
CA ILE A 308 -6.05 -23.15 23.92
C ILE A 308 -6.13 -24.63 23.63
N ARG A 309 -5.02 -25.18 23.14
CA ARG A 309 -5.06 -26.60 22.80
C ARG A 309 -5.46 -27.47 24.02
N ASP A 310 -4.85 -27.20 25.18
CA ASP A 310 -5.09 -27.96 26.43
C ASP A 310 -6.50 -27.78 26.89
N VAL A 311 -6.93 -26.55 26.71
CA VAL A 311 -8.23 -26.21 27.07
C VAL A 311 -9.21 -27.08 26.27
N ILE A 312 -9.12 -27.06 24.93
CA ILE A 312 -10.03 -27.89 24.09
C ILE A 312 -9.97 -29.39 24.51
N TYR A 313 -8.74 -29.84 24.76
CA TYR A 313 -8.54 -31.18 25.23
C TYR A 313 -9.20 -31.47 26.58
N HIS A 314 -9.22 -30.51 27.48
CA HIS A 314 -9.83 -30.70 28.77
C HIS A 314 -11.32 -30.62 28.67
N ILE A 315 -11.84 -29.58 28.01
CA ILE A 315 -13.27 -29.44 27.89
C ILE A 315 -13.92 -30.38 26.89
N GLU A 316 -13.17 -30.77 25.88
CA GLU A 316 -13.68 -31.65 24.87
C GLU A 316 -14.82 -31.02 24.12
N THR A 317 -14.66 -29.79 23.66
CA THR A 317 -15.67 -29.13 22.84
C THR A 317 -15.01 -28.21 21.79
N TYR A 318 -15.72 -27.83 20.73
CA TYR A 318 -15.13 -26.94 19.72
C TYR A 318 -15.96 -25.67 19.65
N ASP A 319 -16.89 -25.59 20.60
CA ASP A 319 -17.73 -24.43 20.69
C ASP A 319 -16.98 -23.17 21.02
N VAL A 320 -17.12 -22.17 20.19
CA VAL A 320 -16.34 -20.97 20.38
C VAL A 320 -16.54 -20.33 21.70
N THR A 321 -17.81 -20.10 22.01
CA THR A 321 -18.13 -19.46 23.28
C THR A 321 -17.53 -20.13 24.54
N THR A 322 -17.72 -21.43 24.63
CA THR A 322 -17.24 -22.24 25.75
C THR A 322 -15.73 -22.19 25.87
N ILE A 323 -15.05 -22.14 24.74
CA ILE A 323 -13.62 -22.16 24.74
C ILE A 323 -13.04 -20.85 25.25
N ARG A 324 -13.73 -19.83 24.84
CA ARG A 324 -13.36 -18.50 25.19
C ARG A 324 -13.39 -18.44 26.68
N ALA A 325 -14.60 -18.70 27.15
CA ALA A 325 -14.95 -18.74 28.55
C ALA A 325 -14.16 -19.70 29.40
N SER A 326 -13.85 -20.83 28.86
CA SER A 326 -13.18 -21.75 29.74
C SER A 326 -11.69 -21.53 29.92
N THR A 327 -11.11 -20.72 29.04
CA THR A 327 -9.65 -20.56 29.13
C THR A 327 -9.19 -19.98 30.44
N PRO A 328 -9.81 -18.89 30.78
CA PRO A 328 -9.49 -18.22 32.01
C PRO A 328 -9.78 -19.09 33.23
N MET A 329 -10.91 -19.84 33.14
CA MET A 329 -11.29 -20.70 34.23
C MET A 329 -10.28 -21.76 34.48
N TYR A 330 -9.78 -22.32 33.40
CA TYR A 330 -8.74 -23.33 33.40
C TYR A 330 -7.42 -22.77 33.97
N LEU A 331 -7.12 -21.53 33.65
CA LEU A 331 -5.86 -20.95 34.16
C LEU A 331 -5.98 -20.57 35.64
N MET A 332 -7.19 -20.11 35.98
CA MET A 332 -7.50 -19.78 37.35
C MET A 332 -7.37 -21.02 38.27
N SER A 333 -7.91 -22.14 37.79
CA SER A 333 -7.87 -23.38 38.56
C SER A 333 -6.43 -23.88 38.84
N ARG A 334 -5.58 -23.68 37.84
CA ARG A 334 -4.22 -24.08 37.91
C ARG A 334 -3.59 -23.43 39.10
N LYS A 335 -3.97 -22.19 39.30
CA LYS A 335 -3.49 -21.39 40.40
C LYS A 335 -4.08 -21.71 41.74
N ILE A 336 -5.37 -21.95 41.73
CA ILE A 336 -6.06 -22.30 42.96
C ILE A 336 -5.45 -23.58 43.49
N LYS A 337 -5.18 -24.47 42.56
CA LYS A 337 -4.63 -25.69 43.05
C LYS A 337 -3.22 -25.51 43.55
N ALA A 338 -2.46 -24.59 42.94
CA ALA A 338 -1.07 -24.36 43.38
C ALA A 338 -1.09 -23.81 44.82
N MET A 339 -2.16 -23.10 45.17
CA MET A 339 -2.32 -22.59 46.52
C MET A 339 -2.75 -23.66 47.45
N GLY A 340 -3.08 -24.82 46.93
CA GLY A 340 -3.52 -25.94 47.78
C GLY A 340 -5.04 -26.06 47.94
N ILE A 341 -5.85 -25.29 47.25
CA ILE A 341 -7.31 -25.46 47.44
C ILE A 341 -7.88 -26.56 46.51
N LYS A 342 -8.66 -27.52 47.04
CA LYS A 342 -9.19 -28.61 46.21
C LYS A 342 -10.66 -28.41 45.78
N MET A 343 -11.35 -27.45 46.37
CA MET A 343 -12.72 -27.33 46.01
C MET A 343 -13.15 -25.91 46.15
N VAL A 344 -14.05 -25.49 45.26
CA VAL A 344 -14.57 -24.15 45.32
C VAL A 344 -16.00 -24.19 44.90
N LEU A 345 -16.70 -23.11 45.23
CA LEU A 345 -18.11 -22.91 44.93
C LEU A 345 -18.23 -21.87 43.86
N SER A 346 -19.17 -22.11 42.97
CA SER A 346 -19.42 -21.23 41.84
C SER A 346 -20.86 -20.79 41.81
N GLY A 347 -21.12 -19.70 41.07
CA GLY A 347 -22.45 -19.14 40.88
C GLY A 347 -23.10 -19.56 39.54
N GLU A 348 -22.49 -20.49 38.86
CA GLU A 348 -23.12 -20.95 37.63
C GLU A 348 -24.54 -21.51 37.84
N GLY A 349 -25.45 -21.18 36.93
CA GLY A 349 -26.81 -21.70 36.93
C GLY A 349 -27.85 -20.64 37.16
N SER A 350 -27.45 -19.64 37.89
CA SER A 350 -28.30 -18.51 38.24
C SER A 350 -29.04 -17.86 37.11
N ASP A 351 -28.31 -17.52 36.07
CA ASP A 351 -28.93 -16.85 34.94
C ASP A 351 -29.93 -17.76 34.29
N GLU A 352 -29.55 -19.02 34.18
CA GLU A 352 -30.47 -19.95 33.54
C GLU A 352 -31.68 -20.15 34.41
N VAL A 353 -31.47 -20.01 35.72
CA VAL A 353 -32.57 -20.18 36.61
C VAL A 353 -33.48 -18.97 36.67
N PHE A 354 -32.89 -17.81 36.84
CA PHE A 354 -33.70 -16.62 36.95
C PHE A 354 -33.90 -15.83 35.65
N GLY A 355 -33.43 -16.41 34.55
CA GLY A 355 -33.54 -15.68 33.31
C GLY A 355 -32.70 -14.40 33.46
N GLY A 356 -31.42 -14.62 33.72
CA GLY A 356 -30.52 -13.53 33.98
C GLY A 356 -29.82 -12.99 32.76
N TYR A 357 -29.93 -13.64 31.62
CA TYR A 357 -29.25 -13.11 30.46
C TYR A 357 -29.93 -11.88 29.85
N LEU A 358 -29.19 -11.13 29.03
CA LEU A 358 -29.72 -9.93 28.44
C LEU A 358 -30.90 -10.15 27.54
N TYR A 359 -30.81 -11.24 26.77
CA TYR A 359 -31.83 -11.58 25.81
C TYR A 359 -33.17 -11.70 26.45
N PHE A 360 -33.12 -12.14 27.70
CA PHE A 360 -34.32 -12.32 28.47
C PHE A 360 -35.10 -11.03 28.61
N HIS A 361 -34.47 -9.93 28.19
CA HIS A 361 -35.13 -8.64 28.24
C HIS A 361 -36.25 -8.57 27.25
N LYS A 362 -36.04 -9.30 26.16
CA LYS A 362 -36.97 -9.38 25.05
C LYS A 362 -38.05 -10.46 25.08
N ALA A 363 -38.13 -11.20 26.21
CA ALA A 363 -39.11 -12.26 26.44
C ALA A 363 -40.52 -11.73 26.26
N PRO A 364 -41.30 -12.40 25.43
CA PRO A 364 -42.64 -11.94 25.16
C PRO A 364 -43.54 -11.97 26.37
N ASN A 365 -43.53 -13.09 27.12
CA ASN A 365 -44.35 -13.32 28.31
C ASN A 365 -43.73 -14.35 29.26
N ALA A 366 -44.29 -14.51 30.47
CA ALA A 366 -43.75 -15.47 31.42
C ALA A 366 -43.60 -16.89 30.84
N LYS A 367 -44.54 -17.24 30.01
CA LYS A 367 -44.52 -18.55 29.38
C LYS A 367 -43.27 -18.79 28.57
N GLU A 368 -43.03 -17.88 27.65
CA GLU A 368 -41.87 -18.01 26.81
C GLU A 368 -40.61 -18.03 27.65
N LEU A 369 -40.64 -17.19 28.69
CA LEU A 369 -39.53 -17.10 29.64
C LEU A 369 -39.29 -18.42 30.33
N HIS A 370 -40.35 -18.81 31.01
CA HIS A 370 -40.32 -20.00 31.80
C HIS A 370 -39.94 -21.10 30.91
N GLU A 371 -40.53 -21.08 29.77
CA GLU A 371 -40.15 -22.13 28.90
C GLU A 371 -38.71 -22.04 28.49
N GLU A 372 -38.25 -20.83 28.34
CA GLU A 372 -36.89 -20.69 27.92
C GLU A 372 -35.92 -21.13 29.01
N THR A 373 -36.21 -20.75 30.25
CA THR A 373 -35.34 -21.15 31.34
C THR A 373 -35.17 -22.65 31.44
N VAL A 374 -36.30 -23.36 31.37
CA VAL A 374 -36.28 -24.81 31.46
C VAL A 374 -35.31 -25.43 30.48
N ARG A 375 -35.47 -25.00 29.22
CA ARG A 375 -34.67 -25.45 28.10
C ARG A 375 -33.20 -25.34 28.45
N LYS A 376 -32.89 -24.13 28.90
CA LYS A 376 -31.56 -23.73 29.30
C LYS A 376 -31.03 -24.68 30.39
N LEU A 377 -31.82 -24.89 31.45
CA LEU A 377 -31.36 -25.80 32.48
C LEU A 377 -31.03 -27.20 31.98
N LEU A 378 -31.90 -27.68 31.09
CA LEU A 378 -31.77 -29.01 30.51
C LEU A 378 -30.69 -29.15 29.45
N ALA A 379 -30.17 -28.02 29.00
CA ALA A 379 -29.10 -28.08 28.04
C ALA A 379 -27.70 -27.86 28.70
N LEU A 380 -27.72 -27.25 29.88
CA LEU A 380 -26.53 -26.92 30.65
C LEU A 380 -25.45 -27.97 30.59
N HIS A 381 -25.84 -29.22 30.59
CA HIS A 381 -24.90 -30.30 30.58
C HIS A 381 -23.92 -30.27 29.40
N MET A 382 -24.35 -29.61 28.33
CA MET A 382 -23.53 -29.55 27.13
C MET A 382 -22.74 -28.26 27.14
N TYR A 383 -23.10 -27.39 28.05
CA TYR A 383 -22.47 -26.08 28.10
C TYR A 383 -21.59 -25.73 29.29
N ASP A 384 -22.22 -24.94 30.16
CA ASP A 384 -21.67 -24.38 31.37
C ASP A 384 -21.32 -25.38 32.44
N CYS A 385 -22.01 -26.53 32.43
CA CYS A 385 -21.72 -27.52 33.44
C CYS A 385 -20.44 -28.19 33.08
N ALA A 386 -20.29 -28.27 31.76
CA ALA A 386 -19.13 -28.82 31.12
C ALA A 386 -17.90 -27.98 31.39
N ARG A 387 -18.05 -26.70 31.15
CA ARG A 387 -16.93 -25.83 31.35
C ARG A 387 -16.53 -25.80 32.79
N ALA A 388 -17.53 -25.54 33.63
CA ALA A 388 -17.36 -25.45 35.06
C ALA A 388 -16.70 -26.70 35.58
N ASN A 389 -17.30 -27.83 35.30
CA ASN A 389 -16.66 -29.01 35.76
C ASN A 389 -15.25 -29.26 35.18
N LYS A 390 -15.21 -29.51 33.88
CA LYS A 390 -14.00 -29.83 33.16
C LYS A 390 -12.82 -28.86 33.23
N ALA A 391 -13.09 -27.53 33.28
CA ALA A 391 -12.01 -26.55 33.39
C ALA A 391 -11.28 -26.66 34.75
N MET A 392 -12.07 -26.75 35.85
CA MET A 392 -11.54 -26.88 37.22
C MET A 392 -10.84 -28.20 37.43
N SER A 393 -11.46 -29.24 36.83
CA SER A 393 -10.98 -30.62 36.87
C SER A 393 -9.67 -30.80 36.19
N ALA A 394 -9.36 -29.99 35.19
CA ALA A 394 -8.05 -30.14 34.51
C ALA A 394 -6.88 -30.00 35.51
N TRP A 395 -7.18 -29.35 36.65
CA TRP A 395 -6.15 -29.16 37.67
C TRP A 395 -6.55 -29.79 38.98
N GLY A 396 -7.39 -30.80 38.96
CA GLY A 396 -7.75 -31.45 40.20
C GLY A 396 -8.40 -30.54 41.22
N VAL A 397 -9.35 -29.75 40.77
CA VAL A 397 -10.13 -28.91 41.60
C VAL A 397 -11.63 -29.24 41.34
N GLU A 398 -12.39 -29.40 42.45
CA GLU A 398 -13.81 -29.66 42.41
C GLU A 398 -14.67 -28.42 42.50
N ALA A 399 -15.66 -28.24 41.56
CA ALA A 399 -16.52 -27.06 41.52
C ALA A 399 -17.94 -27.37 41.94
N ARG A 400 -18.46 -26.59 42.85
CA ARG A 400 -19.80 -26.82 43.33
C ARG A 400 -20.62 -25.70 42.84
N VAL A 401 -21.92 -26.00 42.54
CA VAL A 401 -22.89 -25.04 41.98
C VAL A 401 -24.24 -25.12 42.64
N PRO A 402 -24.31 -24.35 43.72
CA PRO A 402 -25.46 -24.24 44.59
C PRO A 402 -26.76 -23.89 43.93
N PHE A 403 -26.65 -23.01 42.95
CA PHE A 403 -27.84 -22.62 42.24
C PHE A 403 -28.48 -23.80 41.49
N LEU A 404 -27.75 -24.90 41.24
CA LEU A 404 -28.30 -26.01 40.48
C LEU A 404 -28.65 -27.19 41.36
N ASP A 405 -28.68 -26.94 42.62
CA ASP A 405 -29.02 -28.03 43.49
C ASP A 405 -30.49 -28.39 43.21
N LYS A 406 -30.79 -29.70 43.21
CA LYS A 406 -32.11 -30.30 42.96
C LYS A 406 -33.28 -29.68 43.71
N LYS A 407 -33.08 -29.58 45.02
CA LYS A 407 -34.01 -29.03 45.98
C LYS A 407 -34.21 -27.52 45.80
N PHE A 408 -33.12 -26.78 45.55
CA PHE A 408 -33.20 -25.35 45.30
C PHE A 408 -33.98 -25.06 44.01
N LEU A 409 -33.71 -25.92 43.01
CA LEU A 409 -34.32 -25.86 41.70
C LEU A 409 -35.85 -25.98 41.81
N ASP A 410 -36.27 -26.79 42.77
CA ASP A 410 -37.69 -27.01 42.96
C ASP A 410 -38.40 -25.77 43.49
N VAL A 411 -37.72 -25.03 44.32
CA VAL A 411 -38.36 -23.83 44.83
C VAL A 411 -38.25 -22.77 43.76
N ALA A 412 -37.00 -22.47 43.38
CA ALA A 412 -36.76 -21.48 42.34
C ALA A 412 -37.55 -21.67 41.02
N MET A 413 -37.75 -22.92 40.64
CA MET A 413 -38.43 -23.23 39.38
C MET A 413 -39.93 -23.15 39.46
N ARG A 414 -40.39 -23.15 40.71
CA ARG A 414 -41.81 -23.10 41.02
C ARG A 414 -42.38 -21.74 41.42
N ILE A 415 -41.59 -20.71 41.44
CA ILE A 415 -42.20 -19.47 41.78
C ILE A 415 -42.85 -18.91 40.51
N ASN A 416 -43.62 -17.87 40.67
CA ASN A 416 -44.26 -17.31 39.52
C ASN A 416 -43.23 -16.79 38.55
N PRO A 417 -43.18 -17.41 37.40
CA PRO A 417 -42.27 -17.01 36.37
C PRO A 417 -42.50 -15.58 35.96
N GLN A 418 -43.57 -15.04 36.45
CA GLN A 418 -43.90 -13.70 36.07
C GLN A 418 -43.02 -12.74 36.83
N ASP A 419 -42.45 -13.29 37.89
CA ASP A 419 -41.56 -12.56 38.76
C ASP A 419 -40.13 -12.59 38.22
N LYS A 420 -39.98 -13.35 37.13
CA LYS A 420 -38.72 -13.51 36.48
C LYS A 420 -38.61 -12.52 35.36
N MET A 421 -39.78 -11.98 34.99
CA MET A 421 -39.87 -11.01 33.92
C MET A 421 -39.08 -9.69 34.14
N CYS A 422 -38.34 -9.28 33.09
CA CYS A 422 -37.48 -8.09 33.10
C CYS A 422 -37.53 -7.27 31.80
N LYS A 426 -38.02 -5.22 36.20
CA LYS A 426 -37.16 -4.22 35.54
C LYS A 426 -35.77 -4.77 35.29
N MET A 427 -34.96 -4.98 36.35
CA MET A 427 -33.63 -5.55 36.13
C MET A 427 -33.75 -7.04 35.90
N GLU A 428 -32.76 -7.64 35.26
CA GLU A 428 -32.76 -9.07 34.97
C GLU A 428 -33.19 -10.03 36.09
N LYS A 429 -32.35 -10.09 37.14
CA LYS A 429 -32.59 -10.98 38.28
C LYS A 429 -33.03 -10.17 39.50
N HIS A 430 -34.03 -9.32 39.29
CA HIS A 430 -34.57 -8.45 40.33
C HIS A 430 -34.84 -9.13 41.70
N ILE A 431 -35.62 -10.21 41.59
CA ILE A 431 -36.06 -11.02 42.73
C ILE A 431 -34.86 -11.49 43.49
N LEU A 432 -33.92 -12.04 42.74
CA LEU A 432 -32.74 -12.56 43.37
C LEU A 432 -32.03 -11.44 44.11
N ARG A 433 -32.00 -10.26 43.49
CA ARG A 433 -31.39 -9.08 44.06
C ARG A 433 -32.11 -8.67 45.35
N GLU A 434 -33.44 -8.63 45.25
CA GLU A 434 -34.29 -8.28 46.37
C GLU A 434 -34.02 -9.21 47.51
N CYS A 435 -33.91 -10.47 47.13
CA CYS A 435 -33.67 -11.53 48.07
C CYS A 435 -32.30 -11.49 48.73
N PHE A 436 -31.26 -11.05 48.01
CA PHE A 436 -29.93 -11.05 48.61
C PHE A 436 -29.35 -9.69 48.82
N GLU A 437 -30.21 -8.70 48.62
CA GLU A 437 -29.85 -7.30 48.78
C GLU A 437 -29.03 -7.03 50.04
N ALA A 438 -29.49 -7.60 51.17
CA ALA A 438 -28.85 -7.41 52.46
C ALA A 438 -27.35 -7.73 52.54
N TYR A 439 -26.99 -8.86 51.98
CA TYR A 439 -25.64 -9.33 52.04
C TYR A 439 -24.59 -8.42 51.47
N LEU A 440 -24.91 -7.81 50.34
CA LEU A 440 -23.92 -7.01 49.63
C LEU A 440 -24.14 -5.52 49.58
N PRO A 441 -23.09 -4.86 49.07
CA PRO A 441 -23.01 -3.43 48.80
C PRO A 441 -23.93 -3.16 47.64
N ALA A 442 -24.88 -2.28 47.87
CA ALA A 442 -25.91 -1.95 46.89
C ALA A 442 -25.45 -1.81 45.45
N SER A 443 -24.24 -1.29 45.29
CA SER A 443 -23.66 -1.07 44.00
C SER A 443 -23.67 -2.39 43.33
N VAL A 444 -23.32 -3.41 44.12
CA VAL A 444 -23.28 -4.79 43.65
C VAL A 444 -24.67 -5.37 43.32
N ALA A 445 -25.54 -5.32 44.31
CA ALA A 445 -26.87 -5.86 44.21
C ALA A 445 -27.65 -5.34 43.03
N TRP A 446 -27.45 -4.08 42.71
CA TRP A 446 -28.24 -3.55 41.61
C TRP A 446 -27.43 -3.29 40.37
N ARG A 447 -26.34 -4.03 40.32
CA ARG A 447 -25.44 -3.96 39.23
C ARG A 447 -25.97 -4.75 38.03
N GLN A 448 -26.27 -3.99 36.96
CA GLN A 448 -26.70 -4.53 35.68
C GLN A 448 -25.49 -4.98 34.87
N LYS A 449 -25.78 -5.74 33.83
CA LYS A 449 -24.72 -6.19 32.96
C LYS A 449 -24.70 -5.34 31.71
N GLU A 450 -23.52 -5.30 31.09
CA GLU A 450 -23.40 -4.51 29.92
C GLU A 450 -22.88 -5.19 28.72
N GLN A 451 -23.56 -4.98 27.61
CA GLN A 451 -23.13 -5.63 26.41
C GLN A 451 -21.67 -5.42 26.01
N PHE A 452 -21.34 -4.14 25.97
CA PHE A 452 -20.10 -3.61 25.50
C PHE A 452 -18.90 -3.57 26.44
N SER A 453 -18.94 -4.48 27.42
CA SER A 453 -17.88 -4.68 28.42
C SER A 453 -17.55 -6.18 28.62
N ASP A 454 -16.26 -6.55 28.52
CA ASP A 454 -15.76 -7.95 28.69
C ASP A 454 -15.05 -8.16 30.03
N GLY A 455 -15.74 -8.88 30.92
CA GLY A 455 -15.29 -9.13 32.28
C GLY A 455 -13.83 -9.42 32.50
N VAL A 456 -13.37 -10.38 31.70
CA VAL A 456 -11.99 -10.87 31.73
C VAL A 456 -10.98 -9.95 31.05
N GLY A 457 -11.52 -9.08 30.24
CA GLY A 457 -10.71 -8.12 29.52
C GLY A 457 -10.94 -8.22 28.03
N TYR A 458 -11.37 -7.13 27.46
CA TYR A 458 -11.61 -7.04 26.04
C TYR A 458 -10.56 -7.63 25.10
N SER A 459 -9.31 -7.56 25.47
CA SER A 459 -8.22 -8.02 24.63
C SER A 459 -8.23 -9.53 24.41
N TRP A 460 -8.78 -10.24 25.37
CA TRP A 460 -8.82 -11.69 25.23
C TRP A 460 -9.48 -12.15 23.92
N ILE A 461 -10.74 -11.89 23.76
CA ILE A 461 -11.37 -12.29 22.53
C ILE A 461 -10.79 -11.64 21.30
N ASP A 462 -10.58 -10.36 21.42
CA ASP A 462 -10.02 -9.55 20.36
C ASP A 462 -8.80 -10.21 19.77
N THR A 463 -8.00 -10.79 20.64
CA THR A 463 -6.81 -11.47 20.21
C THR A 463 -7.14 -12.84 19.69
N LEU A 464 -8.17 -13.43 20.28
CA LEU A 464 -8.56 -14.75 19.84
C LEU A 464 -9.02 -14.61 18.40
N LYS A 465 -9.84 -13.60 18.11
CA LYS A 465 -10.33 -13.44 16.75
C LYS A 465 -9.22 -13.19 15.75
N GLU A 466 -8.35 -12.30 16.17
CA GLU A 466 -7.20 -11.85 15.43
C GLU A 466 -6.30 -12.98 15.01
N VAL A 467 -6.09 -13.88 15.93
CA VAL A 467 -5.23 -15.00 15.71
C VAL A 467 -5.85 -15.98 14.70
N ALA A 468 -7.15 -16.14 14.80
CA ALA A 468 -7.85 -17.05 13.93
C ALA A 468 -7.83 -16.55 12.53
N ALA A 469 -8.03 -15.25 12.39
CA ALA A 469 -8.03 -14.63 11.09
C ALA A 469 -6.71 -14.83 10.41
N GLN A 470 -5.66 -14.71 11.19
CA GLN A 470 -4.34 -14.85 10.63
C GLN A 470 -3.93 -16.28 10.35
N GLN A 471 -4.64 -17.21 10.94
CA GLN A 471 -4.20 -18.56 10.76
C GLN A 471 -5.06 -19.40 9.85
N VAL A 472 -6.23 -18.88 9.52
CA VAL A 472 -7.13 -19.65 8.69
C VAL A 472 -7.40 -18.93 7.40
N SER A 473 -7.19 -19.60 6.28
CA SER A 473 -7.41 -18.96 5.01
C SER A 473 -8.84 -18.85 4.66
N ASP A 474 -9.07 -17.89 3.80
CA ASP A 474 -10.40 -17.64 3.34
C ASP A 474 -10.97 -18.88 2.67
N GLN A 475 -10.10 -19.51 1.91
CA GLN A 475 -10.48 -20.68 1.19
C GLN A 475 -10.76 -21.85 2.10
N GLN A 476 -9.88 -22.03 3.10
CA GLN A 476 -10.03 -23.15 4.03
C GLN A 476 -11.40 -23.02 4.60
N LEU A 477 -11.75 -21.76 4.81
CA LEU A 477 -13.06 -21.48 5.34
C LEU A 477 -14.13 -21.79 4.32
N GLU A 478 -13.89 -21.32 3.11
CA GLU A 478 -14.85 -21.56 2.06
C GLU A 478 -15.04 -23.05 1.80
N THR A 479 -13.97 -23.80 1.88
CA THR A 479 -14.16 -25.19 1.65
C THR A 479 -14.39 -26.07 2.88
N ALA A 480 -14.57 -25.47 4.07
CA ALA A 480 -14.77 -26.19 5.36
C ALA A 480 -15.57 -27.48 5.27
N ARG A 481 -16.67 -27.37 4.50
CA ARG A 481 -17.58 -28.47 4.34
C ARG A 481 -16.92 -29.75 3.81
N PHE A 482 -15.91 -29.65 2.98
CA PHE A 482 -15.26 -30.87 2.52
C PHE A 482 -14.43 -31.53 3.58
N ARG A 483 -14.13 -30.76 4.61
CA ARG A 483 -13.26 -31.28 5.65
C ARG A 483 -13.97 -31.62 6.90
N PHE A 484 -14.96 -30.75 7.27
CA PHE A 484 -15.80 -30.83 8.45
C PHE A 484 -17.22 -30.79 8.05
N PRO A 485 -17.63 -31.92 7.48
CA PRO A 485 -18.98 -32.08 6.97
C PRO A 485 -20.05 -31.96 8.07
N TYR A 486 -19.72 -32.38 9.31
CA TYR A 486 -20.64 -32.27 10.45
C TYR A 486 -20.46 -30.92 11.15
N ASN A 487 -21.58 -30.19 11.29
CA ASN A 487 -21.60 -28.88 11.93
C ASN A 487 -20.46 -28.04 11.42
N THR A 488 -20.40 -27.83 10.13
CA THR A 488 -19.30 -27.09 9.56
C THR A 488 -19.04 -25.78 10.25
N PRO A 489 -17.77 -25.51 10.58
CA PRO A 489 -17.39 -24.22 11.18
C PRO A 489 -17.75 -23.12 10.19
N THR A 490 -18.44 -22.09 10.67
CA THR A 490 -18.88 -20.93 9.86
C THR A 490 -17.98 -19.69 9.98
N SER A 491 -16.96 -19.78 10.83
CA SER A 491 -16.05 -18.68 11.07
C SER A 491 -14.69 -19.28 11.27
N LYS A 492 -13.71 -18.39 11.09
CA LYS A 492 -12.30 -18.74 11.19
C LYS A 492 -11.91 -19.26 12.57
N GLU A 493 -12.51 -18.65 13.64
CA GLU A 493 -12.31 -19.04 15.02
C GLU A 493 -12.88 -20.43 15.24
N ALA A 494 -14.13 -20.64 14.79
CA ALA A 494 -14.78 -21.94 14.87
C ALA A 494 -13.95 -22.99 14.20
N TYR A 495 -13.44 -22.61 13.04
CA TYR A 495 -12.61 -23.50 12.28
C TYR A 495 -11.33 -23.88 12.99
N LEU A 496 -10.70 -22.89 13.61
CA LEU A 496 -9.45 -23.06 14.37
C LEU A 496 -9.63 -24.12 15.46
N TYR A 497 -10.65 -23.88 16.28
CA TYR A 497 -10.99 -24.75 17.38
C TYR A 497 -11.42 -26.11 16.89
N ARG A 498 -12.23 -26.16 15.85
CA ARG A 498 -12.68 -27.44 15.31
C ARG A 498 -11.48 -28.29 14.84
N GLU A 499 -10.55 -27.62 14.18
CA GLU A 499 -9.39 -28.29 13.66
C GLU A 499 -8.59 -28.97 14.78
N ILE A 500 -8.41 -28.27 15.90
CA ILE A 500 -7.67 -28.88 17.02
C ILE A 500 -8.44 -30.04 17.61
N PHE A 501 -9.73 -29.77 17.80
CA PHE A 501 -10.64 -30.74 18.34
C PHE A 501 -10.51 -32.05 17.59
N GLU A 502 -10.78 -31.96 16.28
CA GLU A 502 -10.77 -33.16 15.43
C GLU A 502 -9.44 -33.81 15.53
N GLU A 503 -8.47 -32.96 15.58
CA GLU A 503 -7.15 -33.48 15.67
C GLU A 503 -6.95 -34.29 16.93
N LEU A 504 -7.62 -33.90 17.99
CA LEU A 504 -7.45 -34.58 19.25
C LEU A 504 -8.38 -35.75 19.44
N PHE A 505 -9.57 -35.64 18.83
CA PHE A 505 -10.58 -36.67 18.97
C PHE A 505 -11.08 -37.07 17.61
N PRO A 506 -10.21 -37.79 16.92
CA PRO A 506 -10.38 -38.25 15.56
C PRO A 506 -11.63 -39.11 15.27
N LEU A 507 -12.60 -39.11 16.15
CA LEU A 507 -13.74 -39.98 15.92
C LEU A 507 -15.00 -39.22 15.63
N PRO A 508 -15.64 -39.60 14.53
CA PRO A 508 -16.85 -38.93 14.11
C PRO A 508 -17.90 -38.69 15.18
N SER A 509 -18.27 -39.70 15.97
CA SER A 509 -19.30 -39.46 16.95
C SER A 509 -18.84 -38.42 18.02
N ALA A 510 -17.52 -38.24 18.19
CA ALA A 510 -17.04 -37.25 19.17
C ALA A 510 -17.61 -35.90 18.81
N ALA A 511 -17.41 -35.52 17.54
CA ALA A 511 -17.84 -34.24 17.01
C ALA A 511 -19.32 -34.08 17.20
N GLU A 512 -19.99 -35.22 17.19
CA GLU A 512 -21.44 -35.26 17.30
C GLU A 512 -22.01 -35.07 18.67
N CYS A 513 -21.15 -35.22 19.68
CA CYS A 513 -21.56 -35.01 21.06
C CYS A 513 -21.70 -33.52 21.29
N VAL A 514 -20.94 -32.76 20.48
CA VAL A 514 -20.89 -31.30 20.52
C VAL A 514 -22.12 -30.75 19.80
N PRO A 515 -23.01 -30.13 20.58
CA PRO A 515 -24.27 -29.57 20.11
C PRO A 515 -24.18 -28.55 18.95
N GLY A 516 -24.84 -28.90 17.82
CA GLY A 516 -24.88 -28.08 16.61
C GLY A 516 -25.85 -26.92 16.74
N ALA B 1 -7.96 41.00 -41.28
CA ALA B 1 -7.81 40.49 -42.64
C ALA B 1 -7.01 41.41 -43.52
N SER B 2 -6.78 40.97 -44.74
CA SER B 2 -6.08 41.75 -45.76
C SER B 2 -7.02 41.87 -46.95
N ILE B 3 -7.00 43.01 -47.60
CA ILE B 3 -7.82 43.13 -48.80
C ILE B 3 -6.88 43.41 -49.95
N PHE B 4 -7.09 42.81 -51.10
CA PHE B 4 -6.23 43.09 -52.26
C PHE B 4 -7.13 43.24 -53.47
N GLY B 5 -7.17 44.45 -54.10
CA GLY B 5 -8.02 44.63 -55.29
C GLY B 5 -7.32 45.12 -56.53
N VAL B 6 -7.82 44.72 -57.68
CA VAL B 6 -7.32 45.13 -58.98
C VAL B 6 -8.49 45.57 -59.85
N PHE B 7 -8.41 46.79 -60.38
CA PHE B 7 -9.46 47.39 -61.22
C PHE B 7 -8.95 48.07 -62.48
N ASP B 8 -9.92 48.47 -63.37
CA ASP B 8 -9.55 49.12 -64.64
C ASP B 8 -8.50 48.26 -65.34
N ILE B 9 -8.83 46.99 -65.47
CA ILE B 9 -7.96 46.01 -66.03
C ILE B 9 -7.88 46.22 -67.53
N LYS B 10 -6.66 46.38 -67.99
CA LYS B 10 -6.48 46.62 -69.39
C LYS B 10 -5.60 45.53 -69.91
N THR B 11 -5.15 44.63 -69.02
CA THR B 11 -4.26 43.56 -69.45
C THR B 11 -4.87 42.21 -69.32
N ASP B 12 -3.99 41.23 -69.47
CA ASP B 12 -4.38 39.83 -69.38
C ASP B 12 -4.74 39.46 -67.95
N ALA B 13 -6.07 39.38 -67.76
CA ALA B 13 -6.72 39.05 -66.50
C ALA B 13 -6.30 37.71 -65.92
N VAL B 14 -5.91 36.78 -66.75
CA VAL B 14 -5.49 35.52 -66.19
C VAL B 14 -4.10 35.62 -65.64
N GLU B 15 -3.38 36.63 -66.14
CA GLU B 15 -2.01 36.89 -65.76
C GLU B 15 -2.00 37.57 -64.38
N LEU B 16 -2.93 38.47 -64.33
CA LEU B 16 -3.13 39.23 -63.15
C LEU B 16 -3.57 38.40 -61.96
N ARG B 17 -4.50 37.52 -62.24
CA ARG B 17 -5.05 36.69 -61.19
C ARG B 17 -3.96 35.99 -60.41
N LYS B 18 -3.08 35.33 -61.16
CA LYS B 18 -1.92 34.63 -60.66
C LYS B 18 -1.03 35.62 -59.93
N LYS B 19 -0.94 36.84 -60.46
CA LYS B 19 -0.13 37.83 -59.78
C LYS B 19 -0.77 38.19 -58.46
N ALA B 20 -2.07 38.46 -58.58
CA ALA B 20 -2.89 38.87 -57.45
C ALA B 20 -2.71 37.92 -56.25
N LEU B 21 -2.58 36.65 -56.59
CA LEU B 21 -2.40 35.61 -55.60
C LEU B 21 -1.12 35.86 -54.79
N GLU B 22 -0.03 36.09 -55.50
CA GLU B 22 1.27 36.35 -54.96
C GLU B 22 1.25 37.61 -54.09
N LEU B 23 0.65 38.68 -54.60
CA LEU B 23 0.58 39.90 -53.85
C LEU B 23 -0.24 39.82 -52.57
N SER B 24 -1.45 39.28 -52.71
CA SER B 24 -2.33 39.08 -51.56
C SER B 24 -1.62 38.24 -50.49
N ARG B 25 -0.81 37.27 -50.90
CA ARG B 25 -0.09 36.40 -49.97
C ARG B 25 0.89 37.13 -49.06
N LEU B 26 1.36 38.26 -49.53
CA LEU B 26 2.31 39.04 -48.79
C LEU B 26 1.71 39.60 -47.51
N MET B 27 0.40 39.70 -47.49
CA MET B 27 -0.31 40.28 -46.36
C MET B 27 -1.01 39.22 -45.49
N ARG B 28 -0.65 37.94 -45.72
CA ARG B 28 -1.26 36.83 -45.12
C ARG B 28 -1.28 36.81 -43.62
N HIS B 29 -0.28 37.41 -43.01
CA HIS B 29 -0.18 37.48 -41.55
C HIS B 29 -1.43 38.17 -40.99
N ARG B 30 -2.03 39.00 -41.82
CA ARG B 30 -3.21 39.71 -41.41
C ARG B 30 -4.45 38.84 -41.43
N GLY B 31 -4.45 37.75 -42.21
CA GLY B 31 -5.66 36.89 -42.32
C GLY B 31 -5.27 35.45 -42.55
N PRO B 32 -4.70 34.91 -41.46
CA PRO B 32 -4.18 33.55 -41.38
C PRO B 32 -5.24 32.39 -41.53
N ASP B 33 -6.52 32.69 -41.25
CA ASP B 33 -7.60 31.72 -41.26
C ASP B 33 -7.91 31.06 -42.56
N TRP B 34 -8.18 31.90 -43.59
CA TRP B 34 -8.55 31.47 -44.94
C TRP B 34 -8.32 32.52 -46.06
N SER B 35 -8.18 32.01 -47.26
CA SER B 35 -7.97 32.81 -48.44
C SER B 35 -9.19 32.80 -49.35
N GLY B 36 -9.57 33.95 -49.80
CA GLY B 36 -10.69 34.06 -50.68
C GLY B 36 -10.34 34.91 -51.89
N ILE B 37 -10.99 34.65 -53.04
CA ILE B 37 -10.74 35.39 -54.25
C ILE B 37 -11.82 35.36 -55.33
N TYR B 38 -12.01 36.53 -55.87
CA TYR B 38 -12.90 36.75 -56.97
C TYR B 38 -12.05 37.37 -58.08
N ALA B 39 -12.20 36.93 -59.32
CA ALA B 39 -11.42 37.49 -60.40
C ALA B 39 -12.25 37.33 -61.63
N SER B 40 -12.51 38.45 -62.31
CA SER B 40 -13.28 38.59 -63.52
C SER B 40 -12.35 39.17 -64.55
N ASP B 41 -12.92 39.60 -65.67
CA ASP B 41 -12.12 40.19 -66.71
C ASP B 41 -11.81 41.64 -66.39
N ASN B 42 -12.68 42.28 -65.59
CA ASN B 42 -12.48 43.67 -65.20
C ASN B 42 -12.29 43.92 -63.73
N ALA B 43 -12.10 42.86 -62.96
CA ALA B 43 -11.89 43.10 -61.54
C ALA B 43 -11.44 41.89 -60.81
N ILE B 44 -10.53 42.12 -59.84
CA ILE B 44 -10.00 41.03 -59.03
C ILE B 44 -10.08 41.49 -57.57
N LEU B 45 -10.70 40.67 -56.73
CA LEU B 45 -10.79 40.96 -55.30
C LEU B 45 -10.20 39.78 -54.53
N ALA B 46 -9.09 39.98 -53.78
CA ALA B 46 -8.47 38.88 -53.00
C ALA B 46 -8.52 39.23 -51.53
N HIS B 47 -8.90 38.24 -50.73
CA HIS B 47 -9.05 38.39 -49.29
C HIS B 47 -8.29 37.40 -48.50
N GLU B 48 -7.72 37.84 -47.37
CA GLU B 48 -7.02 37.00 -46.40
C GLU B 48 -7.81 37.15 -45.11
N ARG B 49 -8.38 36.06 -44.57
CA ARG B 49 -9.26 36.10 -43.35
C ARG B 49 -8.68 35.84 -41.96
N LEU B 50 -9.18 36.67 -41.07
CA LEU B 50 -8.99 36.56 -39.64
C LEU B 50 -10.44 36.56 -39.13
N SER B 51 -11.02 35.39 -38.78
CA SER B 51 -12.42 35.32 -38.38
C SER B 51 -12.67 35.57 -36.93
N ILE B 52 -13.45 36.63 -36.73
CA ILE B 52 -13.80 37.14 -35.42
C ILE B 52 -15.31 37.10 -35.22
N VAL B 53 -16.02 37.43 -36.25
CA VAL B 53 -17.44 37.45 -36.18
C VAL B 53 -17.93 36.52 -37.28
N ASP B 54 -18.84 35.60 -36.89
CA ASP B 54 -19.47 34.62 -37.78
C ASP B 54 -18.48 33.69 -38.49
N VAL B 55 -17.63 33.13 -37.66
CA VAL B 55 -16.57 32.24 -38.04
C VAL B 55 -16.88 31.31 -39.20
N ASN B 56 -18.06 30.72 -39.12
CA ASN B 56 -18.39 29.83 -40.18
C ASN B 56 -18.84 30.51 -41.46
N ALA B 57 -19.92 31.29 -41.33
CA ALA B 57 -20.52 31.98 -42.45
C ALA B 57 -19.91 33.31 -42.91
N GLY B 58 -18.75 33.67 -42.35
CA GLY B 58 -18.10 34.91 -42.69
C GLY B 58 -17.13 34.91 -43.88
N ALA B 59 -16.89 33.78 -44.58
CA ALA B 59 -15.97 33.69 -45.72
C ALA B 59 -16.03 34.91 -46.66
N GLN B 60 -14.88 35.31 -47.21
CA GLN B 60 -14.84 36.45 -48.10
C GLN B 60 -14.03 36.10 -49.36
N PRO B 61 -14.29 36.77 -50.50
CA PRO B 61 -15.26 37.83 -50.71
C PRO B 61 -16.73 37.44 -50.52
N LEU B 62 -17.50 38.44 -50.15
CA LEU B 62 -18.92 38.25 -49.95
C LEU B 62 -19.60 38.61 -51.24
N TYR B 63 -20.64 37.87 -51.53
CA TYR B 63 -21.38 38.12 -52.73
C TYR B 63 -22.82 38.36 -52.46
N ASN B 64 -23.35 39.15 -53.34
CA ASN B 64 -24.71 39.50 -53.54
C ASN B 64 -25.38 38.15 -53.74
N GLN B 65 -26.68 38.03 -53.45
CA GLN B 65 -27.36 36.73 -53.69
C GLN B 65 -27.20 36.40 -55.16
N GLN B 66 -27.45 37.46 -55.89
CA GLN B 66 -27.40 37.47 -57.34
C GLN B 66 -25.96 37.36 -57.79
N LYS B 67 -25.03 37.57 -56.85
CA LYS B 67 -23.62 37.44 -57.14
C LYS B 67 -23.17 38.40 -58.21
N THR B 68 -23.75 39.59 -58.24
CA THR B 68 -23.33 40.59 -59.23
C THR B 68 -22.56 41.66 -58.50
N HIS B 69 -22.55 41.51 -57.17
CA HIS B 69 -21.84 42.41 -56.28
C HIS B 69 -20.96 41.60 -55.38
N VAL B 70 -19.67 41.89 -55.46
CA VAL B 70 -18.63 41.19 -54.70
C VAL B 70 -17.97 42.20 -53.77
N LEU B 71 -17.72 41.77 -52.53
CA LEU B 71 -17.14 42.69 -51.56
C LEU B 71 -16.06 42.06 -50.75
N ALA B 72 -14.99 42.82 -50.58
CA ALA B 72 -13.87 42.38 -49.76
C ALA B 72 -13.70 43.41 -48.66
N VAL B 73 -13.59 42.98 -47.41
CA VAL B 73 -13.50 43.90 -46.29
C VAL B 73 -12.57 43.49 -45.22
N ASN B 74 -11.86 44.49 -44.73
CA ASN B 74 -10.98 44.37 -43.61
C ASN B 74 -11.58 45.30 -42.55
N GLY B 75 -12.22 44.79 -41.50
CA GLY B 75 -12.80 45.68 -40.51
C GLY B 75 -13.90 45.09 -39.67
N GLU B 76 -14.54 45.97 -38.88
CA GLU B 76 -15.64 45.54 -38.01
C GLU B 76 -16.74 46.57 -38.04
N ILE B 77 -17.97 46.19 -38.44
CA ILE B 77 -19.08 47.17 -38.42
C ILE B 77 -19.93 46.97 -37.18
N TYR B 78 -19.64 47.75 -36.17
CA TYR B 78 -20.34 47.63 -34.89
C TYR B 78 -21.87 47.73 -34.97
N ASN B 79 -22.27 48.46 -35.99
CA ASN B 79 -23.57 48.88 -36.45
C ASN B 79 -24.43 47.83 -37.16
N HIS B 80 -23.73 46.82 -37.65
CA HIS B 80 -24.31 45.78 -38.45
C HIS B 80 -25.64 45.25 -38.02
N GLN B 81 -25.84 44.86 -36.78
CA GLN B 81 -27.16 44.37 -36.37
C GLN B 81 -28.30 45.34 -36.65
N ALA B 82 -28.10 46.61 -36.32
CA ALA B 82 -29.09 47.63 -36.50
C ALA B 82 -29.33 47.80 -37.98
N LEU B 83 -28.24 47.70 -38.74
CA LEU B 83 -28.25 47.78 -40.18
C LEU B 83 -29.04 46.65 -40.81
N ARG B 84 -28.75 45.43 -40.35
CA ARG B 84 -29.40 44.18 -40.79
C ARG B 84 -30.91 44.34 -40.70
N ALA B 85 -31.37 44.83 -39.57
CA ALA B 85 -32.80 45.01 -39.41
C ALA B 85 -33.41 46.11 -40.30
N GLU B 86 -32.72 47.22 -40.49
CA GLU B 86 -33.31 48.23 -41.30
C GLU B 86 -33.46 47.84 -42.77
N TYR B 87 -32.48 47.10 -43.24
CA TYR B 87 -32.38 46.74 -44.63
C TYR B 87 -32.78 45.35 -44.91
N GLY B 88 -32.89 44.57 -43.85
CA GLY B 88 -33.23 43.16 -43.96
C GLY B 88 -34.39 42.90 -44.91
N ASP B 89 -35.37 43.77 -44.82
CA ASP B 89 -36.56 43.64 -45.65
C ASP B 89 -36.28 43.96 -47.10
N ARG B 90 -35.18 44.68 -47.39
CA ARG B 90 -34.92 44.95 -48.78
C ARG B 90 -33.74 44.19 -49.34
N TYR B 91 -32.81 43.87 -48.48
CA TYR B 91 -31.66 43.13 -48.92
C TYR B 91 -31.65 41.75 -48.28
N GLN B 92 -31.50 40.78 -49.17
CA GLN B 92 -31.42 39.36 -48.85
C GLN B 92 -30.06 38.98 -48.32
N PHE B 93 -29.84 39.09 -46.98
CA PHE B 93 -28.53 38.69 -46.42
C PHE B 93 -28.15 37.23 -46.65
N GLN B 94 -26.91 37.00 -47.03
CA GLN B 94 -26.42 35.68 -47.30
C GLN B 94 -25.64 35.04 -46.16
N THR B 95 -25.13 35.86 -45.24
CA THR B 95 -24.31 35.38 -44.12
C THR B 95 -24.60 36.17 -42.85
N GLY B 96 -23.81 35.88 -41.83
CA GLY B 96 -23.96 36.57 -40.56
C GLY B 96 -22.74 37.47 -40.30
N SER B 97 -22.08 37.83 -41.41
CA SER B 97 -20.94 38.69 -41.36
C SER B 97 -21.36 40.13 -41.03
N ASP B 98 -20.67 40.78 -40.09
CA ASP B 98 -21.05 42.16 -39.78
C ASP B 98 -20.92 43.07 -40.99
N CYS B 99 -19.90 42.73 -41.77
CA CYS B 99 -19.50 43.40 -43.00
C CYS B 99 -20.45 43.27 -44.17
N GLU B 100 -21.33 42.27 -44.10
CA GLU B 100 -22.21 42.04 -45.23
C GLU B 100 -23.14 43.22 -45.36
N VAL B 101 -23.21 43.97 -44.28
CA VAL B 101 -24.07 45.12 -44.27
C VAL B 101 -23.70 46.14 -45.37
N ILE B 102 -22.47 46.04 -45.92
CA ILE B 102 -22.02 46.98 -46.96
C ILE B 102 -22.71 46.72 -48.29
N LEU B 103 -22.75 45.46 -48.66
CA LEU B 103 -23.46 45.00 -49.86
C LEU B 103 -24.91 45.49 -49.82
N ALA B 104 -25.53 45.48 -48.63
CA ALA B 104 -26.91 45.92 -48.50
C ALA B 104 -27.11 47.40 -48.76
N LEU B 105 -26.30 48.20 -48.12
CA LEU B 105 -26.36 49.64 -48.27
C LEU B 105 -26.01 50.06 -49.69
N TYR B 106 -25.05 49.36 -50.21
CA TYR B 106 -24.62 49.68 -51.55
C TYR B 106 -25.79 49.48 -52.47
N GLN B 107 -26.45 48.32 -52.30
CA GLN B 107 -27.61 47.98 -53.08
C GLN B 107 -28.62 49.11 -53.13
N GLU B 108 -28.92 49.58 -51.92
CA GLU B 108 -29.92 50.62 -51.75
C GLU B 108 -29.43 52.02 -51.88
N LYS B 109 -28.19 52.22 -51.64
CA LYS B 109 -27.79 53.57 -51.66
C LYS B 109 -26.67 53.88 -52.63
N GLY B 110 -26.19 52.85 -53.27
CA GLY B 110 -25.09 53.06 -54.19
C GLY B 110 -23.87 53.45 -53.41
N PRO B 111 -23.19 54.44 -53.95
CA PRO B 111 -21.97 54.94 -53.36
C PRO B 111 -22.24 55.86 -52.16
N GLU B 112 -23.50 56.05 -51.75
CA GLU B 112 -23.79 57.04 -50.69
C GLU B 112 -24.07 56.70 -49.26
N PHE B 113 -23.69 55.54 -48.81
CA PHE B 113 -24.00 55.16 -47.45
C PHE B 113 -22.84 55.16 -46.48
N LEU B 114 -21.71 55.68 -46.88
CA LEU B 114 -20.57 55.61 -46.00
C LEU B 114 -20.66 55.97 -44.57
N ASP B 115 -21.18 57.16 -44.32
CA ASP B 115 -21.25 57.67 -42.98
C ASP B 115 -22.26 56.90 -42.15
N ASP B 116 -22.93 55.98 -42.85
CA ASP B 116 -23.94 55.16 -42.25
C ASP B 116 -23.35 54.09 -41.41
N LEU B 117 -22.19 53.62 -41.87
CA LEU B 117 -21.46 52.57 -41.19
C LEU B 117 -20.92 53.01 -39.85
N GLN B 118 -20.87 52.08 -38.88
CA GLN B 118 -20.32 52.38 -37.57
C GLN B 118 -19.25 51.37 -37.16
N GLY B 119 -17.99 51.67 -37.50
CA GLY B 119 -16.92 50.75 -37.20
C GLY B 119 -15.63 51.21 -37.80
N MET B 120 -14.72 50.27 -37.94
CA MET B 120 -13.47 50.59 -38.54
C MET B 120 -13.41 49.78 -39.78
N PHE B 121 -12.97 50.35 -40.88
CA PHE B 121 -12.94 49.49 -42.04
C PHE B 121 -12.13 50.01 -43.22
N ALA B 122 -11.88 49.03 -44.11
CA ALA B 122 -11.33 49.18 -45.44
C ALA B 122 -12.03 48.21 -46.40
N PHE B 123 -12.60 48.72 -47.49
CA PHE B 123 -13.25 47.82 -48.39
C PHE B 123 -13.14 48.20 -49.86
N ALA B 124 -13.30 47.18 -50.68
CA ALA B 124 -13.32 47.27 -52.12
C ALA B 124 -14.48 46.42 -52.60
N LEU B 125 -15.39 47.04 -53.29
CA LEU B 125 -16.53 46.34 -53.83
C LEU B 125 -16.60 46.49 -55.32
N TYR B 126 -16.99 45.41 -55.97
CA TYR B 126 -17.12 45.46 -57.43
C TYR B 126 -18.51 45.04 -57.86
N ASP B 127 -19.05 45.83 -58.76
CA ASP B 127 -20.36 45.63 -59.34
C ASP B 127 -20.23 45.15 -60.77
N SER B 128 -20.71 43.96 -61.01
CA SER B 128 -20.60 43.44 -62.34
C SER B 128 -21.74 43.89 -63.21
N GLU B 129 -22.82 44.32 -62.59
CA GLU B 129 -24.00 44.83 -63.30
C GLU B 129 -23.71 46.11 -64.06
N LYS B 130 -23.22 47.07 -63.31
CA LYS B 130 -22.87 48.35 -63.83
C LYS B 130 -21.46 48.39 -64.31
N ASP B 131 -20.68 47.44 -63.84
CA ASP B 131 -19.29 47.46 -64.13
C ASP B 131 -18.75 48.69 -63.47
N ALA B 132 -18.94 48.79 -62.16
CA ALA B 132 -18.43 49.90 -61.38
C ALA B 132 -17.75 49.40 -60.09
N TYR B 133 -17.03 50.26 -59.39
CA TYR B 133 -16.38 49.81 -58.19
C TYR B 133 -16.44 50.90 -57.14
N LEU B 134 -16.40 50.47 -55.90
CA LEU B 134 -16.44 51.36 -54.74
C LEU B 134 -15.37 50.97 -53.74
N ILE B 135 -14.52 51.92 -53.39
CA ILE B 135 -13.45 51.67 -52.44
C ILE B 135 -13.75 52.50 -51.24
N GLY B 136 -13.61 51.98 -50.02
CA GLY B 136 -13.99 52.84 -48.90
C GLY B 136 -13.08 52.63 -47.71
N ARG B 137 -13.02 53.65 -46.82
CA ARG B 137 -12.19 53.65 -45.59
C ARG B 137 -12.95 54.32 -44.45
N ASP B 138 -12.74 53.84 -43.24
CA ASP B 138 -13.40 54.35 -42.04
C ASP B 138 -13.10 55.82 -41.84
N HIS B 139 -13.85 56.45 -40.95
CA HIS B 139 -13.75 57.88 -40.66
C HIS B 139 -12.38 58.52 -40.30
N LEU B 140 -11.50 57.75 -39.66
CA LEU B 140 -10.18 58.25 -39.30
C LEU B 140 -9.10 57.38 -39.86
N GLY B 141 -9.48 56.44 -40.69
CA GLY B 141 -8.50 55.57 -41.25
C GLY B 141 -7.96 54.64 -40.18
N ILE B 142 -8.86 54.14 -39.32
CA ILE B 142 -8.42 53.22 -38.25
C ILE B 142 -7.79 51.96 -38.84
N ILE B 143 -8.42 51.48 -39.93
CA ILE B 143 -7.88 50.33 -40.64
C ILE B 143 -7.07 50.85 -41.83
N PRO B 144 -5.84 50.35 -42.04
CA PRO B 144 -4.92 50.74 -43.16
C PRO B 144 -5.44 50.48 -44.60
N LEU B 145 -5.03 51.32 -45.55
CA LEU B 145 -5.37 51.15 -46.94
C LEU B 145 -4.54 52.03 -47.86
N TYR B 146 -4.04 51.40 -48.90
CA TYR B 146 -3.22 52.09 -49.89
C TYR B 146 -3.79 51.92 -51.26
N MET B 147 -3.33 52.74 -52.19
CA MET B 147 -3.71 52.62 -53.58
C MET B 147 -2.50 52.91 -54.46
N GLY B 148 -2.54 52.43 -55.68
CA GLY B 148 -1.44 52.64 -56.59
C GLY B 148 -1.85 52.30 -58.00
N TYR B 149 -0.97 52.62 -58.94
CA TYR B 149 -1.22 52.38 -60.34
C TYR B 149 0.00 51.72 -60.95
N ASP B 150 -0.36 50.96 -61.98
CA ASP B 150 0.43 50.21 -62.93
C ASP B 150 1.07 51.09 -63.98
N GLU B 151 2.01 50.49 -64.69
CA GLU B 151 2.56 51.19 -65.82
C GLU B 151 1.48 51.11 -66.95
N HIS B 152 0.36 50.44 -66.69
CA HIS B 152 -0.73 50.33 -67.65
C HIS B 152 -1.87 51.17 -67.14
N GLY B 153 -1.74 51.75 -65.97
CA GLY B 153 -2.87 52.52 -65.50
C GLY B 153 -3.92 51.66 -64.79
N GLN B 154 -3.60 50.38 -64.53
CA GLN B 154 -4.53 49.53 -63.80
C GLN B 154 -4.49 50.04 -62.34
N LEU B 155 -5.65 50.08 -61.67
CA LEU B 155 -5.81 50.54 -60.30
C LEU B 155 -5.75 49.40 -59.31
N TYR B 156 -4.82 49.49 -58.35
CA TYR B 156 -4.62 48.50 -57.30
C TYR B 156 -4.94 49.14 -55.99
N VAL B 157 -5.38 48.28 -55.09
CA VAL B 157 -5.69 48.69 -53.74
C VAL B 157 -5.28 47.53 -52.80
N ALA B 158 -4.64 47.84 -51.65
CA ALA B 158 -4.18 46.82 -50.72
C ALA B 158 -4.05 47.33 -49.28
N SER B 159 -4.14 46.44 -48.33
CA SER B 159 -4.07 46.82 -46.93
C SER B 159 -2.75 47.39 -46.51
N GLU B 160 -1.72 46.79 -47.06
CA GLU B 160 -0.34 47.15 -46.79
C GLU B 160 0.40 47.45 -48.10
N MET B 161 1.21 48.51 -48.11
CA MET B 161 1.93 48.89 -49.33
C MET B 161 2.90 47.85 -49.86
N LYS B 162 3.30 46.95 -48.99
CA LYS B 162 4.16 45.83 -49.22
C LYS B 162 3.63 45.07 -50.42
N ALA B 163 2.30 44.96 -50.50
CA ALA B 163 1.62 44.28 -51.60
C ALA B 163 1.53 45.15 -52.86
N LEU B 164 1.66 46.44 -52.72
CA LEU B 164 1.59 47.34 -53.83
C LEU B 164 2.97 47.63 -54.48
N VAL B 165 3.99 47.87 -53.65
CA VAL B 165 5.36 48.17 -54.08
C VAL B 165 5.96 47.33 -55.21
N PRO B 166 5.63 46.04 -55.25
CA PRO B 166 6.22 45.20 -56.28
C PRO B 166 5.63 45.42 -57.69
N VAL B 167 4.47 46.02 -57.78
CA VAL B 167 3.92 46.14 -59.09
C VAL B 167 3.55 47.53 -59.49
N CYS B 168 3.52 48.42 -58.51
CA CYS B 168 3.13 49.77 -58.87
C CYS B 168 4.27 50.71 -59.16
N ARG B 169 3.96 51.66 -60.06
CA ARG B 169 4.82 52.75 -60.44
C ARG B 169 4.65 53.82 -59.37
N THR B 170 3.41 54.14 -59.01
CA THR B 170 3.17 55.11 -57.95
C THR B 170 2.21 54.56 -56.91
N ILE B 171 2.38 55.02 -55.67
CA ILE B 171 1.58 54.59 -54.52
C ILE B 171 1.19 55.74 -53.60
N LYS B 172 0.00 55.60 -53.02
CA LYS B 172 -0.45 56.58 -52.08
C LYS B 172 -1.33 55.87 -51.10
N GLU B 173 -1.49 56.45 -49.95
CA GLU B 173 -2.35 55.89 -48.97
C GLU B 173 -3.76 56.23 -49.41
N PHE B 174 -4.73 55.32 -49.25
CA PHE B 174 -6.12 55.62 -49.57
C PHE B 174 -6.65 56.54 -48.47
N PRO B 175 -7.09 57.76 -48.81
CA PRO B 175 -7.56 58.73 -47.81
C PRO B 175 -8.62 58.26 -46.81
N ALA B 176 -8.48 58.74 -45.55
CA ALA B 176 -9.39 58.46 -44.43
C ALA B 176 -10.66 59.19 -44.67
N GLY B 177 -11.76 58.68 -44.12
CA GLY B 177 -13.06 59.28 -44.28
C GLY B 177 -13.45 59.59 -45.72
N SER B 178 -12.88 58.83 -46.68
CA SER B 178 -13.16 59.02 -48.09
C SER B 178 -13.55 57.77 -48.79
N TYR B 179 -14.19 57.93 -49.97
CA TYR B 179 -14.61 56.83 -50.85
C TYR B 179 -14.24 57.17 -52.24
N LEU B 180 -14.05 56.13 -53.04
CA LEU B 180 -13.76 56.26 -54.44
C LEU B 180 -14.77 55.43 -55.23
N TRP B 181 -15.70 56.16 -55.85
CA TRP B 181 -16.77 55.62 -56.68
C TRP B 181 -16.35 55.68 -58.15
N SER B 182 -16.16 54.53 -58.77
CA SER B 182 -15.72 54.47 -60.14
C SER B 182 -16.39 55.41 -61.09
N GLN B 183 -17.66 55.50 -60.97
CA GLN B 183 -18.35 56.36 -61.87
C GLN B 183 -18.03 57.82 -61.69
N ASP B 184 -17.46 58.13 -60.55
CA ASP B 184 -17.11 59.50 -60.31
C ASP B 184 -15.67 59.80 -60.71
N GLY B 185 -14.78 58.80 -60.58
CA GLY B 185 -13.38 58.95 -60.95
C GLY B 185 -12.56 59.75 -59.93
N GLU B 186 -13.25 60.31 -58.96
CA GLU B 186 -12.61 61.13 -57.95
C GLU B 186 -12.89 60.68 -56.53
N ILE B 187 -11.84 60.72 -55.69
CA ILE B 187 -11.96 60.37 -54.29
C ILE B 187 -12.83 61.43 -53.59
N ARG B 188 -13.79 61.01 -52.85
CA ARG B 188 -14.62 61.96 -52.17
C ARG B 188 -14.66 61.64 -50.68
N SER B 189 -14.73 62.69 -49.88
CA SER B 189 -14.79 62.54 -48.44
C SER B 189 -16.24 62.52 -48.00
N TYR B 190 -16.55 61.74 -46.97
CA TYR B 190 -17.94 61.68 -46.54
C TYR B 190 -18.05 62.01 -45.08
N TYR B 191 -16.87 62.09 -44.43
CA TYR B 191 -16.76 62.37 -42.99
C TYR B 191 -16.50 63.80 -42.57
N HIS B 192 -17.54 64.44 -42.03
CA HIS B 192 -17.39 65.78 -41.55
C HIS B 192 -18.25 66.01 -40.31
N ARG B 193 -17.74 66.75 -39.34
CA ARG B 193 -18.48 67.03 -38.14
C ARG B 193 -18.29 68.47 -37.83
N ASP B 194 -19.34 69.08 -37.29
CA ASP B 194 -19.34 70.46 -36.89
C ASP B 194 -18.24 70.74 -35.93
N TRP B 195 -17.99 69.77 -35.08
CA TRP B 195 -16.99 69.94 -34.09
C TRP B 195 -15.64 70.06 -34.72
N PHE B 196 -15.59 69.85 -36.06
CA PHE B 196 -14.33 70.03 -36.80
C PHE B 196 -13.91 71.47 -36.52
N ASP B 197 -14.94 72.30 -36.41
CA ASP B 197 -14.83 73.72 -36.17
C ASP B 197 -14.96 74.13 -34.74
N TYR B 198 -14.00 74.96 -34.40
CA TYR B 198 -13.95 75.45 -33.06
C TYR B 198 -15.22 76.16 -32.64
N ASP B 199 -15.45 77.34 -33.23
CA ASP B 199 -16.61 78.16 -32.90
C ASP B 199 -17.89 77.35 -32.99
N ALA B 200 -17.78 76.24 -33.71
CA ALA B 200 -18.90 75.36 -33.84
C ALA B 200 -19.20 74.77 -32.46
N VAL B 201 -18.16 74.65 -31.62
CA VAL B 201 -18.31 74.08 -30.28
C VAL B 201 -18.06 75.02 -29.07
N LYS B 202 -17.44 76.18 -29.27
CA LYS B 202 -17.13 77.12 -28.18
C LYS B 202 -18.17 77.35 -27.09
N ASP B 203 -19.45 77.39 -27.45
CA ASP B 203 -20.42 77.62 -26.41
C ASP B 203 -21.11 76.37 -25.91
N ASN B 204 -20.47 75.21 -26.15
CA ASN B 204 -21.03 73.92 -25.76
C ASN B 204 -21.20 73.62 -24.30
N VAL B 205 -22.23 72.83 -23.96
CA VAL B 205 -22.44 72.47 -22.57
C VAL B 205 -22.06 71.05 -22.31
N THR B 206 -21.22 70.90 -21.30
CA THR B 206 -20.67 69.62 -20.94
C THR B 206 -21.51 68.78 -20.01
N ASP B 207 -21.89 67.57 -20.46
CA ASP B 207 -22.67 66.61 -19.66
C ASP B 207 -21.77 65.41 -19.32
N LYS B 208 -21.17 65.49 -18.17
CA LYS B 208 -20.22 64.48 -17.75
C LYS B 208 -20.85 63.10 -17.72
N ASN B 209 -22.12 63.09 -17.47
CA ASN B 209 -22.76 61.80 -17.45
C ASN B 209 -22.93 61.31 -18.88
N GLU B 210 -23.19 62.26 -19.75
CA GLU B 210 -23.37 61.93 -21.16
C GLU B 210 -22.11 61.21 -21.63
N LEU B 211 -21.02 61.94 -21.48
CA LEU B 211 -19.70 61.49 -21.84
C LEU B 211 -19.41 60.07 -21.39
N ARG B 212 -19.49 59.82 -20.09
CA ARG B 212 -19.25 58.50 -19.50
C ARG B 212 -20.00 57.38 -20.23
N GLN B 213 -21.30 57.55 -20.37
CA GLN B 213 -22.10 56.55 -21.01
C GLN B 213 -21.68 56.35 -22.45
N ALA B 214 -21.36 57.47 -23.06
CA ALA B 214 -20.89 57.50 -24.42
C ALA B 214 -19.78 56.48 -24.62
N LEU B 215 -18.78 56.52 -23.71
CA LEU B 215 -17.64 55.58 -23.72
C LEU B 215 -18.08 54.16 -23.38
N GLU B 216 -19.01 54.03 -22.42
CA GLU B 216 -19.50 52.71 -22.06
C GLU B 216 -20.16 52.06 -23.25
N ASP B 217 -20.99 52.81 -23.93
CA ASP B 217 -21.66 52.28 -25.09
C ASP B 217 -20.69 51.88 -26.18
N SER B 218 -19.67 52.71 -26.35
CA SER B 218 -18.64 52.43 -27.34
C SER B 218 -17.99 51.10 -27.03
N VAL B 219 -17.44 50.96 -25.81
CA VAL B 219 -16.80 49.72 -25.37
C VAL B 219 -17.75 48.52 -25.52
N LYS B 220 -18.97 48.74 -25.11
CA LYS B 220 -20.04 47.76 -25.20
C LYS B 220 -20.12 47.20 -26.63
N SER B 221 -20.19 48.13 -27.58
CA SER B 221 -20.33 47.75 -28.96
C SER B 221 -19.07 47.08 -29.52
N HIS B 222 -17.96 47.47 -28.97
CA HIS B 222 -16.71 46.95 -29.41
C HIS B 222 -16.47 45.55 -28.87
N LEU B 223 -17.46 45.02 -28.17
CA LEU B 223 -17.28 43.67 -27.62
C LEU B 223 -17.88 42.58 -28.50
N MET B 224 -18.46 42.94 -29.64
CA MET B 224 -19.02 41.97 -30.58
C MET B 224 -17.92 41.06 -31.13
N SER B 225 -17.98 39.83 -30.71
CA SER B 225 -16.98 38.87 -31.05
C SER B 225 -17.47 37.45 -30.81
N ASP B 226 -17.02 36.54 -31.63
CA ASP B 226 -17.42 35.15 -31.54
C ASP B 226 -16.23 34.32 -31.19
N VAL B 227 -15.14 35.04 -30.91
CA VAL B 227 -13.88 34.44 -30.54
C VAL B 227 -13.36 35.09 -29.27
N PRO B 228 -12.38 34.44 -28.67
CA PRO B 228 -11.74 34.98 -27.48
C PRO B 228 -11.01 36.30 -27.72
N TYR B 229 -11.13 37.17 -26.73
CA TYR B 229 -10.49 38.46 -26.76
C TYR B 229 -9.94 38.88 -25.43
N GLY B 230 -8.94 39.75 -25.46
CA GLY B 230 -8.33 40.24 -24.25
C GLY B 230 -8.24 41.76 -24.22
N VAL B 231 -7.39 42.31 -23.35
CA VAL B 231 -7.24 43.75 -23.26
C VAL B 231 -5.83 44.11 -22.99
N LEU B 232 -5.47 45.21 -23.62
CA LEU B 232 -4.18 45.79 -23.42
C LEU B 232 -4.22 46.55 -22.11
N LEU B 233 -3.21 46.34 -21.34
CA LEU B 233 -3.17 47.01 -20.09
C LEU B 233 -1.78 47.54 -19.87
N SER B 234 -1.61 48.84 -20.12
CA SER B 234 -0.34 49.52 -19.95
C SER B 234 -0.15 49.95 -18.51
N GLY B 235 -1.22 50.34 -17.87
CA GLY B 235 -1.05 50.87 -16.54
C GLY B 235 -1.57 52.29 -16.55
N GLY B 236 -1.43 52.96 -17.72
CA GLY B 236 -1.89 54.33 -17.94
C GLY B 236 -3.40 54.39 -17.84
N LEU B 237 -3.91 55.61 -17.68
CA LEU B 237 -5.33 55.86 -17.57
C LEU B 237 -6.12 55.23 -18.71
N ASP B 238 -5.62 55.46 -19.93
CA ASP B 238 -6.27 55.02 -21.15
C ASP B 238 -6.65 53.54 -21.15
N SER B 239 -5.65 52.70 -21.10
CA SER B 239 -5.86 51.28 -21.09
C SER B 239 -6.63 50.79 -19.87
N SER B 240 -6.42 51.46 -18.72
CA SER B 240 -7.05 51.04 -17.47
C SER B 240 -8.52 51.20 -17.62
N ILE B 241 -8.82 52.35 -18.17
CA ILE B 241 -10.21 52.67 -18.39
C ILE B 241 -10.95 51.64 -19.22
N ILE B 242 -10.46 51.41 -20.43
CA ILE B 242 -11.08 50.46 -21.32
C ILE B 242 -11.16 49.11 -20.60
N SER B 243 -10.02 48.66 -20.02
CA SER B 243 -9.97 47.37 -19.35
C SER B 243 -11.08 47.28 -18.34
N ALA B 244 -11.31 48.41 -17.70
CA ALA B 244 -12.33 48.47 -16.66
C ALA B 244 -13.72 48.37 -17.23
N ILE B 245 -14.03 49.21 -18.19
CA ILE B 245 -15.35 49.14 -18.76
C ILE B 245 -15.55 47.80 -19.40
N THR B 246 -14.43 47.27 -19.87
CA THR B 246 -14.49 45.98 -20.55
C THR B 246 -14.85 44.91 -19.59
N LYS B 247 -14.08 44.84 -18.51
CA LYS B 247 -14.29 43.89 -17.44
C LYS B 247 -15.74 44.00 -16.96
N LYS B 248 -16.20 45.23 -16.69
CA LYS B 248 -17.58 45.44 -16.26
C LYS B 248 -18.58 44.83 -17.21
N TYR B 249 -18.75 45.48 -18.33
CA TYR B 249 -19.73 45.01 -19.28
C TYR B 249 -19.45 43.63 -19.85
N ALA B 250 -18.37 43.00 -19.37
CA ALA B 250 -17.95 41.67 -19.83
C ALA B 250 -19.08 40.68 -19.65
N TRP B 264 -16.16 30.82 -18.30
CA TRP B 264 -15.97 31.51 -17.02
C TRP B 264 -15.55 32.95 -17.32
N PRO B 265 -16.24 33.98 -16.67
CA PRO B 265 -15.92 35.41 -16.85
C PRO B 265 -14.44 35.72 -16.62
N GLN B 266 -13.62 35.04 -17.45
CA GLN B 266 -12.18 35.10 -17.42
C GLN B 266 -11.59 36.02 -18.50
N LEU B 267 -11.25 37.25 -18.15
CA LEU B 267 -10.70 38.21 -19.09
C LEU B 267 -9.19 38.33 -18.92
N HIS B 268 -8.46 38.15 -20.02
CA HIS B 268 -7.01 38.30 -20.02
C HIS B 268 -6.54 39.75 -20.34
N SER B 269 -5.47 40.12 -19.70
CA SER B 269 -4.96 41.43 -19.96
C SER B 269 -3.50 41.29 -20.31
N PHE B 270 -3.00 42.26 -21.05
CA PHE B 270 -1.60 42.24 -21.46
C PHE B 270 -0.90 43.56 -21.31
N ALA B 271 0.33 43.42 -20.97
CA ALA B 271 1.26 44.49 -20.74
C ALA B 271 2.62 43.94 -21.14
N VAL B 272 3.40 44.82 -21.80
CA VAL B 272 4.72 44.51 -22.30
C VAL B 272 5.68 45.52 -21.71
N GLY B 273 6.86 45.06 -21.43
CA GLY B 273 7.82 45.94 -20.85
C GLY B 273 9.16 45.25 -20.68
N LEU B 274 10.10 46.09 -20.39
CA LEU B 274 11.41 45.60 -20.16
C LEU B 274 11.25 45.12 -18.72
N PRO B 275 11.87 43.98 -18.42
CA PRO B 275 11.80 43.37 -17.10
C PRO B 275 11.82 44.37 -15.96
N GLY B 276 10.65 44.58 -15.36
CA GLY B 276 10.52 45.49 -14.26
C GLY B 276 10.46 46.96 -14.66
N SER B 277 9.89 47.27 -15.83
CA SER B 277 9.80 48.68 -16.17
C SER B 277 8.88 49.41 -15.15
N PRO B 278 8.65 50.71 -15.37
CA PRO B 278 7.78 51.45 -14.45
C PRO B 278 6.32 51.16 -14.78
N ASP B 279 6.07 51.25 -16.10
CA ASP B 279 4.80 51.00 -16.75
C ASP B 279 4.22 49.71 -16.13
N LEU B 280 4.93 48.59 -16.42
CA LEU B 280 4.66 47.21 -16.00
C LEU B 280 3.97 47.06 -14.63
N LYS B 281 4.57 47.71 -13.64
CA LYS B 281 4.09 47.67 -12.26
C LYS B 281 2.70 48.25 -12.07
N ALA B 282 2.46 49.33 -12.76
CA ALA B 282 1.19 49.97 -12.63
C ALA B 282 0.10 49.05 -13.12
N ALA B 283 0.42 48.46 -14.27
CA ALA B 283 -0.47 47.55 -14.99
C ALA B 283 -0.92 46.44 -14.09
N GLN B 284 0.09 45.90 -13.42
CA GLN B 284 -0.11 44.82 -12.48
C GLN B 284 -1.13 45.26 -11.45
N GLU B 285 -0.85 46.45 -10.94
CA GLU B 285 -1.69 47.05 -9.94
C GLU B 285 -3.10 47.07 -10.41
N VAL B 286 -3.24 47.47 -11.66
CA VAL B 286 -4.59 47.50 -12.16
C VAL B 286 -5.18 46.15 -12.46
N ALA B 287 -4.33 45.22 -12.95
CA ALA B 287 -4.78 43.86 -13.25
C ALA B 287 -5.31 43.36 -11.91
N ASN B 288 -4.60 43.80 -10.88
CA ASN B 288 -4.95 43.49 -9.51
C ASN B 288 -6.31 44.11 -9.21
N HIS B 289 -6.37 45.44 -9.32
CA HIS B 289 -7.61 46.13 -9.10
C HIS B 289 -8.79 45.48 -9.88
N LEU B 290 -8.68 45.43 -11.21
CA LEU B 290 -9.70 44.86 -12.11
C LEU B 290 -9.93 43.36 -11.92
N GLY B 291 -8.92 42.71 -11.32
CA GLY B 291 -8.99 41.29 -11.12
C GLY B 291 -9.08 40.58 -12.46
N THR B 292 -8.02 40.71 -13.25
CA THR B 292 -7.97 40.10 -14.57
C THR B 292 -6.88 39.04 -14.62
N VAL B 293 -6.88 38.18 -15.62
CA VAL B 293 -5.83 37.18 -15.68
C VAL B 293 -4.74 37.89 -16.41
N HIS B 294 -3.84 38.46 -15.65
CA HIS B 294 -2.80 39.26 -16.23
C HIS B 294 -1.57 38.57 -16.78
N HIS B 295 -1.09 39.09 -17.92
CA HIS B 295 0.10 38.63 -18.61
C HIS B 295 1.06 39.79 -18.86
N GLU B 296 2.22 39.65 -18.24
CA GLU B 296 3.32 40.61 -18.29
C GLU B 296 4.40 40.12 -19.24
N ILE B 297 4.31 40.59 -20.48
CA ILE B 297 5.24 40.22 -21.49
C ILE B 297 6.54 41.02 -21.36
N HIS B 298 7.63 40.30 -21.40
CA HIS B 298 8.94 40.90 -21.31
C HIS B 298 9.65 40.59 -22.54
N PHE B 299 10.46 41.53 -22.87
CA PHE B 299 11.30 41.39 -24.01
C PHE B 299 12.68 41.88 -23.63
N THR B 300 13.64 41.23 -24.18
CA THR B 300 15.01 41.62 -23.98
C THR B 300 15.36 42.76 -24.93
N VAL B 301 16.42 43.47 -24.64
CA VAL B 301 16.85 44.53 -25.52
C VAL B 301 17.31 43.95 -26.87
N GLN B 302 18.11 42.86 -26.83
CA GLN B 302 18.60 42.12 -27.99
C GLN B 302 17.47 41.67 -28.90
N GLU B 303 16.34 41.35 -28.27
CA GLU B 303 15.10 40.94 -28.88
C GLU B 303 14.47 42.13 -29.60
N GLY B 304 14.41 43.27 -28.92
CA GLY B 304 13.86 44.45 -29.57
C GLY B 304 14.67 44.77 -30.85
N LEU B 305 15.99 44.75 -30.73
CA LEU B 305 16.88 45.05 -31.83
C LEU B 305 16.64 44.11 -32.97
N ASP B 306 16.70 42.87 -32.60
CA ASP B 306 16.48 41.87 -33.58
C ASP B 306 15.11 41.94 -34.18
N ALA B 307 14.23 42.82 -33.71
CA ALA B 307 12.94 42.86 -34.38
C ALA B 307 12.73 44.09 -35.24
N ILE B 308 13.75 44.96 -35.23
CA ILE B 308 13.64 46.23 -35.96
C ILE B 308 13.24 46.09 -37.43
N ARG B 309 13.97 45.30 -38.20
CA ARG B 309 13.64 45.08 -39.63
C ARG B 309 12.14 44.66 -39.85
N ASP B 310 11.72 43.64 -39.13
CA ASP B 310 10.34 43.16 -39.22
C ASP B 310 9.30 44.21 -38.92
N VAL B 311 9.59 45.02 -37.94
CA VAL B 311 8.65 46.04 -37.56
C VAL B 311 8.52 47.07 -38.68
N ILE B 312 9.67 47.34 -39.28
CA ILE B 312 9.66 48.31 -40.35
C ILE B 312 8.85 47.79 -41.55
N TYR B 313 9.12 46.49 -41.79
CA TYR B 313 8.39 45.78 -42.82
C TYR B 313 6.89 45.79 -42.52
N HIS B 314 6.59 45.56 -41.27
CA HIS B 314 5.21 45.56 -40.90
C HIS B 314 4.55 46.91 -40.80
N ILE B 315 5.17 47.85 -40.12
CA ILE B 315 4.53 49.16 -40.00
C ILE B 315 4.72 49.97 -41.28
N GLU B 316 5.70 49.60 -42.09
CA GLU B 316 5.91 50.30 -43.34
C GLU B 316 6.12 51.78 -43.18
N THR B 317 7.08 52.15 -42.33
CA THR B 317 7.38 53.57 -42.11
C THR B 317 8.82 53.70 -41.72
N TYR B 318 9.38 54.93 -41.81
CA TYR B 318 10.77 55.09 -41.38
C TYR B 318 10.86 56.04 -40.15
N ASP B 319 9.67 56.48 -39.71
CA ASP B 319 9.47 57.39 -38.57
C ASP B 319 10.09 56.90 -37.25
N VAL B 320 11.02 57.62 -36.66
CA VAL B 320 11.73 57.11 -35.49
C VAL B 320 10.92 56.71 -34.28
N THR B 321 9.97 57.59 -34.01
CA THR B 321 9.08 57.49 -32.90
C THR B 321 8.15 56.37 -33.05
N THR B 322 7.63 56.32 -34.26
CA THR B 322 6.74 55.27 -34.53
C THR B 322 7.42 53.92 -34.36
N ILE B 323 8.60 53.80 -34.92
CA ILE B 323 9.27 52.53 -34.85
C ILE B 323 9.57 52.13 -33.45
N ARG B 324 9.95 53.13 -32.70
CA ARG B 324 10.30 52.96 -31.34
C ARG B 324 9.19 52.32 -30.54
N ALA B 325 8.03 52.96 -30.60
CA ALA B 325 6.83 52.54 -29.91
C ALA B 325 6.17 51.27 -30.45
N SER B 326 6.32 51.06 -31.75
CA SER B 326 5.80 49.89 -32.42
C SER B 326 6.50 48.61 -32.06
N THR B 327 7.79 48.66 -31.81
CA THR B 327 8.48 47.41 -31.50
C THR B 327 7.87 46.55 -30.35
N PRO B 328 7.74 47.15 -29.17
CA PRO B 328 7.20 46.46 -28.01
C PRO B 328 5.81 45.87 -28.27
N MET B 329 5.00 46.69 -28.90
CA MET B 329 3.64 46.29 -29.27
C MET B 329 3.65 45.09 -30.18
N TYR B 330 4.58 45.13 -31.11
CA TYR B 330 4.67 44.07 -32.06
C TYR B 330 5.05 42.77 -31.37
N LEU B 331 6.03 42.90 -30.46
CA LEU B 331 6.49 41.74 -29.74
C LEU B 331 5.38 41.10 -28.87
N MET B 332 4.60 41.96 -28.25
CA MET B 332 3.49 41.58 -27.37
C MET B 332 2.44 40.77 -28.12
N SER B 333 2.17 41.33 -29.25
CA SER B 333 1.16 40.81 -30.10
C SER B 333 1.45 39.41 -30.50
N ARG B 334 2.77 39.14 -30.54
CA ARG B 334 3.22 37.84 -30.93
C ARG B 334 2.84 36.91 -29.79
N LYS B 335 3.05 37.41 -28.58
CA LYS B 335 2.68 36.67 -27.36
C LYS B 335 1.16 36.40 -27.27
N ILE B 336 0.35 37.42 -27.55
CA ILE B 336 -1.09 37.28 -27.50
C ILE B 336 -1.65 36.24 -28.46
N LYS B 337 -1.15 36.20 -29.70
CA LYS B 337 -1.65 35.23 -30.64
C LYS B 337 -1.21 33.87 -30.20
N ALA B 338 -0.03 33.79 -29.62
CA ALA B 338 0.41 32.49 -29.19
C ALA B 338 -0.55 31.97 -28.14
N MET B 339 -1.10 32.87 -27.35
CA MET B 339 -2.02 32.45 -26.33
C MET B 339 -3.36 32.18 -26.91
N GLY B 340 -3.45 32.44 -28.19
CA GLY B 340 -4.69 32.24 -28.88
C GLY B 340 -5.68 33.39 -28.81
N ILE B 341 -5.26 34.60 -28.41
CA ILE B 341 -6.20 35.73 -28.41
C ILE B 341 -6.21 36.29 -29.81
N LYS B 342 -7.40 36.55 -30.40
CA LYS B 342 -7.47 37.06 -31.79
C LYS B 342 -7.79 38.54 -31.86
N MET B 343 -8.20 39.11 -30.74
CA MET B 343 -8.58 40.49 -30.70
C MET B 343 -8.30 41.08 -29.33
N VAL B 344 -7.95 42.36 -29.31
CA VAL B 344 -7.68 43.15 -28.11
C VAL B 344 -8.24 44.55 -28.21
N LEU B 345 -8.67 45.05 -27.07
CA LEU B 345 -9.19 46.38 -27.04
C LEU B 345 -8.07 47.25 -26.50
N SER B 346 -7.93 48.40 -27.12
CA SER B 346 -6.90 49.31 -26.74
C SER B 346 -7.47 50.69 -26.45
N GLY B 347 -6.65 51.41 -25.70
CA GLY B 347 -6.88 52.77 -25.22
C GLY B 347 -6.45 53.88 -26.17
N GLU B 348 -5.92 53.54 -27.34
CA GLU B 348 -5.50 54.48 -28.34
C GLU B 348 -6.60 55.42 -28.75
N GLY B 349 -6.19 56.71 -28.77
CA GLY B 349 -7.08 57.78 -29.16
C GLY B 349 -7.46 58.74 -28.06
N SER B 350 -7.47 58.24 -26.82
CA SER B 350 -7.79 58.96 -25.59
C SER B 350 -7.11 60.32 -25.51
N ASP B 351 -5.78 60.24 -25.60
CA ASP B 351 -4.95 61.42 -25.55
C ASP B 351 -5.43 62.41 -26.61
N GLU B 352 -5.47 61.94 -27.83
CA GLU B 352 -5.87 62.73 -28.96
C GLU B 352 -7.18 63.47 -28.76
N VAL B 353 -8.12 62.75 -28.25
CA VAL B 353 -9.41 63.28 -28.00
C VAL B 353 -9.49 64.31 -26.90
N PHE B 354 -8.81 64.00 -25.82
CA PHE B 354 -8.87 64.77 -24.61
C PHE B 354 -7.76 65.74 -24.37
N GLY B 355 -6.75 65.68 -25.22
CA GLY B 355 -5.58 66.53 -25.07
C GLY B 355 -4.74 66.02 -23.91
N GLY B 356 -4.34 64.73 -24.05
CA GLY B 356 -3.57 63.95 -23.08
C GLY B 356 -2.06 64.24 -23.05
N TYR B 357 -1.55 64.95 -24.06
CA TYR B 357 -0.13 65.25 -24.08
C TYR B 357 0.19 66.48 -23.25
N LEU B 358 1.31 66.37 -22.55
CA LEU B 358 1.72 67.48 -21.72
C LEU B 358 1.81 68.74 -22.52
N TYR B 359 1.97 68.58 -23.80
CA TYR B 359 2.07 69.79 -24.55
C TYR B 359 0.74 70.50 -24.45
N PHE B 360 -0.29 69.70 -24.28
CA PHE B 360 -1.60 70.28 -24.20
C PHE B 360 -1.71 71.22 -23.01
N HIS B 361 -0.74 71.09 -22.18
CA HIS B 361 -0.73 71.92 -21.02
C HIS B 361 -0.60 73.35 -21.45
N LYS B 362 0.49 73.52 -22.17
CA LYS B 362 0.92 74.78 -22.68
C LYS B 362 0.11 75.39 -23.83
N ALA B 363 -1.18 75.18 -23.83
CA ALA B 363 -2.06 75.72 -24.85
C ALA B 363 -2.49 77.15 -24.54
N PRO B 364 -2.57 77.96 -25.57
CA PRO B 364 -2.98 79.33 -25.39
C PRO B 364 -4.33 79.34 -24.73
N ASN B 365 -5.31 78.81 -25.45
CA ASN B 365 -6.70 78.72 -25.01
C ASN B 365 -7.42 77.48 -25.49
N ALA B 366 -8.75 77.51 -25.30
CA ALA B 366 -9.59 76.38 -25.70
C ALA B 366 -9.64 76.22 -27.19
N LYS B 367 -9.63 77.34 -27.91
CA LYS B 367 -9.67 77.25 -29.35
C LYS B 367 -8.45 76.54 -29.80
N GLU B 368 -7.29 77.08 -29.46
CA GLU B 368 -6.04 76.45 -29.82
C GLU B 368 -5.96 74.99 -29.37
N LEU B 369 -6.68 74.65 -28.29
CA LEU B 369 -6.71 73.28 -27.80
C LEU B 369 -7.55 72.39 -28.74
N HIS B 370 -8.82 72.75 -28.85
CA HIS B 370 -9.78 72.08 -29.71
C HIS B 370 -9.20 71.74 -31.07
N GLU B 371 -8.61 72.76 -31.67
CA GLU B 371 -8.01 72.69 -32.98
C GLU B 371 -6.94 71.64 -33.06
N GLU B 372 -6.04 71.65 -32.07
CA GLU B 372 -4.99 70.63 -32.00
C GLU B 372 -5.60 69.23 -31.94
N THR B 373 -6.59 69.05 -31.07
CA THR B 373 -7.23 67.75 -30.97
C THR B 373 -7.79 67.35 -32.31
N VAL B 374 -8.48 68.27 -32.92
CA VAL B 374 -9.04 67.94 -34.19
C VAL B 374 -7.97 67.61 -35.18
N ARG B 375 -6.90 68.38 -35.16
CA ARG B 375 -5.82 68.12 -36.05
C ARG B 375 -5.25 66.79 -35.71
N LYS B 376 -5.10 66.56 -34.42
CA LYS B 376 -4.49 65.33 -33.97
C LYS B 376 -5.18 64.06 -34.44
N LEU B 377 -6.51 64.13 -34.48
CA LEU B 377 -7.38 63.05 -34.89
C LEU B 377 -7.30 62.76 -36.37
N LEU B 378 -7.44 63.84 -37.13
CA LEU B 378 -7.40 63.78 -38.58
C LEU B 378 -6.09 63.27 -39.10
N ALA B 379 -5.08 63.22 -38.25
CA ALA B 379 -3.80 62.72 -38.67
C ALA B 379 -3.52 61.36 -38.12
N LEU B 380 -4.41 60.85 -37.29
CA LEU B 380 -4.21 59.55 -36.68
C LEU B 380 -3.85 58.47 -37.66
N HIS B 381 -4.52 58.54 -38.80
CA HIS B 381 -4.33 57.60 -39.90
C HIS B 381 -2.90 57.17 -40.22
N MET B 382 -1.98 58.14 -40.26
CA MET B 382 -0.59 57.81 -40.53
C MET B 382 0.21 57.65 -39.27
N TYR B 383 -0.36 58.07 -38.15
CA TYR B 383 0.35 57.97 -36.90
C TYR B 383 0.03 56.72 -36.06
N ASP B 384 -0.67 56.94 -34.93
CA ASP B 384 -1.07 55.91 -33.96
C ASP B 384 -1.91 54.78 -34.55
N CYS B 385 -2.75 55.13 -35.50
CA CYS B 385 -3.58 54.14 -36.08
C CYS B 385 -2.83 53.08 -36.88
N ALA B 386 -1.75 53.47 -37.52
CA ALA B 386 -0.99 52.50 -38.29
C ALA B 386 -0.15 51.58 -37.42
N ARG B 387 0.48 52.16 -36.41
CA ARG B 387 1.28 51.34 -35.53
C ARG B 387 0.44 50.28 -34.89
N ALA B 388 -0.67 50.74 -34.32
CA ALA B 388 -1.60 49.87 -33.60
C ALA B 388 -2.19 48.77 -34.45
N ASN B 389 -2.74 49.13 -35.58
CA ASN B 389 -3.30 48.10 -36.43
C ASN B 389 -2.23 47.22 -37.04
N LYS B 390 -1.30 47.86 -37.72
CA LYS B 390 -0.26 47.08 -38.35
C LYS B 390 0.62 46.28 -37.44
N ALA B 391 0.87 46.75 -36.21
CA ALA B 391 1.73 45.97 -35.29
C ALA B 391 1.09 44.65 -34.78
N MET B 392 -0.21 44.72 -34.62
CA MET B 392 -1.02 43.64 -34.18
C MET B 392 -1.21 42.63 -35.28
N SER B 393 -1.54 43.18 -36.46
CA SER B 393 -1.76 42.43 -37.71
C SER B 393 -0.57 41.63 -38.11
N ALA B 394 0.60 42.04 -37.64
CA ALA B 394 1.79 41.31 -37.93
C ALA B 394 1.62 39.88 -37.47
N TRP B 395 0.72 39.70 -36.49
CA TRP B 395 0.53 38.40 -35.86
C TRP B 395 -0.88 37.88 -35.86
N GLY B 396 -1.74 38.50 -36.66
CA GLY B 396 -3.12 38.08 -36.78
C GLY B 396 -3.95 38.43 -35.57
N VAL B 397 -3.70 39.56 -34.97
CA VAL B 397 -4.51 40.01 -33.85
C VAL B 397 -5.14 41.34 -34.24
N GLU B 398 -6.43 41.40 -34.10
CA GLU B 398 -7.19 42.60 -34.39
C GLU B 398 -7.23 43.48 -33.15
N ALA B 399 -7.03 44.81 -33.30
CA ALA B 399 -7.09 45.71 -32.14
C ALA B 399 -8.22 46.65 -32.32
N ARG B 400 -9.03 46.74 -31.27
CA ARG B 400 -10.17 47.63 -31.27
C ARG B 400 -9.86 48.88 -30.47
N VAL B 401 -10.36 50.03 -30.92
CA VAL B 401 -10.09 51.34 -30.36
C VAL B 401 -11.36 52.12 -30.16
N PRO B 402 -11.97 51.80 -29.06
CA PRO B 402 -13.22 52.37 -28.67
C PRO B 402 -13.22 53.87 -28.52
N PHE B 403 -12.07 54.44 -28.21
CA PHE B 403 -12.02 55.88 -28.06
C PHE B 403 -12.24 56.59 -29.38
N LEU B 404 -12.10 55.82 -30.47
CA LEU B 404 -12.22 56.45 -31.77
C LEU B 404 -13.49 56.23 -32.50
N ASP B 405 -14.39 55.57 -31.82
CA ASP B 405 -15.70 55.32 -32.36
C ASP B 405 -16.43 56.62 -32.77
N LYS B 406 -17.05 56.56 -33.95
CA LYS B 406 -17.80 57.66 -34.55
C LYS B 406 -18.74 58.36 -33.55
N LYS B 407 -19.72 57.62 -33.08
CA LYS B 407 -20.65 58.21 -32.15
C LYS B 407 -19.94 58.75 -30.93
N PHE B 408 -19.01 57.99 -30.32
CA PHE B 408 -18.29 58.51 -29.15
C PHE B 408 -17.67 59.89 -29.37
N LEU B 409 -16.93 60.00 -30.51
CA LEU B 409 -16.19 61.19 -30.91
C LEU B 409 -17.10 62.38 -31.04
N ASP B 410 -18.35 62.08 -31.29
CA ASP B 410 -19.30 63.15 -31.40
C ASP B 410 -19.70 63.65 -30.04
N VAL B 411 -19.40 62.89 -29.03
CA VAL B 411 -19.77 63.33 -27.72
C VAL B 411 -18.62 64.02 -27.07
N ALA B 412 -17.52 63.30 -27.10
CA ALA B 412 -16.30 63.75 -26.50
C ALA B 412 -15.86 65.04 -27.15
N MET B 413 -16.11 65.12 -28.44
CA MET B 413 -15.71 66.33 -29.14
C MET B 413 -16.74 67.45 -28.99
N ARG B 414 -17.97 67.08 -28.67
CA ARG B 414 -18.99 68.11 -28.53
C ARG B 414 -19.14 68.66 -27.10
N ILE B 415 -18.15 68.43 -26.25
CA ILE B 415 -18.23 68.99 -24.90
C ILE B 415 -17.50 70.32 -24.98
N ASN B 416 -17.51 71.07 -23.90
CA ASN B 416 -16.77 72.31 -23.91
C ASN B 416 -15.29 72.07 -23.96
N PRO B 417 -14.67 72.49 -25.06
CA PRO B 417 -13.24 72.31 -25.18
C PRO B 417 -12.53 72.93 -24.00
N GLN B 418 -13.19 73.89 -23.39
CA GLN B 418 -12.63 74.53 -22.21
C GLN B 418 -12.36 73.48 -21.15
N ASP B 419 -13.35 72.58 -20.96
CA ASP B 419 -13.33 71.49 -19.97
C ASP B 419 -12.24 70.45 -20.20
N LYS B 420 -11.49 70.64 -21.30
CA LYS B 420 -10.39 69.78 -21.71
C LYS B 420 -9.11 70.44 -21.31
N MET B 421 -9.19 71.78 -21.23
CA MET B 421 -8.09 72.67 -20.91
C MET B 421 -7.23 72.19 -19.75
N CYS B 422 -5.92 72.16 -19.91
CA CYS B 422 -5.16 71.70 -18.76
C CYS B 422 -4.44 72.88 -18.11
N LYS B 426 -4.87 72.50 -14.18
CA LYS B 426 -5.52 71.30 -13.67
C LYS B 426 -4.67 70.09 -14.00
N MET B 427 -5.38 68.96 -14.05
CA MET B 427 -4.77 67.70 -14.36
C MET B 427 -5.19 67.22 -15.74
N GLU B 428 -4.18 66.71 -16.45
CA GLU B 428 -4.26 66.19 -17.80
C GLU B 428 -5.62 65.80 -18.33
N LYS B 429 -5.96 64.54 -18.13
CA LYS B 429 -7.22 64.04 -18.64
C LYS B 429 -8.27 64.22 -17.56
N HIS B 430 -8.22 65.40 -16.97
CA HIS B 430 -9.11 65.75 -15.90
C HIS B 430 -10.55 65.27 -15.95
N ILE B 431 -11.25 65.72 -16.95
CA ILE B 431 -12.64 65.33 -17.01
C ILE B 431 -12.83 63.85 -17.24
N LEU B 432 -11.83 63.24 -17.83
CA LEU B 432 -11.94 61.84 -18.07
C LEU B 432 -11.68 61.04 -16.79
N ARG B 433 -10.63 61.43 -16.04
CA ARG B 433 -10.36 60.75 -14.79
C ARG B 433 -11.56 60.93 -13.87
N GLU B 434 -12.19 62.07 -13.99
CA GLU B 434 -13.37 62.38 -13.21
C GLU B 434 -14.46 61.33 -13.47
N CYS B 435 -14.73 61.11 -14.75
CA CYS B 435 -15.79 60.20 -15.09
C CYS B 435 -15.59 58.77 -14.69
N PHE B 436 -14.39 58.31 -14.88
CA PHE B 436 -14.20 56.91 -14.59
C PHE B 436 -13.39 56.62 -13.36
N GLU B 437 -13.24 57.64 -12.52
CA GLU B 437 -12.52 57.59 -11.25
C GLU B 437 -12.95 56.36 -10.49
N ALA B 438 -14.27 56.20 -10.61
CA ALA B 438 -15.07 55.16 -10.03
C ALA B 438 -14.57 53.75 -10.32
N TYR B 439 -14.14 53.52 -11.54
CA TYR B 439 -13.67 52.19 -11.86
C TYR B 439 -12.23 51.97 -11.48
N LEU B 440 -11.46 53.02 -11.44
CA LEU B 440 -10.07 52.78 -11.15
C LEU B 440 -9.68 52.99 -9.71
N PRO B 441 -8.42 52.65 -9.44
CA PRO B 441 -7.80 52.83 -8.15
C PRO B 441 -7.28 54.26 -8.14
N ALA B 442 -7.61 55.01 -7.09
CA ALA B 442 -7.22 56.39 -7.00
C ALA B 442 -5.75 56.68 -7.30
N SER B 443 -4.88 55.66 -7.24
CA SER B 443 -3.46 55.79 -7.57
C SER B 443 -3.24 55.83 -9.10
N VAL B 444 -4.29 55.42 -9.84
CA VAL B 444 -4.30 55.41 -11.30
C VAL B 444 -5.25 56.46 -11.84
N ALA B 445 -6.42 56.59 -11.17
CA ALA B 445 -7.42 57.59 -11.53
C ALA B 445 -6.79 59.00 -11.63
N TRP B 446 -5.71 59.25 -10.87
CA TRP B 446 -4.96 60.52 -10.90
C TRP B 446 -3.45 60.36 -10.89
N ARG B 447 -2.85 60.26 -12.09
CA ARG B 447 -1.41 60.09 -12.22
C ARG B 447 -0.81 60.93 -13.37
N GLN B 448 0.49 60.77 -13.63
CA GLN B 448 1.15 61.51 -14.69
C GLN B 448 2.28 60.67 -15.29
N ASP B 454 10.84 55.20 -22.12
CA ASP B 454 11.07 55.54 -20.72
C ASP B 454 10.28 54.68 -19.71
N GLY B 455 9.00 54.45 -20.04
CA GLY B 455 8.06 53.63 -19.28
C GLY B 455 8.17 52.14 -19.67
N VAL B 456 8.57 51.95 -20.93
CA VAL B 456 8.80 50.62 -21.51
C VAL B 456 10.24 50.21 -21.16
N GLY B 457 10.92 51.15 -20.49
CA GLY B 457 12.30 51.05 -20.05
C GLY B 457 13.13 52.12 -20.73
N TYR B 458 14.18 52.56 -20.02
CA TYR B 458 15.10 53.59 -20.48
C TYR B 458 16.17 53.08 -21.44
N SER B 459 16.63 51.88 -21.16
CA SER B 459 17.64 51.23 -21.96
C SER B 459 17.21 51.03 -23.39
N TRP B 460 15.90 50.96 -23.61
CA TRP B 460 15.38 50.70 -24.94
C TRP B 460 15.98 51.67 -25.96
N ILE B 461 15.46 52.88 -25.95
CA ILE B 461 15.94 53.87 -26.87
C ILE B 461 17.45 54.03 -26.85
N ASP B 462 17.98 54.28 -25.65
CA ASP B 462 19.40 54.49 -25.46
C ASP B 462 20.19 53.44 -26.19
N THR B 463 19.65 52.25 -26.15
CA THR B 463 20.34 51.21 -26.87
C THR B 463 20.10 51.40 -28.37
N LEU B 464 18.94 51.94 -28.73
CA LEU B 464 18.64 52.18 -30.12
C LEU B 464 19.64 53.15 -30.70
N LYS B 465 19.66 54.33 -30.10
CA LYS B 465 20.56 55.40 -30.48
C LYS B 465 22.00 54.95 -30.44
N GLU B 466 22.31 54.13 -29.47
CA GLU B 466 23.67 53.62 -29.37
C GLU B 466 24.03 52.95 -30.69
N VAL B 467 23.19 52.02 -31.12
CA VAL B 467 23.45 51.24 -32.32
C VAL B 467 23.52 51.95 -33.65
N ALA B 468 22.71 52.99 -33.76
CA ALA B 468 22.65 53.78 -34.96
C ALA B 468 23.97 54.51 -35.10
N ALA B 469 24.34 55.19 -34.02
CA ALA B 469 25.59 55.91 -34.00
C ALA B 469 26.73 54.94 -34.29
N GLN B 470 26.49 53.69 -33.99
CA GLN B 470 27.44 52.64 -34.23
C GLN B 470 27.58 52.46 -35.71
N GLN B 471 26.54 51.85 -36.29
CA GLN B 471 26.37 51.49 -37.71
C GLN B 471 26.33 52.66 -38.70
N VAL B 472 25.72 53.78 -38.31
CA VAL B 472 25.70 54.93 -39.21
C VAL B 472 26.96 55.78 -39.07
N SER B 473 27.51 56.23 -40.19
CA SER B 473 28.69 57.07 -40.10
C SER B 473 28.41 58.58 -40.14
N ASP B 474 29.44 59.37 -39.76
CA ASP B 474 29.30 60.80 -39.80
C ASP B 474 29.15 61.27 -41.24
N GLN B 475 29.96 60.63 -42.12
CA GLN B 475 29.93 61.01 -43.51
C GLN B 475 28.62 60.69 -44.19
N GLN B 476 28.13 59.48 -43.91
CA GLN B 476 26.88 59.04 -44.47
C GLN B 476 25.83 60.03 -44.12
N LEU B 477 25.78 60.33 -42.84
CA LEU B 477 24.78 61.26 -42.44
C LEU B 477 24.96 62.61 -43.16
N GLU B 478 26.21 62.99 -43.26
CA GLU B 478 26.56 64.22 -43.92
C GLU B 478 26.04 64.28 -45.36
N THR B 479 26.33 63.23 -46.13
CA THR B 479 25.94 63.14 -47.52
C THR B 479 24.57 62.57 -47.73
N ALA B 480 23.84 62.42 -46.65
CA ALA B 480 22.52 61.87 -46.66
C ALA B 480 21.64 62.32 -47.80
N ARG B 481 21.60 63.61 -48.04
CA ARG B 481 20.76 64.15 -49.11
C ARG B 481 21.00 63.55 -50.52
N PHE B 482 22.20 63.08 -50.77
CA PHE B 482 22.57 62.45 -52.00
C PHE B 482 21.96 61.07 -52.18
N ARG B 483 21.65 60.45 -51.07
CA ARG B 483 21.08 59.11 -51.10
C ARG B 483 19.56 59.09 -50.81
N PHE B 484 19.15 59.89 -49.83
CA PHE B 484 17.76 60.05 -49.41
C PHE B 484 17.37 61.51 -49.45
N PRO B 485 17.12 61.91 -50.69
CA PRO B 485 16.71 63.24 -51.08
C PRO B 485 15.35 63.65 -50.54
N TYR B 486 14.43 62.70 -50.36
CA TYR B 486 13.12 63.02 -49.82
C TYR B 486 13.12 62.70 -48.32
N ASN B 487 12.80 63.71 -47.51
CA ASN B 487 12.80 63.57 -46.06
C ASN B 487 14.12 63.00 -45.63
N THR B 488 15.23 63.65 -46.03
CA THR B 488 16.56 63.17 -45.67
C THR B 488 16.61 62.96 -44.15
N PRO B 489 17.13 61.82 -43.74
CA PRO B 489 17.21 61.60 -42.33
C PRO B 489 18.13 62.65 -41.76
N THR B 490 17.78 63.12 -40.57
CA THR B 490 18.53 64.13 -39.85
C THR B 490 19.36 63.53 -38.72
N SER B 491 19.24 62.24 -38.49
CA SER B 491 20.03 61.66 -37.42
C SER B 491 20.47 60.27 -37.79
N LYS B 492 21.42 59.74 -37.10
CA LYS B 492 21.88 58.41 -37.41
C LYS B 492 20.81 57.30 -37.32
N GLU B 493 19.90 57.41 -36.33
CA GLU B 493 18.83 56.46 -36.06
C GLU B 493 17.87 56.52 -37.18
N ALA B 494 17.49 57.75 -37.48
CA ALA B 494 16.57 58.01 -38.53
C ALA B 494 17.19 57.46 -39.78
N TYR B 495 18.47 57.58 -39.80
CA TYR B 495 19.17 57.11 -40.97
C TYR B 495 19.00 55.61 -41.14
N LEU B 496 19.30 54.93 -40.08
CA LEU B 496 19.25 53.47 -40.00
C LEU B 496 17.91 52.90 -40.43
N TYR B 497 16.90 53.53 -39.91
CA TYR B 497 15.54 53.14 -40.25
C TYR B 497 15.28 53.28 -41.74
N ARG B 498 15.68 54.43 -42.28
CA ARG B 498 15.54 54.83 -43.69
C ARG B 498 16.18 53.83 -44.62
N GLU B 499 17.40 53.46 -44.30
CA GLU B 499 18.13 52.52 -45.11
C GLU B 499 17.36 51.22 -45.26
N ILE B 500 16.82 50.75 -44.17
CA ILE B 500 16.07 49.51 -44.19
C ILE B 500 14.74 49.66 -44.95
N PHE B 501 14.06 50.74 -44.70
CA PHE B 501 12.79 50.96 -45.32
C PHE B 501 12.91 50.98 -46.83
N GLU B 502 13.87 51.73 -47.33
CA GLU B 502 14.07 51.81 -48.78
C GLU B 502 14.48 50.45 -49.34
N GLU B 503 15.16 49.66 -48.53
CA GLU B 503 15.57 48.35 -48.92
C GLU B 503 14.36 47.46 -49.05
N LEU B 504 13.41 47.75 -48.23
CA LEU B 504 12.27 46.88 -48.24
C LEU B 504 11.28 47.34 -49.24
N PHE B 505 11.30 48.65 -49.42
CA PHE B 505 10.39 49.34 -50.28
C PHE B 505 11.04 50.38 -51.26
N PRO B 506 11.75 49.88 -52.27
CA PRO B 506 12.46 50.66 -53.32
C PRO B 506 11.53 51.33 -54.32
N LEU B 507 10.77 52.29 -53.85
CA LEU B 507 9.81 52.93 -54.71
C LEU B 507 9.49 54.26 -54.09
N PRO B 508 10.16 55.26 -54.58
CA PRO B 508 10.04 56.65 -54.17
C PRO B 508 8.70 57.10 -53.58
N SER B 509 7.61 56.76 -54.27
CA SER B 509 6.30 57.14 -53.79
C SER B 509 6.06 56.53 -52.43
N ALA B 510 6.80 55.45 -52.22
CA ALA B 510 6.66 54.73 -50.99
C ALA B 510 7.09 55.58 -49.82
N ALA B 511 8.27 56.18 -49.92
CA ALA B 511 8.77 57.03 -48.85
C ALA B 511 7.94 58.25 -48.73
N GLU B 512 7.25 58.54 -49.82
CA GLU B 512 6.36 59.66 -49.89
C GLU B 512 4.99 59.41 -49.22
N CYS B 513 4.78 58.22 -48.70
CA CYS B 513 3.55 57.96 -47.98
C CYS B 513 3.75 58.46 -46.55
N VAL B 514 4.99 58.27 -46.04
CA VAL B 514 5.46 58.69 -44.71
C VAL B 514 5.60 60.23 -44.65
N PRO B 515 4.89 60.86 -43.71
CA PRO B 515 4.82 62.31 -43.43
C PRO B 515 6.06 63.21 -43.60
N GLY B 516 5.82 64.41 -44.16
CA GLY B 516 6.86 65.41 -44.38
C GLY B 516 7.03 66.35 -43.18
N ALA C 1 8.45 24.06 -34.65
CA ALA C 1 9.66 24.87 -34.58
C ALA C 1 10.57 24.73 -35.79
N SER C 2 11.48 25.69 -35.88
CA SER C 2 12.49 25.66 -36.90
C SER C 2 13.81 25.89 -36.20
N ILE C 3 14.82 25.23 -36.72
CA ILE C 3 16.17 25.41 -36.26
C ILE C 3 17.02 25.86 -37.47
N PHE C 4 18.08 26.57 -37.21
CA PHE C 4 18.94 27.05 -38.29
C PHE C 4 20.31 27.28 -37.71
N GLY C 5 21.35 26.64 -38.23
CA GLY C 5 22.62 26.86 -37.64
C GLY C 5 23.74 26.94 -38.62
N VAL C 6 24.73 27.68 -38.20
CA VAL C 6 25.94 27.89 -38.98
C VAL C 6 27.06 27.52 -38.09
N PHE C 7 27.91 26.70 -38.61
CA PHE C 7 29.09 26.28 -37.91
C PHE C 7 30.36 26.58 -38.67
N ASP C 8 31.49 26.38 -38.02
CA ASP C 8 32.81 26.61 -38.66
C ASP C 8 32.92 27.98 -39.30
N ILE C 9 32.36 28.97 -38.63
CA ILE C 9 32.36 30.34 -39.09
C ILE C 9 33.75 30.93 -39.35
N LYS C 10 34.05 31.08 -40.67
CA LYS C 10 35.30 31.59 -41.24
C LYS C 10 35.21 33.05 -41.66
N THR C 11 34.06 33.69 -41.39
CA THR C 11 33.85 35.07 -41.79
C THR C 11 33.38 36.02 -40.70
N ASP C 12 32.86 37.16 -41.18
CA ASP C 12 32.39 38.17 -40.28
C ASP C 12 31.17 37.67 -39.58
N ALA C 13 31.39 37.07 -38.43
CA ALA C 13 30.31 36.54 -37.62
C ALA C 13 29.15 37.51 -37.42
N VAL C 14 29.45 38.80 -37.47
CA VAL C 14 28.40 39.79 -37.24
C VAL C 14 27.46 39.87 -38.40
N GLU C 15 28.06 39.84 -39.58
CA GLU C 15 27.37 39.89 -40.85
C GLU C 15 26.49 38.62 -40.86
N LEU C 16 27.15 37.54 -40.46
CA LEU C 16 26.52 36.25 -40.35
C LEU C 16 25.24 36.25 -39.52
N ARG C 17 25.33 36.77 -38.31
CA ARG C 17 24.17 36.83 -37.45
C ARG C 17 22.97 37.54 -38.15
N LYS C 18 23.28 38.56 -38.91
CA LYS C 18 22.28 39.29 -39.63
C LYS C 18 21.50 38.35 -40.55
N LYS C 19 22.26 37.73 -41.47
CA LYS C 19 21.70 36.82 -42.44
C LYS C 19 20.84 35.79 -41.75
N ALA C 20 21.42 35.26 -40.72
CA ALA C 20 20.79 34.24 -39.93
C ALA C 20 19.39 34.62 -39.56
N LEU C 21 19.26 35.84 -39.07
CA LEU C 21 17.95 36.26 -38.69
C LEU C 21 17.01 36.20 -39.87
N GLU C 22 17.56 36.60 -40.98
CA GLU C 22 16.84 36.63 -42.23
C GLU C 22 16.43 35.25 -42.66
N LEU C 23 17.43 34.38 -42.72
CA LEU C 23 17.22 33.01 -43.13
C LEU C 23 16.38 32.24 -42.13
N SER C 24 16.46 32.58 -40.86
CA SER C 24 15.65 31.85 -39.89
C SER C 24 14.19 32.29 -40.01
N ARG C 25 14.00 33.56 -40.28
CA ARG C 25 12.65 34.04 -40.38
C ARG C 25 11.86 33.44 -41.55
N LEU C 26 12.58 32.83 -42.48
CA LEU C 26 11.93 32.25 -43.65
C LEU C 26 11.15 31.03 -43.21
N MET C 27 11.52 30.44 -42.11
CA MET C 27 10.86 29.23 -41.61
C MET C 27 9.88 29.48 -40.46
N ARG C 28 9.62 30.72 -40.17
CA ARG C 28 8.78 31.14 -39.07
C ARG C 28 7.37 30.57 -38.99
N HIS C 29 6.79 30.06 -40.10
CA HIS C 29 5.45 29.50 -40.05
C HIS C 29 5.49 28.25 -39.14
N ARG C 30 6.68 27.64 -39.07
CA ARG C 30 6.92 26.51 -38.24
C ARG C 30 6.94 26.95 -36.75
N GLY C 31 7.38 28.16 -36.42
CA GLY C 31 7.45 28.55 -35.02
C GLY C 31 7.05 29.98 -34.82
N PRO C 32 5.74 30.15 -34.80
CA PRO C 32 5.12 31.41 -34.67
C PRO C 32 5.03 31.93 -33.28
N ASP C 33 5.23 31.04 -32.33
CA ASP C 33 5.07 31.54 -30.98
C ASP C 33 6.18 32.44 -30.52
N TRP C 34 7.41 32.09 -30.86
CA TRP C 34 8.49 32.95 -30.40
C TRP C 34 9.79 32.64 -31.10
N SER C 35 10.80 33.50 -30.91
CA SER C 35 12.05 33.23 -31.56
C SER C 35 13.20 33.60 -30.65
N GLY C 36 14.33 32.95 -30.89
CA GLY C 36 15.56 33.20 -30.19
C GLY C 36 16.72 32.86 -31.08
N ILE C 37 17.89 33.34 -30.68
CA ILE C 37 19.11 33.14 -31.42
C ILE C 37 20.27 33.17 -30.49
N TYR C 38 21.28 32.42 -30.89
CA TYR C 38 22.56 32.34 -30.22
C TYR C 38 23.58 32.59 -31.31
N ALA C 39 24.52 33.45 -30.99
CA ALA C 39 25.55 33.78 -31.94
C ALA C 39 26.84 34.13 -31.24
N SER C 40 27.89 33.46 -31.64
CA SER C 40 29.22 33.66 -31.12
C SER C 40 30.12 33.91 -32.32
N ASP C 41 31.42 33.93 -32.09
CA ASP C 41 32.32 34.14 -33.19
C ASP C 41 32.45 32.91 -34.08
N ASN C 42 32.14 31.74 -33.49
CA ASN C 42 32.25 30.40 -34.12
C ASN C 42 30.95 29.66 -34.34
N ALA C 43 29.84 30.19 -33.84
CA ALA C 43 28.61 29.49 -34.07
C ALA C 43 27.38 30.35 -33.93
N ILE C 44 26.35 29.94 -34.62
CA ILE C 44 25.08 30.65 -34.53
C ILE C 44 23.93 29.67 -34.44
N LEU C 45 22.96 29.91 -33.55
CA LEU C 45 21.80 29.03 -33.41
C LEU C 45 20.56 29.87 -33.34
N ALA C 46 19.71 29.75 -34.37
CA ALA C 46 18.49 30.55 -34.37
C ALA C 46 17.32 29.61 -34.35
N HIS C 47 16.35 29.91 -33.51
CA HIS C 47 15.25 29.01 -33.37
C HIS C 47 13.94 29.71 -33.48
N GLU C 48 12.90 29.04 -34.02
CA GLU C 48 11.55 29.60 -34.09
C GLU C 48 10.70 28.57 -33.37
N ARG C 49 10.07 29.00 -32.28
CA ARG C 49 9.26 28.11 -31.47
C ARG C 49 7.75 28.11 -31.70
N LEU C 50 7.28 26.86 -31.71
CA LEU C 50 5.88 26.50 -31.68
C LEU C 50 5.81 25.88 -30.26
N SER C 51 5.24 26.57 -29.29
CA SER C 51 5.18 26.11 -27.87
C SER C 51 4.06 25.09 -27.51
N ILE C 52 4.45 23.84 -27.24
CA ILE C 52 3.56 22.73 -26.93
C ILE C 52 3.79 22.22 -25.51
N VAL C 53 5.06 22.07 -25.13
CA VAL C 53 5.45 21.57 -23.80
C VAL C 53 6.23 22.62 -23.00
N ASP C 54 5.70 23.05 -21.86
CA ASP C 54 6.31 24.06 -20.99
C ASP C 54 6.27 25.38 -21.70
N VAL C 55 5.07 25.79 -21.98
CA VAL C 55 4.93 27.02 -22.72
C VAL C 55 5.68 28.20 -22.18
N ASN C 56 5.61 28.34 -20.87
CA ASN C 56 6.20 29.47 -20.18
C ASN C 56 7.72 29.52 -20.10
N ALA C 57 8.40 28.39 -19.97
CA ALA C 57 9.82 28.48 -19.81
C ALA C 57 10.56 27.56 -20.77
N GLY C 58 9.83 27.04 -21.76
CA GLY C 58 10.46 26.14 -22.75
C GLY C 58 11.19 26.83 -23.89
N ALA C 59 11.45 28.13 -23.74
CA ALA C 59 12.14 28.93 -24.74
C ALA C 59 13.45 28.36 -25.28
N GLN C 60 13.70 28.56 -26.55
CA GLN C 60 14.93 28.07 -27.12
C GLN C 60 15.67 29.25 -27.78
N PRO C 61 16.98 29.19 -28.03
CA PRO C 61 17.84 28.08 -27.71
C PRO C 61 17.86 27.93 -26.21
N LEU C 62 18.12 26.69 -25.83
CA LEU C 62 18.20 26.27 -24.45
C LEU C 62 19.66 26.34 -24.03
N TYR C 63 19.95 26.90 -22.87
CA TYR C 63 21.33 26.94 -22.41
C TYR C 63 21.55 26.09 -21.16
N ASN C 64 22.72 25.51 -21.04
CA ASN C 64 22.94 24.76 -19.81
C ASN C 64 23.11 25.76 -18.70
N GLN C 65 23.12 25.19 -17.53
CA GLN C 65 23.29 25.89 -16.29
C GLN C 65 24.43 26.86 -16.46
N GLN C 66 25.59 26.31 -16.80
CA GLN C 66 26.79 27.12 -17.02
C GLN C 66 26.78 27.97 -18.28
N LYS C 67 25.78 27.80 -19.15
CA LYS C 67 25.71 28.59 -20.36
C LYS C 67 26.82 28.30 -21.33
N THR C 68 27.46 27.17 -21.21
CA THR C 68 28.54 26.86 -22.09
C THR C 68 28.10 25.90 -23.15
N HIS C 69 26.83 25.49 -23.10
CA HIS C 69 26.23 24.59 -24.08
C HIS C 69 24.92 25.23 -24.54
N VAL C 70 24.68 25.27 -25.87
CA VAL C 70 23.47 25.87 -26.43
C VAL C 70 22.85 24.84 -27.34
N LEU C 71 21.56 24.75 -27.26
CA LEU C 71 20.92 23.75 -28.02
C LEU C 71 19.65 24.26 -28.62
N ALA C 72 19.38 23.82 -29.85
CA ALA C 72 18.15 24.20 -30.51
C ALA C 72 17.51 22.95 -31.07
N VAL C 73 16.26 22.73 -30.73
CA VAL C 73 15.58 21.54 -31.20
C VAL C 73 14.22 21.80 -31.75
N ASN C 74 13.97 21.03 -32.80
CA ASN C 74 12.67 20.96 -33.38
C ASN C 74 12.31 19.51 -33.08
N GLY C 75 11.28 19.29 -32.22
CA GLY C 75 10.94 17.90 -31.93
C GLY C 75 10.26 17.69 -30.60
N GLU C 76 10.05 16.41 -30.28
CA GLU C 76 9.39 15.96 -29.05
C GLU C 76 10.09 14.73 -28.52
N ILE C 77 10.43 14.80 -27.25
CA ILE C 77 11.12 13.69 -26.62
C ILE C 77 10.16 13.03 -25.66
N TYR C 78 9.48 11.98 -26.16
CA TYR C 78 8.44 11.21 -25.47
C TYR C 78 8.89 10.53 -24.20
N ASN C 79 10.18 10.30 -24.18
CA ASN C 79 11.05 9.69 -23.19
C ASN C 79 11.55 10.69 -22.14
N HIS C 80 11.20 11.97 -22.25
CA HIS C 80 11.82 12.91 -21.38
C HIS C 80 11.80 12.70 -19.90
N GLN C 81 10.60 12.40 -19.43
CA GLN C 81 10.35 12.13 -18.03
C GLN C 81 11.36 11.18 -17.42
N ALA C 82 11.42 10.01 -17.98
CA ALA C 82 12.33 9.02 -17.54
C ALA C 82 13.78 9.49 -17.62
N LEU C 83 14.10 10.33 -18.60
CA LEU C 83 15.46 10.77 -18.76
C LEU C 83 15.88 11.77 -17.73
N ARG C 84 14.95 12.62 -17.36
CA ARG C 84 15.12 13.60 -16.34
C ARG C 84 15.33 12.89 -15.00
N ALA C 85 14.66 11.75 -14.84
CA ALA C 85 14.78 10.99 -13.61
C ALA C 85 16.17 10.38 -13.55
N GLU C 86 16.60 9.96 -14.72
CA GLU C 86 17.90 9.38 -14.86
C GLU C 86 19.04 10.38 -14.72
N TYR C 87 18.86 11.54 -15.31
CA TYR C 87 19.94 12.50 -15.25
C TYR C 87 19.80 13.66 -14.28
N GLY C 88 18.70 13.67 -13.56
CA GLY C 88 18.51 14.74 -12.60
C GLY C 88 19.63 14.82 -11.56
N ASP C 89 20.26 13.68 -11.32
CA ASP C 89 21.35 13.60 -10.37
C ASP C 89 22.53 14.41 -10.87
N ARG C 90 22.85 14.11 -12.12
CA ARG C 90 23.95 14.71 -12.81
C ARG C 90 23.63 16.09 -13.45
N TYR C 91 22.42 16.29 -13.99
CA TYR C 91 22.11 17.56 -14.65
C TYR C 91 21.02 18.43 -14.00
N GLN C 92 21.29 19.72 -13.92
CA GLN C 92 20.34 20.67 -13.36
C GLN C 92 19.47 21.26 -14.46
N PHE C 93 18.21 20.86 -14.51
CA PHE C 93 17.29 21.31 -15.56
C PHE C 93 16.86 22.72 -15.34
N GLN C 94 16.82 23.55 -16.37
CA GLN C 94 16.39 24.94 -16.21
C GLN C 94 14.98 25.16 -16.70
N THR C 95 14.44 24.18 -17.39
CA THR C 95 13.12 24.38 -17.89
C THR C 95 12.32 23.11 -17.74
N GLY C 96 11.04 23.19 -18.05
CA GLY C 96 10.24 21.99 -18.04
C GLY C 96 10.14 21.37 -19.46
N SER C 97 10.84 21.98 -20.45
CA SER C 97 10.84 21.49 -21.85
C SER C 97 11.36 20.07 -22.02
N ASP C 98 10.62 19.32 -22.79
CA ASP C 98 11.02 17.95 -22.98
C ASP C 98 12.35 17.82 -23.66
N CYS C 99 12.71 18.90 -24.37
CA CYS C 99 13.90 18.97 -25.19
C CYS C 99 15.19 19.09 -24.42
N GLU C 100 15.09 19.65 -23.20
CA GLU C 100 16.25 19.88 -22.32
C GLU C 100 17.07 18.64 -22.01
N VAL C 101 16.45 17.48 -22.15
CA VAL C 101 17.21 16.28 -21.87
C VAL C 101 18.44 16.09 -22.72
N ILE C 102 18.32 16.61 -23.94
CA ILE C 102 19.44 16.51 -24.86
C ILE C 102 20.68 17.18 -24.25
N LEU C 103 20.45 18.29 -23.51
CA LEU C 103 21.56 18.97 -22.85
C LEU C 103 22.19 18.04 -21.79
N ALA C 104 21.34 17.30 -21.05
CA ALA C 104 21.76 16.38 -19.99
C ALA C 104 22.57 15.19 -20.52
N LEU C 105 22.08 14.60 -21.59
CA LEU C 105 22.76 13.46 -22.19
C LEU C 105 24.12 13.82 -22.77
N TYR C 106 24.17 15.01 -23.36
CA TYR C 106 25.36 15.49 -24.00
C TYR C 106 26.44 15.70 -22.96
N GLN C 107 26.02 16.31 -21.87
CA GLN C 107 26.93 16.58 -20.78
C GLN C 107 27.49 15.33 -20.14
N GLU C 108 26.76 14.23 -20.29
CA GLU C 108 27.13 12.99 -19.71
C GLU C 108 27.73 12.00 -20.72
N LYS C 109 27.19 11.95 -21.94
CA LYS C 109 27.64 11.02 -23.00
C LYS C 109 28.32 11.69 -24.22
N GLY C 110 28.39 13.02 -24.20
CA GLY C 110 28.92 13.72 -25.34
C GLY C 110 28.05 13.36 -26.55
N PRO C 111 28.68 12.93 -27.62
CA PRO C 111 27.98 12.56 -28.83
C PRO C 111 27.33 11.20 -28.84
N GLU C 112 27.51 10.38 -27.82
CA GLU C 112 26.92 9.05 -27.96
C GLU C 112 25.59 8.74 -27.34
N PHE C 113 24.66 9.69 -27.20
CA PHE C 113 23.39 9.42 -26.52
C PHE C 113 22.16 9.35 -27.41
N LEU C 114 22.42 9.35 -28.71
CA LEU C 114 21.37 9.36 -29.72
C LEU C 114 20.23 8.35 -29.63
N ASP C 115 20.60 7.09 -29.45
CA ASP C 115 19.68 5.99 -29.34
C ASP C 115 18.91 6.01 -27.99
N ASP C 116 19.37 6.86 -27.08
CA ASP C 116 18.74 7.01 -25.78
C ASP C 116 17.49 7.82 -25.92
N LEU C 117 17.43 8.66 -26.95
CA LEU C 117 16.25 9.47 -27.13
C LEU C 117 15.13 8.73 -27.80
N GLN C 118 13.95 9.04 -27.30
CA GLN C 118 12.75 8.45 -27.81
C GLN C 118 11.74 9.54 -28.21
N GLY C 119 11.74 9.86 -29.49
CA GLY C 119 10.81 10.86 -30.01
C GLY C 119 11.16 11.18 -31.43
N MET C 120 10.72 12.34 -31.84
CA MET C 120 11.01 12.83 -33.19
C MET C 120 11.82 14.08 -32.99
N PHE C 121 12.86 14.31 -33.79
CA PHE C 121 13.62 15.52 -33.56
C PHE C 121 14.73 15.80 -34.55
N ALA C 122 15.09 17.09 -34.57
CA ALA C 122 16.18 17.73 -35.30
C ALA C 122 16.79 18.71 -34.32
N PHE C 123 18.08 18.59 -34.06
CA PHE C 123 18.70 19.48 -33.12
C PHE C 123 20.11 19.83 -33.51
N ALA C 124 20.52 21.02 -33.13
CA ALA C 124 21.88 21.38 -33.31
C ALA C 124 22.35 21.92 -31.96
N LEU C 125 23.57 21.56 -31.59
CA LEU C 125 24.08 21.97 -30.34
C LEU C 125 25.52 22.49 -30.43
N TYR C 126 25.76 23.59 -29.72
CA TYR C 126 27.07 24.20 -29.67
C TYR C 126 27.65 24.10 -28.26
N ASP C 127 28.87 23.58 -28.17
CA ASP C 127 29.63 23.45 -26.93
C ASP C 127 30.70 24.55 -26.94
N SER C 128 30.46 25.71 -26.29
CA SER C 128 31.43 26.82 -26.31
C SER C 128 32.76 26.50 -25.68
N GLU C 129 32.77 25.57 -24.74
CA GLU C 129 34.00 25.23 -24.06
C GLU C 129 34.95 24.46 -24.97
N LYS C 130 34.49 23.26 -25.41
CA LYS C 130 35.29 22.41 -26.28
C LYS C 130 35.42 23.06 -27.65
N ASP C 131 34.49 23.99 -27.91
CA ASP C 131 34.40 24.64 -29.20
C ASP C 131 34.09 23.56 -30.24
N ALA C 132 32.98 22.87 -30.00
CA ALA C 132 32.50 21.79 -30.82
C ALA C 132 31.01 21.90 -31.02
N TYR C 133 30.48 21.09 -31.96
CA TYR C 133 29.05 21.02 -32.25
C TYR C 133 28.65 19.56 -32.52
N LEU C 134 27.36 19.33 -32.31
CA LEU C 134 26.78 18.04 -32.51
C LEU C 134 25.44 18.21 -33.20
N ILE C 135 25.30 17.54 -34.32
CA ILE C 135 24.03 17.67 -35.00
C ILE C 135 23.31 16.33 -35.01
N GLY C 136 22.01 16.33 -34.85
CA GLY C 136 21.40 15.02 -34.80
C GLY C 136 19.97 15.01 -35.31
N ARG C 137 19.60 13.85 -35.87
CA ARG C 137 18.26 13.62 -36.41
C ARG C 137 17.65 12.32 -35.92
N ASP C 138 16.32 12.33 -35.81
CA ASP C 138 15.59 11.15 -35.31
C ASP C 138 15.87 9.90 -36.06
N HIS C 139 15.33 8.81 -35.51
CA HIS C 139 15.53 7.49 -36.04
C HIS C 139 15.19 7.29 -37.52
N LEU C 140 14.06 7.87 -37.96
CA LEU C 140 13.60 7.73 -39.33
C LEU C 140 13.43 9.06 -40.07
N GLY C 141 14.03 10.14 -39.60
CA GLY C 141 13.84 11.41 -40.29
C GLY C 141 12.42 11.97 -40.14
N ILE C 142 11.76 11.69 -39.00
CA ILE C 142 10.40 12.17 -38.76
C ILE C 142 10.36 13.69 -38.82
N ILE C 143 11.37 14.26 -38.21
CA ILE C 143 11.48 15.67 -38.23
C ILE C 143 12.50 15.99 -39.33
N PRO C 144 12.16 16.93 -40.21
CA PRO C 144 13.04 17.26 -41.31
C PRO C 144 14.26 18.01 -40.95
N LEU C 145 15.32 17.72 -41.68
CA LEU C 145 16.50 18.50 -41.52
C LEU C 145 17.41 18.46 -42.73
N TYR C 146 17.95 19.64 -43.02
CA TYR C 146 18.85 19.77 -44.13
C TYR C 146 20.14 20.45 -43.70
N MET C 147 21.18 20.24 -44.51
CA MET C 147 22.50 20.84 -44.34
C MET C 147 23.10 21.34 -45.68
N GLY C 148 24.19 22.09 -45.63
CA GLY C 148 24.80 22.58 -46.85
C GLY C 148 25.99 23.44 -46.55
N TYR C 149 26.74 23.76 -47.59
CA TYR C 149 27.91 24.58 -47.44
C TYR C 149 27.96 25.86 -48.24
N ASP C 150 28.76 26.76 -47.70
CA ASP C 150 29.14 28.09 -48.16
C ASP C 150 30.13 28.02 -49.29
N GLU C 151 30.31 29.16 -49.98
CA GLU C 151 31.35 29.21 -50.98
C GLU C 151 32.63 29.34 -50.17
N HIS C 152 32.43 29.59 -48.86
CA HIS C 152 33.46 29.74 -47.83
C HIS C 152 33.68 28.47 -47.04
N GLY C 153 32.82 27.50 -47.21
CA GLY C 153 33.07 26.28 -46.48
C GLY C 153 32.41 26.24 -45.13
N GLN C 154 31.68 27.32 -44.87
CA GLN C 154 30.93 27.40 -43.66
C GLN C 154 29.75 26.41 -43.70
N LEU C 155 29.47 25.78 -42.58
CA LEU C 155 28.42 24.79 -42.44
C LEU C 155 27.07 25.35 -41.92
N TYR C 156 26.03 24.96 -42.60
CA TYR C 156 24.71 25.41 -42.21
C TYR C 156 23.85 24.19 -42.08
N VAL C 157 22.81 24.38 -41.31
CA VAL C 157 21.82 23.39 -41.00
C VAL C 157 20.49 24.10 -40.86
N ALA C 158 19.41 23.45 -41.30
CA ALA C 158 18.11 24.09 -41.17
C ALA C 158 17.01 23.09 -41.45
N SER C 159 15.85 23.39 -40.84
CA SER C 159 14.60 22.65 -40.93
C SER C 159 14.06 22.47 -42.38
N GLU C 160 14.02 23.55 -43.18
CA GLU C 160 13.55 23.56 -44.59
C GLU C 160 14.67 24.02 -45.53
N MET C 161 14.75 23.48 -46.73
CA MET C 161 15.88 23.90 -47.59
C MET C 161 15.75 25.37 -47.99
N LYS C 162 14.52 25.84 -47.90
CA LYS C 162 14.07 27.17 -48.17
C LYS C 162 15.00 28.15 -47.52
N ALA C 163 15.51 27.81 -46.34
CA ALA C 163 16.40 28.73 -45.63
C ALA C 163 17.87 28.60 -46.02
N LEU C 164 18.19 27.46 -46.65
CA LEU C 164 19.52 27.12 -47.10
C LEU C 164 19.83 27.58 -48.53
N VAL C 165 18.87 27.45 -49.42
CA VAL C 165 19.06 27.78 -50.82
C VAL C 165 19.64 29.15 -51.12
N PRO C 166 19.34 30.10 -50.31
CA PRO C 166 19.82 31.42 -50.58
C PRO C 166 21.28 31.67 -50.26
N VAL C 167 21.93 30.79 -49.52
CA VAL C 167 23.32 31.09 -49.20
C VAL C 167 24.27 29.97 -49.45
N CYS C 168 23.74 28.77 -49.61
CA CYS C 168 24.62 27.63 -49.82
C CYS C 168 24.95 27.37 -51.27
N ARG C 169 26.13 26.79 -51.49
CA ARG C 169 26.53 26.41 -52.83
C ARG C 169 25.99 25.00 -53.05
N THR C 170 26.10 24.14 -52.03
CA THR C 170 25.57 22.77 -52.14
C THR C 170 24.67 22.51 -50.98
N ILE C 171 23.65 21.68 -51.22
CA ILE C 171 22.69 21.35 -50.20
C ILE C 171 22.34 19.85 -50.21
N LYS C 172 21.89 19.33 -49.06
CA LYS C 172 21.51 17.92 -48.90
C LYS C 172 20.73 17.69 -47.63
N GLU C 173 19.96 16.60 -47.61
CA GLU C 173 19.19 16.29 -46.43
C GLU C 173 20.09 15.88 -45.29
N PHE C 174 19.80 16.32 -44.08
CA PHE C 174 20.67 15.82 -43.03
C PHE C 174 20.14 14.43 -42.76
N PRO C 175 21.01 13.49 -42.91
CA PRO C 175 20.74 12.07 -42.82
C PRO C 175 19.93 11.54 -41.65
N ALA C 176 18.79 10.91 -41.99
CA ALA C 176 17.90 10.32 -40.98
C ALA C 176 18.65 9.37 -40.09
N GLY C 177 18.26 9.32 -38.81
CA GLY C 177 18.92 8.41 -37.87
C GLY C 177 20.44 8.59 -37.80
N SER C 178 20.88 9.83 -37.84
CA SER C 178 22.31 10.07 -37.76
C SER C 178 22.61 11.27 -36.90
N TYR C 179 23.91 11.47 -36.69
CA TYR C 179 24.41 12.61 -35.97
C TYR C 179 25.72 13.07 -36.61
N LEU C 180 26.03 14.33 -36.45
CA LEU C 180 27.27 14.86 -36.93
C LEU C 180 27.96 15.52 -35.74
N TRP C 181 28.98 14.86 -35.31
CA TRP C 181 29.72 15.35 -34.16
C TRP C 181 30.95 16.07 -34.65
N SER C 182 31.06 17.37 -34.42
CA SER C 182 32.21 18.10 -34.91
C SER C 182 33.57 17.50 -34.63
N GLN C 183 33.72 16.72 -33.60
CA GLN C 183 35.05 16.17 -33.40
C GLN C 183 35.40 14.93 -34.22
N ASP C 184 34.43 14.32 -34.89
CA ASP C 184 34.65 13.14 -35.73
C ASP C 184 34.89 13.63 -37.16
N GLY C 185 34.01 14.55 -37.56
CA GLY C 185 34.02 15.17 -38.85
C GLY C 185 33.23 14.39 -39.88
N GLU C 186 32.79 13.18 -39.48
CA GLU C 186 31.99 12.29 -40.30
C GLU C 186 30.61 12.12 -39.71
N ILE C 187 29.62 11.97 -40.61
CA ILE C 187 28.23 11.75 -40.21
C ILE C 187 28.12 10.30 -39.82
N ARG C 188 27.66 10.05 -38.61
CA ARG C 188 27.53 8.67 -38.20
C ARG C 188 26.10 8.26 -38.02
N SER C 189 25.82 7.02 -38.38
CA SER C 189 24.49 6.48 -38.15
C SER C 189 24.48 5.90 -36.73
N TYR C 190 23.35 6.02 -36.01
CA TYR C 190 23.30 5.51 -34.65
C TYR C 190 22.23 4.45 -34.44
N TYR C 191 21.29 4.41 -35.38
CA TYR C 191 20.16 3.52 -35.33
C TYR C 191 20.29 2.25 -36.15
N HIS C 192 20.26 1.14 -35.46
CA HIS C 192 20.28 -0.16 -36.09
C HIS C 192 19.41 -1.00 -35.23
N ARG C 193 18.70 -1.88 -35.88
CA ARG C 193 17.81 -2.82 -35.22
C ARG C 193 17.78 -4.09 -36.07
N ASP C 194 17.88 -5.23 -35.38
CA ASP C 194 17.93 -6.57 -35.98
C ASP C 194 17.02 -6.77 -37.16
N TRP C 195 15.81 -6.28 -36.98
CA TRP C 195 14.76 -6.37 -37.96
C TRP C 195 15.10 -5.67 -39.26
N PHE C 196 16.30 -5.09 -39.30
CA PHE C 196 16.73 -4.49 -40.53
C PHE C 196 16.94 -5.66 -41.52
N ASP C 197 17.25 -6.85 -40.95
CA ASP C 197 17.50 -8.08 -41.71
C ASP C 197 16.53 -9.23 -41.40
N TYR C 198 15.72 -9.58 -42.42
CA TYR C 198 14.71 -10.64 -42.37
C TYR C 198 15.16 -11.87 -41.60
N ASP C 199 16.29 -12.38 -42.03
CA ASP C 199 16.82 -13.56 -41.43
C ASP C 199 16.90 -13.49 -39.92
N ALA C 200 16.78 -12.31 -39.40
CA ALA C 200 16.82 -12.19 -37.96
C ALA C 200 15.41 -12.12 -37.38
N VAL C 201 14.42 -12.24 -38.28
CA VAL C 201 12.99 -12.15 -37.94
C VAL C 201 12.15 -13.36 -38.38
N LYS C 202 12.67 -14.06 -39.38
CA LYS C 202 12.03 -15.22 -39.97
C LYS C 202 11.29 -16.18 -39.03
N ASP C 203 11.92 -16.62 -37.94
CA ASP C 203 11.23 -17.58 -37.08
C ASP C 203 10.64 -16.95 -35.84
N ASN C 204 10.37 -15.69 -35.92
CA ASN C 204 9.83 -15.04 -34.77
C ASN C 204 8.41 -15.43 -34.44
N VAL C 205 8.11 -15.20 -33.15
CA VAL C 205 6.82 -15.46 -32.56
C VAL C 205 6.02 -14.19 -32.44
N THR C 206 4.78 -14.27 -32.86
CA THR C 206 3.94 -13.11 -32.78
C THR C 206 3.02 -13.09 -31.59
N ASP C 207 2.87 -11.92 -31.05
CA ASP C 207 2.00 -11.75 -29.92
C ASP C 207 1.06 -10.60 -30.13
N LYS C 208 -0.12 -10.96 -30.65
CA LYS C 208 -1.18 -10.01 -30.91
C LYS C 208 -1.36 -9.09 -29.69
N ASN C 209 -1.24 -9.64 -28.53
CA ASN C 209 -1.41 -8.82 -27.38
C ASN C 209 -0.28 -7.83 -27.09
N GLU C 210 0.94 -8.31 -27.08
CA GLU C 210 2.05 -7.40 -26.85
C GLU C 210 2.02 -6.29 -27.87
N LEU C 211 1.67 -6.63 -29.08
CA LEU C 211 1.64 -5.63 -30.11
C LEU C 211 0.63 -4.55 -29.83
N ARG C 212 -0.59 -4.98 -29.46
CA ARG C 212 -1.69 -4.04 -29.21
C ARG C 212 -1.40 -3.06 -28.10
N GLN C 213 -0.65 -3.53 -27.13
CA GLN C 213 -0.28 -2.71 -26.01
C GLN C 213 0.76 -1.65 -26.42
N ALA C 214 1.72 -2.12 -27.19
CA ALA C 214 2.79 -1.31 -27.74
C ALA C 214 2.20 -0.09 -28.42
N LEU C 215 1.35 -0.29 -29.42
CA LEU C 215 0.73 0.84 -30.07
C LEU C 215 -0.08 1.73 -29.11
N GLU C 216 -0.57 1.09 -28.03
CA GLU C 216 -1.35 1.79 -27.02
C GLU C 216 -0.45 2.66 -26.21
N ASP C 217 0.71 2.10 -25.91
CA ASP C 217 1.74 2.79 -25.17
C ASP C 217 2.30 3.94 -25.99
N SER C 218 2.51 3.72 -27.28
CA SER C 218 3.01 4.75 -28.17
C SER C 218 2.13 6.00 -28.11
N VAL C 219 0.88 5.83 -28.53
CA VAL C 219 -0.09 6.90 -28.54
C VAL C 219 -0.18 7.57 -27.19
N LYS C 220 -0.06 6.78 -26.15
CA LYS C 220 -0.14 7.32 -24.78
C LYS C 220 0.93 8.40 -24.59
N SER C 221 2.14 8.00 -24.86
CA SER C 221 3.32 8.83 -24.79
C SER C 221 3.24 10.07 -25.72
N HIS C 222 2.61 9.88 -26.89
CA HIS C 222 2.42 10.97 -27.87
C HIS C 222 1.33 11.93 -27.53
N LEU C 223 0.77 11.83 -26.32
CA LEU C 223 -0.29 12.73 -25.92
C LEU C 223 0.29 13.86 -25.03
N MET C 224 1.61 13.80 -24.80
CA MET C 224 2.26 14.83 -24.03
C MET C 224 2.12 16.23 -24.69
N SER C 225 1.38 17.11 -24.04
CA SER C 225 1.12 18.42 -24.59
C SER C 225 0.58 19.32 -23.48
N ASP C 226 0.88 20.62 -23.48
CA ASP C 226 0.33 21.52 -22.45
C ASP C 226 -0.64 22.43 -23.12
N VAL C 227 -0.91 22.08 -24.39
CA VAL C 227 -1.83 22.79 -25.29
C VAL C 227 -2.89 21.84 -25.93
N PRO C 228 -3.94 22.42 -26.46
CA PRO C 228 -5.00 21.68 -27.11
C PRO C 228 -4.50 20.95 -28.33
N TYR C 229 -5.01 19.74 -28.52
CA TYR C 229 -4.61 18.93 -29.65
C TYR C 229 -5.77 18.15 -30.14
N GLY C 230 -5.60 17.64 -31.34
CA GLY C 230 -6.65 16.86 -31.94
C GLY C 230 -6.13 15.64 -32.66
N VAL C 231 -7.03 15.10 -33.50
CA VAL C 231 -6.77 13.96 -34.33
C VAL C 231 -7.27 14.23 -35.74
N LEU C 232 -6.54 13.54 -36.65
CA LEU C 232 -6.79 13.51 -38.09
C LEU C 232 -7.53 12.23 -38.36
N LEU C 233 -8.74 12.38 -38.89
CA LEU C 233 -9.57 11.24 -39.22
C LEU C 233 -9.84 11.26 -40.70
N SER C 234 -9.46 10.17 -41.36
CA SER C 234 -9.69 10.05 -42.78
C SER C 234 -10.77 9.01 -43.01
N GLY C 235 -10.82 8.06 -42.07
CA GLY C 235 -11.75 6.95 -42.07
C GLY C 235 -10.93 5.68 -42.26
N GLY C 236 -9.76 5.84 -42.90
CA GLY C 236 -8.84 4.74 -43.13
C GLY C 236 -8.50 4.11 -41.79
N LEU C 237 -8.17 2.82 -41.80
CA LEU C 237 -7.90 2.10 -40.56
C LEU C 237 -6.95 2.79 -39.60
N ASP C 238 -5.73 3.02 -40.07
CA ASP C 238 -4.66 3.68 -39.35
C ASP C 238 -5.14 4.81 -38.48
N SER C 239 -5.77 5.78 -39.12
CA SER C 239 -6.25 6.98 -38.47
C SER C 239 -7.35 6.74 -37.48
N SER C 240 -8.09 5.71 -37.80
CA SER C 240 -9.23 5.31 -37.03
C SER C 240 -8.80 4.75 -35.70
N ILE C 241 -7.71 4.00 -35.78
CA ILE C 241 -7.11 3.34 -34.63
C ILE C 241 -6.50 4.34 -33.70
N ILE C 242 -5.62 5.16 -34.24
CA ILE C 242 -4.94 6.18 -33.48
C ILE C 242 -5.95 7.09 -32.75
N SER C 243 -6.99 7.46 -33.49
CA SER C 243 -8.04 8.29 -32.95
C SER C 243 -8.75 7.60 -31.84
N ALA C 244 -8.94 6.30 -32.04
CA ALA C 244 -9.66 5.48 -31.09
C ALA C 244 -8.87 5.40 -29.79
N ILE C 245 -7.62 5.00 -29.91
CA ILE C 245 -6.78 4.91 -28.76
C ILE C 245 -6.74 6.23 -28.02
N THR C 246 -6.59 7.30 -28.80
CA THR C 246 -6.56 8.65 -28.24
C THR C 246 -7.80 8.93 -27.44
N LYS C 247 -8.96 8.57 -27.95
CA LYS C 247 -10.20 8.86 -27.24
C LYS C 247 -10.31 8.13 -25.91
N LYS C 248 -9.81 6.92 -25.93
CA LYS C 248 -9.83 6.14 -24.72
C LYS C 248 -8.88 6.77 -23.69
N TYR C 249 -7.67 6.99 -24.15
CA TYR C 249 -6.66 7.54 -23.26
C TYR C 249 -6.64 9.01 -22.89
N ALA C 250 -7.39 9.79 -23.62
CA ALA C 250 -7.49 11.19 -23.32
C ALA C 250 -8.48 11.29 -22.16
N TRP C 264 -14.11 19.30 -20.99
CA TRP C 264 -14.82 18.02 -21.13
C TRP C 264 -13.83 17.04 -21.74
N PRO C 265 -14.30 15.84 -22.16
CA PRO C 265 -13.39 14.89 -22.78
C PRO C 265 -13.04 15.33 -24.21
N GLN C 266 -13.38 16.62 -24.51
CA GLN C 266 -13.24 17.37 -25.77
C GLN C 266 -12.04 17.07 -26.68
N LEU C 267 -12.23 16.05 -27.54
CA LEU C 267 -11.25 15.59 -28.52
C LEU C 267 -11.82 15.84 -29.90
N HIS C 268 -11.17 16.78 -30.60
CA HIS C 268 -11.57 17.14 -31.93
C HIS C 268 -10.84 16.34 -32.95
N SER C 269 -11.64 15.93 -33.92
CA SER C 269 -11.16 15.19 -35.04
C SER C 269 -11.34 16.03 -36.31
N PHE C 270 -10.39 15.77 -37.24
CA PHE C 270 -10.36 16.50 -38.50
C PHE C 270 -10.29 15.62 -39.74
N ALA C 271 -11.09 16.04 -40.70
CA ALA C 271 -11.07 15.36 -41.99
C ALA C 271 -11.18 16.40 -43.10
N VAL C 272 -10.52 16.12 -44.22
CA VAL C 272 -10.55 17.04 -45.34
C VAL C 272 -10.86 16.33 -46.67
N GLY C 273 -11.59 17.04 -47.53
CA GLY C 273 -11.89 16.49 -48.81
C GLY C 273 -12.79 17.43 -49.55
N LEU C 274 -12.95 17.10 -50.82
CA LEU C 274 -13.88 17.90 -51.58
C LEU C 274 -15.26 17.50 -51.05
N PRO C 275 -16.19 18.41 -51.01
CA PRO C 275 -17.52 18.11 -50.51
C PRO C 275 -18.10 16.85 -51.14
N GLY C 276 -18.56 15.94 -50.28
CA GLY C 276 -19.15 14.70 -50.75
C GLY C 276 -18.17 13.54 -50.89
N SER C 277 -16.91 13.78 -50.57
CA SER C 277 -15.90 12.75 -50.66
C SER C 277 -16.19 11.50 -49.82
N PRO C 278 -15.86 10.35 -50.40
CA PRO C 278 -15.98 9.08 -49.71
C PRO C 278 -15.16 9.09 -48.42
N ASP C 279 -14.04 9.78 -48.44
CA ASP C 279 -13.18 9.88 -47.28
C ASP C 279 -13.95 10.54 -46.14
N LEU C 280 -14.56 11.65 -46.50
CA LEU C 280 -15.32 12.46 -45.62
C LEU C 280 -16.43 11.68 -44.96
N LYS C 281 -17.06 10.81 -45.75
CA LYS C 281 -18.16 9.98 -45.23
C LYS C 281 -17.66 9.07 -44.14
N ALA C 282 -16.56 8.43 -44.51
CA ALA C 282 -15.86 7.48 -43.67
C ALA C 282 -15.49 8.05 -42.32
N ALA C 283 -14.83 9.18 -42.38
CA ALA C 283 -14.36 9.88 -41.24
C ALA C 283 -15.50 10.19 -40.34
N GLN C 284 -16.55 10.64 -40.94
CA GLN C 284 -17.71 11.00 -40.17
C GLN C 284 -18.31 9.77 -39.46
N GLU C 285 -18.30 8.61 -40.11
CA GLU C 285 -18.79 7.40 -39.44
C GLU C 285 -17.89 7.04 -38.25
N VAL C 286 -16.59 7.29 -38.37
CA VAL C 286 -15.70 6.98 -37.26
C VAL C 286 -15.87 8.04 -36.14
N ALA C 287 -16.03 9.32 -36.53
CA ALA C 287 -16.23 10.41 -35.58
C ALA C 287 -17.40 10.04 -34.69
N ASN C 288 -18.49 9.77 -35.37
CA ASN C 288 -19.71 9.38 -34.71
C ASN C 288 -19.58 8.18 -33.77
N HIS C 289 -18.92 7.14 -34.24
CA HIS C 289 -18.73 5.99 -33.37
C HIS C 289 -17.82 6.33 -32.20
N LEU C 290 -16.94 7.29 -32.40
CA LEU C 290 -15.97 7.67 -31.38
C LEU C 290 -16.50 8.81 -30.57
N GLY C 291 -17.41 9.51 -31.21
CA GLY C 291 -18.04 10.60 -30.58
C GLY C 291 -17.03 11.65 -30.21
N THR C 292 -16.34 12.09 -31.24
CA THR C 292 -15.40 13.15 -31.11
C THR C 292 -16.15 14.35 -31.57
N VAL C 293 -15.48 15.47 -31.45
CA VAL C 293 -16.04 16.67 -31.95
C VAL C 293 -15.38 16.69 -33.29
N HIS C 294 -16.18 16.46 -34.33
CA HIS C 294 -15.68 16.31 -35.65
C HIS C 294 -15.76 17.56 -36.46
N HIS C 295 -14.68 17.74 -37.22
CA HIS C 295 -14.52 18.86 -38.14
C HIS C 295 -14.26 18.41 -39.56
N GLU C 296 -15.33 18.48 -40.34
CA GLU C 296 -15.29 18.11 -41.75
C GLU C 296 -14.81 19.31 -42.56
N ILE C 297 -13.61 19.18 -43.08
CA ILE C 297 -13.02 20.27 -43.82
C ILE C 297 -13.14 20.09 -45.31
N HIS C 298 -13.78 21.07 -45.92
CA HIS C 298 -13.98 21.10 -47.35
C HIS C 298 -13.15 22.15 -48.02
N PHE C 299 -12.67 21.79 -49.18
CA PHE C 299 -11.93 22.74 -49.99
C PHE C 299 -12.50 22.74 -51.40
N THR C 300 -12.24 23.75 -52.21
CA THR C 300 -12.71 23.70 -53.57
C THR C 300 -11.55 23.36 -54.40
N VAL C 301 -11.83 22.90 -55.65
CA VAL C 301 -10.75 22.53 -56.53
C VAL C 301 -9.90 23.77 -56.78
N GLN C 302 -10.59 24.88 -56.97
CA GLN C 302 -9.91 26.15 -57.19
C GLN C 302 -9.02 26.50 -56.03
N GLU C 303 -9.56 26.30 -54.83
CA GLU C 303 -8.81 26.60 -53.63
C GLU C 303 -7.58 25.76 -53.62
N GLY C 304 -7.78 24.48 -54.01
CA GLY C 304 -6.69 23.54 -54.09
C GLY C 304 -5.69 24.03 -55.13
N LEU C 305 -6.22 24.42 -56.28
CA LEU C 305 -5.37 24.90 -57.36
C LEU C 305 -4.47 26.10 -56.96
N ASP C 306 -5.07 27.13 -56.37
CA ASP C 306 -4.40 28.37 -55.96
C ASP C 306 -3.31 28.24 -54.90
N ALA C 307 -3.32 27.07 -54.25
CA ALA C 307 -2.42 26.72 -53.14
C ALA C 307 -1.21 25.90 -53.59
N ILE C 308 -1.26 25.38 -54.84
CA ILE C 308 -0.20 24.57 -55.41
C ILE C 308 1.25 25.13 -55.23
N ARG C 309 1.41 26.41 -55.47
CA ARG C 309 2.75 27.04 -55.37
C ARG C 309 3.27 27.06 -53.94
N ASP C 310 2.36 27.44 -53.07
CA ASP C 310 2.63 27.49 -51.64
C ASP C 310 2.96 26.12 -51.07
N VAL C 311 2.20 25.12 -51.48
CA VAL C 311 2.43 23.74 -51.04
C VAL C 311 3.87 23.27 -51.40
N ILE C 312 4.23 23.52 -52.67
CA ILE C 312 5.52 23.17 -53.22
C ILE C 312 6.60 23.88 -52.41
N TYR C 313 6.39 25.19 -52.18
CA TYR C 313 7.33 25.94 -51.39
C TYR C 313 7.52 25.30 -49.99
N HIS C 314 6.41 24.95 -49.39
CA HIS C 314 6.40 24.35 -48.10
C HIS C 314 6.95 22.96 -48.14
N ILE C 315 6.37 22.09 -48.93
CA ILE C 315 6.96 20.78 -48.89
C ILE C 315 8.37 20.72 -49.46
N GLU C 316 8.69 21.58 -50.40
CA GLU C 316 10.05 21.49 -50.94
C GLU C 316 10.29 20.23 -51.76
N THR C 317 9.35 19.96 -52.66
CA THR C 317 9.44 18.81 -53.58
C THR C 317 8.72 19.00 -54.92
N TYR C 318 9.07 18.15 -55.87
CA TYR C 318 8.35 18.24 -57.13
C TYR C 318 7.64 16.91 -57.45
N ASP C 319 7.65 15.96 -56.52
CA ASP C 319 7.01 14.68 -56.77
C ASP C 319 5.52 14.80 -56.89
N VAL C 320 4.95 14.28 -57.98
CA VAL C 320 3.51 14.38 -58.23
C VAL C 320 2.60 13.89 -57.08
N THR C 321 2.80 12.63 -56.74
CA THR C 321 2.09 11.92 -55.71
C THR C 321 2.03 12.77 -54.47
N THR C 322 3.23 13.18 -54.02
CA THR C 322 3.35 14.05 -52.84
C THR C 322 2.54 15.37 -52.89
N ILE C 323 2.72 16.15 -53.94
CA ILE C 323 1.98 17.39 -54.06
C ILE C 323 0.49 17.16 -54.06
N ARG C 324 0.10 16.10 -54.76
CA ARG C 324 -1.31 15.77 -54.88
C ARG C 324 -1.91 15.57 -53.51
N ALA C 325 -1.22 14.74 -52.75
CA ALA C 325 -1.67 14.41 -51.40
C ALA C 325 -1.47 15.50 -50.31
N SER C 326 -0.41 16.27 -50.44
CA SER C 326 -0.08 17.28 -49.47
C SER C 326 -1.00 18.45 -49.50
N THR C 327 -1.48 18.77 -50.69
CA THR C 327 -2.33 19.92 -50.78
C THR C 327 -3.51 19.97 -49.87
N PRO C 328 -4.25 18.89 -49.85
CA PRO C 328 -5.43 18.85 -49.00
C PRO C 328 -5.05 18.91 -47.51
N MET C 329 -3.90 18.31 -47.17
CA MET C 329 -3.33 18.30 -45.80
C MET C 329 -3.01 19.71 -45.36
N TYR C 330 -2.42 20.38 -46.30
CA TYR C 330 -2.06 21.78 -46.19
C TYR C 330 -3.26 22.65 -45.91
N LEU C 331 -4.34 22.43 -46.60
CA LEU C 331 -5.50 23.27 -46.39
C LEU C 331 -6.13 22.97 -45.06
N MET C 332 -6.14 21.68 -44.77
CA MET C 332 -6.70 21.19 -43.51
C MET C 332 -5.99 21.83 -42.34
N SER C 333 -4.66 21.78 -42.36
CA SER C 333 -3.83 22.41 -41.31
C SER C 333 -4.23 23.87 -41.05
N ARG C 334 -4.40 24.59 -42.15
CA ARG C 334 -4.76 25.99 -42.04
C ARG C 334 -6.01 26.16 -41.19
N LYS C 335 -6.96 25.25 -41.34
CA LYS C 335 -8.22 25.25 -40.62
C LYS C 335 -8.05 24.87 -39.19
N ILE C 336 -7.25 23.86 -38.99
CA ILE C 336 -6.99 23.39 -37.65
C ILE C 336 -6.40 24.50 -36.80
N LYS C 337 -5.40 25.16 -37.39
CA LYS C 337 -4.72 26.25 -36.69
C LYS C 337 -5.67 27.36 -36.42
N ALA C 338 -6.56 27.59 -37.36
CA ALA C 338 -7.50 28.68 -37.17
C ALA C 338 -8.41 28.32 -36.01
N MET C 339 -8.45 27.01 -35.60
CA MET C 339 -9.28 26.48 -34.50
C MET C 339 -8.65 26.75 -33.19
N GLY C 340 -7.33 26.76 -33.23
CA GLY C 340 -6.55 26.96 -32.05
C GLY C 340 -5.91 25.66 -31.63
N ILE C 341 -5.89 24.71 -32.56
CA ILE C 341 -5.24 23.45 -32.26
C ILE C 341 -3.81 23.47 -32.79
N LYS C 342 -2.82 23.17 -31.92
CA LYS C 342 -1.41 23.20 -32.23
C LYS C 342 -0.75 21.87 -32.48
N MET C 343 -1.46 20.80 -32.22
CA MET C 343 -0.88 19.49 -32.40
C MET C 343 -1.99 18.55 -32.79
N VAL C 344 -1.63 17.55 -33.57
CA VAL C 344 -2.52 16.48 -33.99
C VAL C 344 -1.72 15.19 -34.13
N LEU C 345 -2.43 14.05 -34.04
CA LEU C 345 -1.83 12.73 -34.21
C LEU C 345 -2.44 12.15 -35.47
N SER C 346 -1.62 11.49 -36.30
CA SER C 346 -2.07 10.90 -37.55
C SER C 346 -1.65 9.45 -37.68
N GLY C 347 -2.17 8.77 -38.71
CA GLY C 347 -1.84 7.37 -38.90
C GLY C 347 -0.67 6.97 -39.78
N GLU C 348 0.01 7.93 -40.39
CA GLU C 348 1.11 7.61 -41.28
C GLU C 348 2.10 6.64 -40.70
N GLY C 349 2.65 5.77 -41.52
CA GLY C 349 3.65 4.82 -41.04
C GLY C 349 3.09 3.43 -40.85
N SER C 350 1.76 3.42 -40.82
CA SER C 350 1.03 2.18 -40.63
C SER C 350 1.33 1.19 -41.73
N ASP C 351 0.90 1.61 -42.90
CA ASP C 351 1.06 0.77 -44.05
C ASP C 351 2.47 0.34 -44.27
N GLU C 352 3.37 1.29 -44.12
CA GLU C 352 4.79 1.05 -44.32
C GLU C 352 5.33 0.01 -43.35
N VAL C 353 4.76 -0.07 -42.15
CA VAL C 353 5.18 -1.04 -41.16
C VAL C 353 4.53 -2.43 -41.31
N PHE C 354 3.28 -2.44 -41.74
CA PHE C 354 2.48 -3.65 -41.83
C PHE C 354 2.18 -4.16 -43.23
N GLY C 355 2.72 -3.53 -44.25
CA GLY C 355 2.45 -3.96 -45.61
C GLY C 355 0.96 -3.74 -45.81
N GLY C 356 0.56 -2.48 -45.56
CA GLY C 356 -0.82 -2.00 -45.67
C GLY C 356 -1.25 -1.58 -47.07
N TYR C 357 -0.35 -1.71 -48.04
CA TYR C 357 -0.70 -1.37 -49.41
C TYR C 357 -1.15 -2.60 -50.21
N LEU C 358 -2.05 -2.38 -51.17
CA LEU C 358 -2.50 -3.50 -51.99
C LEU C 358 -1.30 -4.17 -52.60
N TYR C 359 -0.39 -3.36 -53.15
CA TYR C 359 0.81 -3.91 -53.73
C TYR C 359 1.57 -4.87 -52.82
N PHE C 360 1.10 -4.97 -51.57
CA PHE C 360 1.70 -5.85 -50.58
C PHE C 360 1.03 -7.20 -50.72
N HIS C 361 -0.02 -7.18 -51.54
CA HIS C 361 -0.79 -8.37 -51.81
C HIS C 361 -0.03 -9.31 -52.74
N LYS C 362 0.42 -8.75 -53.88
CA LYS C 362 1.15 -9.50 -54.88
C LYS C 362 2.53 -9.89 -54.40
N ALA C 363 2.68 -9.84 -53.09
CA ALA C 363 3.94 -10.16 -52.43
C ALA C 363 4.29 -11.65 -52.47
N PRO C 364 5.47 -11.90 -53.04
CA PRO C 364 6.03 -13.23 -53.21
C PRO C 364 5.89 -14.17 -52.03
N ASN C 365 6.79 -13.98 -51.07
CA ASN C 365 6.85 -14.75 -49.85
C ASN C 365 7.05 -13.77 -48.68
N ALA C 366 7.50 -14.25 -47.53
CA ALA C 366 7.68 -13.37 -46.39
C ALA C 366 8.82 -12.38 -46.45
N LYS C 367 9.99 -12.95 -46.71
CA LYS C 367 11.24 -12.27 -46.83
C LYS C 367 11.03 -10.98 -47.55
N GLU C 368 10.45 -11.17 -48.73
CA GLU C 368 10.11 -10.12 -49.66
C GLU C 368 9.38 -9.02 -48.94
N LEU C 369 8.33 -9.41 -48.21
CA LEU C 369 7.50 -8.48 -47.48
C LEU C 369 8.27 -7.66 -46.48
N HIS C 370 8.93 -8.40 -45.62
CA HIS C 370 9.72 -7.82 -44.59
C HIS C 370 10.68 -6.86 -45.21
N GLU C 371 11.43 -7.39 -46.14
CA GLU C 371 12.40 -6.58 -46.82
C GLU C 371 11.88 -5.30 -47.46
N GLU C 372 10.65 -5.30 -47.97
CA GLU C 372 10.09 -4.09 -48.56
C GLU C 372 9.61 -3.11 -47.47
N THR C 373 9.03 -3.64 -46.40
CA THR C 373 8.57 -2.81 -45.31
C THR C 373 9.75 -2.09 -44.70
N VAL C 374 10.79 -2.86 -44.43
CA VAL C 374 11.95 -2.26 -43.88
C VAL C 374 12.57 -1.22 -44.85
N ARG C 375 12.31 -1.40 -46.11
CA ARG C 375 12.86 -0.51 -47.11
C ARG C 375 11.99 0.73 -47.15
N LYS C 376 10.71 0.46 -47.04
CA LYS C 376 9.77 1.54 -47.06
C LYS C 376 9.96 2.41 -45.81
N LEU C 377 10.42 1.78 -44.73
CA LEU C 377 10.65 2.50 -43.49
C LEU C 377 11.76 3.49 -43.58
N LEU C 378 12.82 3.08 -44.22
CA LEU C 378 14.00 3.89 -44.37
C LEU C 378 13.98 5.07 -45.33
N ALA C 379 12.99 5.12 -46.22
CA ALA C 379 12.87 6.18 -47.19
C ALA C 379 11.73 7.15 -46.89
N LEU C 380 10.94 6.79 -45.89
CA LEU C 380 9.81 7.58 -45.45
C LEU C 380 10.13 9.04 -45.26
N HIS C 381 11.35 9.25 -44.75
CA HIS C 381 11.82 10.59 -44.49
C HIS C 381 11.73 11.48 -45.71
N MET C 382 11.68 10.88 -46.91
CA MET C 382 11.55 11.63 -48.14
C MET C 382 10.11 11.70 -48.61
N TYR C 383 9.35 10.68 -48.19
CA TYR C 383 7.97 10.56 -48.61
C TYR C 383 6.92 10.99 -47.61
N ASP C 384 6.32 10.03 -46.95
CA ASP C 384 5.25 10.34 -46.02
C ASP C 384 5.58 11.37 -44.93
N CYS C 385 6.77 11.25 -44.34
CA CYS C 385 7.16 12.14 -43.24
C CYS C 385 7.35 13.58 -43.58
N ALA C 386 7.82 13.81 -44.78
CA ALA C 386 8.03 15.17 -45.18
C ALA C 386 6.70 15.84 -45.46
N ARG C 387 5.80 15.11 -46.06
CA ARG C 387 4.50 15.70 -46.34
C ARG C 387 3.83 16.06 -45.04
N ALA C 388 3.75 15.04 -44.20
CA ALA C 388 3.07 15.22 -42.96
C ALA C 388 3.67 16.33 -42.15
N ASN C 389 4.97 16.23 -42.01
CA ASN C 389 5.59 17.25 -41.21
C ASN C 389 5.44 18.66 -41.73
N LYS C 390 5.89 18.77 -42.97
CA LYS C 390 5.95 20.01 -43.71
C LYS C 390 4.62 20.64 -44.05
N ALA C 391 3.65 19.82 -44.39
CA ALA C 391 2.37 20.35 -44.75
C ALA C 391 1.66 20.95 -43.55
N MET C 392 1.90 20.34 -42.39
CA MET C 392 1.28 20.74 -41.12
C MET C 392 1.98 21.94 -40.52
N SER C 393 3.28 21.85 -40.55
CA SER C 393 4.10 22.92 -40.03
C SER C 393 3.89 24.23 -40.79
N ALA C 394 3.36 24.14 -42.02
CA ALA C 394 3.13 25.34 -42.83
C ALA C 394 2.25 26.32 -42.14
N TRP C 395 1.44 25.80 -41.24
CA TRP C 395 0.50 26.65 -40.56
C TRP C 395 0.76 26.66 -39.09
N GLY C 396 1.87 26.08 -38.68
CA GLY C 396 2.11 26.06 -37.26
C GLY C 396 1.33 24.98 -36.46
N VAL C 397 1.19 23.80 -37.07
CA VAL C 397 0.59 22.67 -36.41
C VAL C 397 1.63 21.56 -36.33
N GLU C 398 1.80 20.96 -35.15
CA GLU C 398 2.73 19.86 -35.06
C GLU C 398 1.97 18.56 -35.32
N ALA C 399 2.52 17.70 -36.13
CA ALA C 399 1.87 16.47 -36.46
C ALA C 399 2.52 15.28 -35.76
N ARG C 400 1.76 14.43 -35.09
CA ARG C 400 2.37 13.27 -34.40
C ARG C 400 2.04 11.95 -35.08
N VAL C 401 3.05 11.03 -35.09
CA VAL C 401 2.95 9.72 -35.73
C VAL C 401 3.37 8.52 -34.85
N PRO C 402 2.49 8.13 -33.91
CA PRO C 402 2.78 6.99 -33.02
C PRO C 402 3.16 5.69 -33.73
N PHE C 403 2.57 5.42 -34.92
CA PHE C 403 2.91 4.22 -35.67
C PHE C 403 4.39 4.19 -35.95
N LEU C 404 5.02 5.39 -35.91
CA LEU C 404 6.44 5.50 -36.16
C LEU C 404 7.35 5.53 -34.95
N ASP C 405 6.73 5.44 -33.79
CA ASP C 405 7.49 5.39 -32.55
C ASP C 405 8.61 4.32 -32.61
N LYS C 406 9.76 4.64 -32.03
CA LYS C 406 10.96 3.82 -32.00
C LYS C 406 10.75 2.50 -31.29
N LYS C 407 10.03 2.58 -30.19
CA LYS C 407 9.72 1.43 -29.41
C LYS C 407 8.68 0.61 -30.17
N PHE C 408 7.57 1.25 -30.56
CA PHE C 408 6.54 0.54 -31.29
C PHE C 408 7.11 -0.19 -32.48
N LEU C 409 8.05 0.47 -33.14
CA LEU C 409 8.62 -0.14 -34.32
C LEU C 409 9.23 -1.45 -33.91
N ASP C 410 9.80 -1.40 -32.73
CA ASP C 410 10.40 -2.61 -32.25
C ASP C 410 9.47 -3.82 -32.07
N VAL C 411 8.21 -3.62 -31.80
CA VAL C 411 7.31 -4.78 -31.70
C VAL C 411 6.72 -5.06 -33.08
N ALA C 412 6.27 -4.00 -33.70
CA ALA C 412 5.69 -4.07 -35.01
C ALA C 412 6.67 -4.75 -35.95
N MET C 413 7.96 -4.50 -35.81
CA MET C 413 8.91 -5.13 -36.69
C MET C 413 9.46 -6.40 -36.11
N ARG C 414 8.99 -6.79 -34.95
CA ARG C 414 9.53 -8.00 -34.41
C ARG C 414 8.59 -9.18 -34.57
N ILE C 415 7.37 -8.87 -34.95
CA ILE C 415 6.41 -9.93 -35.15
C ILE C 415 6.76 -10.72 -36.41
N ASN C 416 5.99 -11.76 -36.72
CA ASN C 416 6.29 -12.51 -37.91
C ASN C 416 5.69 -11.89 -39.17
N PRO C 417 6.57 -11.60 -40.18
CA PRO C 417 6.14 -10.99 -41.42
C PRO C 417 5.06 -11.83 -42.07
N GLN C 418 5.15 -13.13 -41.76
CA GLN C 418 4.17 -14.09 -42.21
C GLN C 418 2.82 -13.49 -41.87
N ASP C 419 2.72 -13.07 -40.63
CA ASP C 419 1.52 -12.47 -40.10
C ASP C 419 1.14 -11.19 -40.79
N LYS C 420 2.10 -10.66 -41.51
CA LYS C 420 1.82 -9.45 -42.23
C LYS C 420 1.20 -9.75 -43.58
N MET C 421 1.44 -10.98 -44.04
CA MET C 421 0.95 -11.52 -45.31
C MET C 421 -0.55 -11.38 -45.57
N CYS C 422 -0.91 -11.01 -46.83
CA CYS C 422 -2.31 -10.83 -47.27
C CYS C 422 -2.87 -12.05 -48.02
N LYS C 426 -5.12 -12.26 -45.85
CA LYS C 426 -6.30 -11.92 -46.63
C LYS C 426 -6.31 -10.43 -46.85
N MET C 427 -6.73 -9.71 -45.81
CA MET C 427 -6.78 -8.25 -45.78
C MET C 427 -5.40 -7.76 -45.46
N GLU C 428 -5.05 -6.69 -46.17
CA GLU C 428 -3.77 -6.03 -46.10
C GLU C 428 -3.15 -6.06 -44.73
N LYS C 429 -3.76 -5.35 -43.76
CA LYS C 429 -3.18 -5.37 -42.43
C LYS C 429 -4.10 -6.04 -41.46
N HIS C 430 -4.55 -7.21 -41.89
CA HIS C 430 -5.47 -8.03 -41.16
C HIS C 430 -5.14 -8.02 -39.67
N ILE C 431 -3.91 -8.41 -39.40
CA ILE C 431 -3.37 -8.50 -38.07
C ILE C 431 -3.72 -7.30 -37.21
N LEU C 432 -3.63 -6.17 -37.86
CA LEU C 432 -3.88 -4.92 -37.21
C LEU C 432 -5.32 -4.76 -36.88
N ARG C 433 -6.15 -5.00 -37.90
CA ARG C 433 -7.59 -4.92 -37.74
C ARG C 433 -7.97 -5.94 -36.72
N GLU C 434 -7.14 -6.95 -36.68
CA GLU C 434 -7.36 -7.96 -35.70
C GLU C 434 -7.23 -7.32 -34.30
N CYS C 435 -6.01 -6.91 -33.94
CA CYS C 435 -5.73 -6.33 -32.63
C CYS C 435 -6.60 -5.21 -32.18
N PHE C 436 -7.11 -4.43 -33.09
CA PHE C 436 -7.88 -3.33 -32.61
C PHE C 436 -9.34 -3.42 -32.85
N GLU C 437 -9.74 -4.62 -33.24
CA GLU C 437 -11.11 -4.88 -33.60
C GLU C 437 -12.12 -4.24 -32.63
N ALA C 438 -11.91 -4.46 -31.35
CA ALA C 438 -12.84 -3.90 -30.36
C ALA C 438 -13.04 -2.37 -30.31
N TYR C 439 -12.24 -1.58 -31.02
CA TYR C 439 -12.46 -0.14 -30.94
C TYR C 439 -13.54 0.33 -31.88
N LEU C 440 -13.36 -0.07 -33.13
CA LEU C 440 -14.23 0.42 -34.17
C LEU C 440 -15.36 -0.46 -34.60
N PRO C 441 -16.18 0.17 -35.44
CA PRO C 441 -17.30 -0.50 -36.04
C PRO C 441 -16.72 -1.36 -37.16
N ALA C 442 -17.07 -2.64 -37.13
CA ALA C 442 -16.60 -3.63 -38.07
C ALA C 442 -16.45 -3.15 -39.50
N SER C 443 -17.34 -2.23 -39.93
CA SER C 443 -17.30 -1.67 -41.28
C SER C 443 -15.93 -1.00 -41.54
N VAL C 444 -15.47 -0.40 -40.45
CA VAL C 444 -14.23 0.34 -40.39
C VAL C 444 -13.02 -0.54 -40.23
N ALA C 445 -13.30 -1.65 -39.54
CA ALA C 445 -12.31 -2.65 -39.20
C ALA C 445 -11.77 -3.39 -40.42
N TRP C 446 -12.70 -3.59 -41.35
CA TRP C 446 -12.42 -4.28 -42.59
C TRP C 446 -12.95 -3.54 -43.81
N ARG C 447 -12.09 -2.63 -44.29
CA ARG C 447 -12.35 -1.82 -45.46
C ARG C 447 -11.28 -2.08 -46.51
N GLN C 448 -11.12 -1.17 -47.47
CA GLN C 448 -10.10 -1.37 -48.49
C GLN C 448 -9.84 -0.08 -49.30
N ASP C 454 -9.11 9.78 -55.65
CA ASP C 454 -10.47 9.24 -55.71
C ASP C 454 -11.19 9.24 -54.40
N GLY C 455 -10.40 9.23 -53.31
CA GLY C 455 -10.94 9.22 -51.94
C GLY C 455 -11.22 10.60 -51.40
N VAL C 456 -10.36 11.51 -51.78
CA VAL C 456 -10.52 12.88 -51.37
C VAL C 456 -11.48 13.56 -52.34
N GLY C 457 -11.75 12.80 -53.45
CA GLY C 457 -12.64 13.22 -54.53
C GLY C 457 -11.93 13.21 -55.91
N TYR C 458 -12.50 12.44 -56.82
CA TYR C 458 -12.02 12.26 -58.19
C TYR C 458 -11.50 13.52 -58.86
N SER C 459 -12.42 14.47 -58.97
CA SER C 459 -12.23 15.76 -59.59
C SER C 459 -10.99 16.50 -59.16
N TRP C 460 -10.42 16.16 -58.02
CA TRP C 460 -9.26 16.89 -57.62
C TRP C 460 -8.16 16.63 -58.59
N ILE C 461 -7.71 15.42 -58.55
CA ILE C 461 -6.64 15.01 -59.41
C ILE C 461 -6.98 15.19 -60.88
N ASP C 462 -8.24 15.12 -61.19
CA ASP C 462 -8.64 15.27 -62.55
C ASP C 462 -8.27 16.64 -63.00
N THR C 463 -8.72 17.57 -62.20
CA THR C 463 -8.47 18.95 -62.53
C THR C 463 -7.00 19.20 -62.60
N LEU C 464 -6.33 18.54 -61.71
CA LEU C 464 -4.92 18.69 -61.63
C LEU C 464 -4.32 18.37 -62.98
N LYS C 465 -4.70 17.21 -63.49
CA LYS C 465 -4.24 16.72 -64.77
C LYS C 465 -4.60 17.67 -65.88
N GLU C 466 -5.87 18.08 -65.86
CA GLU C 466 -6.38 18.97 -66.88
C GLU C 466 -5.61 20.25 -67.02
N VAL C 467 -5.32 20.86 -65.88
CA VAL C 467 -4.56 22.11 -65.84
C VAL C 467 -3.16 22.00 -66.43
N ALA C 468 -2.48 20.91 -66.13
CA ALA C 468 -1.16 20.63 -66.62
C ALA C 468 -1.18 20.42 -68.14
N ALA C 469 -2.29 19.85 -68.64
CA ALA C 469 -2.44 19.59 -70.09
C ALA C 469 -2.52 20.89 -70.87
N GLN C 470 -3.20 21.85 -70.25
CA GLN C 470 -3.38 23.17 -70.77
C GLN C 470 -2.06 23.89 -70.93
N GLN C 471 -1.57 24.24 -69.76
CA GLN C 471 -0.35 24.99 -69.47
C GLN C 471 0.96 24.51 -70.07
N VAL C 472 1.16 23.19 -70.05
CA VAL C 472 2.37 22.65 -70.59
C VAL C 472 2.20 22.24 -72.04
N SER C 473 3.15 22.61 -72.89
CA SER C 473 3.04 22.25 -74.29
C SER C 473 3.64 20.88 -74.53
N ASP C 474 3.21 20.28 -75.64
CA ASP C 474 3.69 18.98 -76.04
C ASP C 474 5.18 19.14 -76.26
N GLN C 475 5.52 20.29 -76.86
CA GLN C 475 6.89 20.59 -77.14
C GLN C 475 7.75 20.72 -75.89
N GLN C 476 7.27 21.51 -74.90
CA GLN C 476 8.00 21.70 -73.65
C GLN C 476 8.29 20.37 -73.08
N LEU C 477 7.25 19.55 -73.04
CA LEU C 477 7.52 18.23 -72.51
C LEU C 477 8.47 17.47 -73.42
N GLU C 478 8.43 17.75 -74.70
CA GLU C 478 9.30 17.02 -75.58
C GLU C 478 10.76 17.31 -75.33
N THR C 479 11.10 18.57 -75.09
CA THR C 479 12.51 18.88 -74.89
C THR C 479 12.92 19.13 -73.46
N ALA C 480 12.10 18.67 -72.53
CA ALA C 480 12.38 18.89 -71.10
C ALA C 480 13.79 18.53 -70.57
N ARG C 481 14.45 17.56 -71.15
CA ARG C 481 15.78 17.18 -70.69
C ARG C 481 16.78 18.34 -70.83
N PHE C 482 16.47 19.25 -71.75
CA PHE C 482 17.30 20.37 -72.08
C PHE C 482 17.17 21.42 -71.02
N ARG C 483 15.98 21.44 -70.45
CA ARG C 483 15.61 22.36 -69.39
C ARG C 483 15.83 21.79 -68.00
N PHE C 484 15.46 20.52 -67.80
CA PHE C 484 15.59 19.84 -66.53
C PHE C 484 16.24 18.49 -66.71
N PRO C 485 17.53 18.56 -66.93
CA PRO C 485 18.38 17.42 -67.17
C PRO C 485 18.29 16.36 -66.10
N TYR C 486 18.23 16.83 -64.87
CA TYR C 486 18.16 15.92 -63.76
C TYR C 486 16.74 15.54 -63.41
N ASN C 487 16.48 14.23 -63.37
CA ASN C 487 15.13 13.80 -63.01
C ASN C 487 14.12 14.42 -63.91
N THR C 488 14.36 14.34 -65.22
CA THR C 488 13.41 15.00 -66.10
C THR C 488 11.98 14.53 -65.90
N PRO C 489 11.06 15.48 -65.89
CA PRO C 489 9.66 15.15 -65.79
C PRO C 489 9.25 14.48 -67.08
N THR C 490 8.50 13.36 -66.94
CA THR C 490 8.01 12.56 -68.06
C THR C 490 6.52 12.73 -68.38
N SER C 491 5.87 13.64 -67.65
CA SER C 491 4.47 13.97 -67.80
C SER C 491 4.34 15.46 -67.70
N LYS C 492 3.18 16.00 -68.09
CA LYS C 492 3.00 17.43 -68.04
C LYS C 492 2.79 17.94 -66.62
N GLU C 493 2.11 17.17 -65.79
CA GLU C 493 1.87 17.57 -64.42
C GLU C 493 3.20 17.60 -63.67
N ALA C 494 4.00 16.58 -63.90
CA ALA C 494 5.32 16.59 -63.28
C ALA C 494 6.11 17.84 -63.69
N TYR C 495 6.10 18.10 -65.00
CA TYR C 495 6.79 19.23 -65.63
C TYR C 495 6.47 20.46 -64.86
N LEU C 496 5.17 20.67 -64.76
CA LEU C 496 4.51 21.80 -64.11
C LEU C 496 4.94 22.07 -62.69
N TYR C 497 5.06 21.01 -61.91
CA TYR C 497 5.47 21.15 -60.51
C TYR C 497 6.95 21.46 -60.45
N ARG C 498 7.69 20.83 -61.35
CA ARG C 498 9.13 20.99 -61.44
C ARG C 498 9.54 22.41 -61.78
N GLU C 499 8.73 23.10 -62.58
CA GLU C 499 9.02 24.48 -63.01
C GLU C 499 8.92 25.41 -61.84
N ILE C 500 7.94 25.10 -61.02
CA ILE C 500 7.69 25.90 -59.85
C ILE C 500 8.82 25.66 -58.90
N PHE C 501 9.10 24.37 -58.68
CA PHE C 501 10.18 24.00 -57.77
C PHE C 501 11.46 24.73 -58.11
N GLU C 502 11.85 24.63 -59.34
CA GLU C 502 13.08 25.23 -59.75
C GLU C 502 13.06 26.71 -59.58
N GLU C 503 11.86 27.29 -59.71
CA GLU C 503 11.67 28.72 -59.60
C GLU C 503 11.93 29.16 -58.18
N LEU C 504 11.42 28.32 -57.30
CA LEU C 504 11.54 28.54 -55.89
C LEU C 504 12.90 28.17 -55.35
N PHE C 505 13.42 27.03 -55.80
CA PHE C 505 14.69 26.46 -55.37
C PHE C 505 15.70 26.34 -56.52
N PRO C 506 16.30 27.48 -56.85
CA PRO C 506 17.24 27.64 -57.95
C PRO C 506 18.64 27.14 -57.62
N LEU C 507 18.67 25.95 -57.09
CA LEU C 507 19.92 25.34 -56.75
C LEU C 507 19.85 23.92 -57.29
N PRO C 508 20.89 23.55 -58.03
CA PRO C 508 20.95 22.23 -58.62
C PRO C 508 20.85 21.14 -57.58
N SER C 509 21.52 21.40 -56.46
CA SER C 509 21.58 20.60 -55.25
C SER C 509 20.19 20.18 -54.78
N ALA C 510 19.33 21.19 -54.72
CA ALA C 510 17.94 21.10 -54.28
C ALA C 510 17.14 20.06 -55.00
N ALA C 511 17.18 20.14 -56.32
CA ALA C 511 16.42 19.19 -57.08
C ALA C 511 16.85 17.79 -56.79
N GLU C 512 18.11 17.66 -56.35
CA GLU C 512 18.67 16.36 -56.08
C GLU C 512 18.28 15.81 -54.74
N CYS C 513 17.76 16.65 -53.87
CA CYS C 513 17.32 16.11 -52.59
C CYS C 513 16.05 15.33 -52.81
N VAL C 514 15.46 15.60 -53.97
CA VAL C 514 14.24 14.97 -54.41
C VAL C 514 14.64 13.67 -55.16
N PRO C 515 14.25 12.50 -54.61
CA PRO C 515 14.59 11.15 -55.05
C PRO C 515 14.21 10.74 -56.46
N GLY C 516 15.23 10.21 -57.16
CA GLY C 516 15.08 9.73 -58.54
C GLY C 516 13.85 8.83 -58.66
N ALA D 1 10.38 -28.18 38.87
CA ALA D 1 10.08 -27.44 37.67
C ALA D 1 10.62 -28.23 36.52
N SER D 2 10.27 -27.84 35.32
CA SER D 2 10.88 -28.49 34.18
C SER D 2 11.50 -27.40 33.31
N ILE D 3 12.60 -27.71 32.63
CA ILE D 3 13.08 -26.74 31.66
C ILE D 3 13.07 -27.35 30.28
N PHE D 4 12.85 -26.52 29.24
CA PHE D 4 12.89 -27.00 27.86
C PHE D 4 13.43 -25.91 26.98
N GLY D 5 14.51 -26.22 26.25
CA GLY D 5 15.08 -25.19 25.39
C GLY D 5 15.44 -25.61 23.97
N VAL D 6 15.28 -24.66 23.07
CA VAL D 6 15.68 -24.93 21.68
C VAL D 6 16.65 -23.83 21.24
N PHE D 7 17.83 -24.25 20.78
CA PHE D 7 18.90 -23.34 20.36
C PHE D 7 19.42 -23.64 18.99
N ASP D 8 20.07 -22.66 18.35
CA ASP D 8 20.63 -22.86 17.00
C ASP D 8 19.54 -23.14 15.95
N ILE D 9 18.48 -22.37 16.06
CA ILE D 9 17.38 -22.48 15.19
C ILE D 9 17.75 -22.21 13.75
N LYS D 10 17.36 -23.16 12.90
CA LYS D 10 17.60 -23.11 11.47
C LYS D 10 16.28 -23.31 10.72
N THR D 11 15.14 -23.16 11.40
CA THR D 11 13.84 -23.37 10.76
C THR D 11 12.81 -22.34 11.17
N ASP D 12 11.55 -22.63 10.80
CA ASP D 12 10.46 -21.74 11.13
C ASP D 12 10.38 -21.72 12.65
N ALA D 13 10.72 -20.57 13.21
CA ALA D 13 10.72 -20.44 14.64
C ALA D 13 9.32 -20.48 15.16
N VAL D 14 8.42 -20.13 14.29
CA VAL D 14 7.05 -20.13 14.69
C VAL D 14 6.60 -21.53 14.99
N GLU D 15 6.84 -22.37 14.02
CA GLU D 15 6.47 -23.74 14.14
C GLU D 15 7.18 -24.38 15.30
N LEU D 16 8.38 -23.90 15.53
CA LEU D 16 9.15 -24.49 16.61
C LEU D 16 8.57 -24.22 17.96
N ARG D 17 8.05 -22.99 18.09
CA ARG D 17 7.45 -22.54 19.33
C ARG D 17 6.21 -23.36 19.66
N LYS D 18 5.40 -23.60 18.65
CA LYS D 18 4.19 -24.38 18.82
C LYS D 18 4.56 -25.78 19.33
N LYS D 19 5.59 -26.34 18.69
CA LYS D 19 6.09 -27.64 19.05
C LYS D 19 6.63 -27.62 20.49
N ALA D 20 7.39 -26.57 20.84
CA ALA D 20 7.98 -26.47 22.18
C ALA D 20 6.92 -26.50 23.30
N LEU D 21 5.79 -25.88 23.01
CA LEU D 21 4.74 -25.83 23.97
C LEU D 21 4.30 -27.24 24.35
N GLU D 22 4.25 -28.02 23.28
CA GLU D 22 3.80 -29.40 23.32
C GLU D 22 4.73 -30.32 24.09
N LEU D 23 6.01 -30.24 23.78
CA LEU D 23 7.04 -31.04 24.40
C LEU D 23 7.29 -30.70 25.85
N SER D 24 7.16 -29.41 26.18
CA SER D 24 7.36 -28.91 27.52
C SER D 24 6.27 -29.45 28.41
N ARG D 25 5.06 -29.41 27.87
CA ARG D 25 3.88 -29.87 28.55
C ARG D 25 4.08 -31.36 28.91
N LEU D 26 4.91 -32.09 28.15
CA LEU D 26 5.10 -33.47 28.49
C LEU D 26 5.71 -33.60 29.84
N MET D 27 6.34 -32.53 30.36
CA MET D 27 6.99 -32.63 31.68
C MET D 27 6.30 -31.80 32.77
N ARG D 28 5.11 -31.40 32.47
CA ARG D 28 4.33 -30.56 33.35
C ARG D 28 4.11 -31.16 34.74
N HIS D 29 4.27 -32.46 34.97
CA HIS D 29 4.12 -32.98 36.33
C HIS D 29 5.20 -32.43 37.28
N ARG D 30 6.33 -32.05 36.68
CA ARG D 30 7.43 -31.54 37.43
C ARG D 30 7.11 -30.10 37.90
N GLY D 31 6.22 -29.41 37.17
CA GLY D 31 5.91 -28.04 37.47
C GLY D 31 4.48 -27.72 37.32
N PRO D 32 3.67 -28.22 38.24
CA PRO D 32 2.25 -28.02 38.11
C PRO D 32 1.72 -26.63 38.33
N ASP D 33 2.53 -25.77 38.93
CA ASP D 33 2.08 -24.43 39.28
C ASP D 33 1.73 -23.44 38.17
N TRP D 34 2.65 -23.32 37.21
CA TRP D 34 2.49 -22.39 36.10
C TRP D 34 3.50 -22.69 34.99
N SER D 35 3.11 -22.17 33.85
CA SER D 35 3.84 -22.29 32.62
C SER D 35 4.37 -20.94 32.14
N GLY D 36 5.62 -21.02 31.69
CA GLY D 36 6.34 -19.91 31.10
C GLY D 36 7.08 -20.33 29.80
N ILE D 37 7.15 -19.38 28.86
CA ILE D 37 7.86 -19.55 27.59
C ILE D 37 8.46 -18.23 27.09
N TYR D 38 9.61 -18.36 26.49
CA TYR D 38 10.27 -17.24 25.87
C TYR D 38 10.59 -17.77 24.52
N ALA D 39 10.25 -17.05 23.48
CA ALA D 39 10.57 -17.55 22.16
C ALA D 39 10.98 -16.44 21.20
N SER D 40 12.08 -16.61 20.51
CA SER D 40 12.52 -15.58 19.57
C SER D 40 12.83 -16.32 18.31
N ASP D 41 13.51 -15.64 17.43
CA ASP D 41 13.89 -16.26 16.17
C ASP D 41 15.09 -17.12 16.39
N ASN D 42 15.79 -16.88 17.51
CA ASN D 42 17.00 -17.66 17.71
C ASN D 42 17.02 -18.63 18.84
N ALA D 43 16.03 -18.44 19.72
CA ALA D 43 15.93 -19.31 20.87
C ALA D 43 14.56 -19.41 21.47
N ILE D 44 14.34 -20.58 22.12
CA ILE D 44 13.13 -20.89 22.89
C ILE D 44 13.48 -21.40 24.31
N LEU D 45 12.84 -20.86 25.31
CA LEU D 45 13.04 -21.32 26.67
C LEU D 45 11.63 -21.51 27.24
N ALA D 46 11.27 -22.81 27.49
CA ALA D 46 9.93 -23.14 28.02
C ALA D 46 10.09 -23.64 29.46
N HIS D 47 9.21 -23.16 30.38
CA HIS D 47 9.29 -23.53 31.80
C HIS D 47 7.95 -23.93 32.41
N GLU D 48 8.02 -24.98 33.26
CA GLU D 48 6.92 -25.51 34.06
C GLU D 48 7.47 -25.43 35.49
N ARG D 49 6.77 -24.60 36.25
CA ARG D 49 7.12 -24.32 37.63
C ARG D 49 6.38 -25.06 38.75
N LEU D 50 7.23 -25.33 39.71
CA LEU D 50 6.92 -25.81 40.99
C LEU D 50 7.46 -24.69 41.91
N SER D 51 6.62 -23.83 42.37
CA SER D 51 7.11 -22.75 43.20
C SER D 51 7.41 -23.15 44.64
N ILE D 52 8.68 -23.09 45.01
CA ILE D 52 9.11 -23.42 46.38
C ILE D 52 9.55 -22.18 47.20
N VAL D 53 10.20 -21.30 46.51
CA VAL D 53 10.68 -20.05 47.06
C VAL D 53 10.12 -18.91 46.19
N ASP D 54 9.64 -17.81 46.81
CA ASP D 54 9.11 -16.68 46.04
C ASP D 54 7.97 -17.11 45.13
N VAL D 55 6.95 -17.51 45.84
CA VAL D 55 5.77 -17.98 45.17
C VAL D 55 5.20 -17.02 44.15
N ASN D 56 4.76 -15.91 44.70
CA ASN D 56 4.15 -14.85 43.92
C ASN D 56 5.00 -14.34 42.77
N ALA D 57 6.25 -13.99 43.06
CA ALA D 57 7.06 -13.41 42.01
C ALA D 57 8.14 -14.24 41.40
N GLY D 58 8.32 -15.50 41.80
CA GLY D 58 9.41 -16.27 41.20
C GLY D 58 9.06 -16.80 39.81
N ALA D 59 8.22 -16.13 39.04
CA ALA D 59 7.83 -16.62 37.73
C ALA D 59 9.01 -16.83 36.80
N GLN D 60 8.99 -17.85 35.94
CA GLN D 60 10.07 -18.13 35.00
C GLN D 60 9.50 -18.24 33.60
N PRO D 61 10.28 -17.97 32.55
CA PRO D 61 11.69 -17.56 32.57
C PRO D 61 11.87 -16.21 33.27
N LEU D 62 12.98 -16.10 33.98
CA LEU D 62 13.36 -14.87 34.68
C LEU D 62 14.06 -13.97 33.66
N TYR D 63 13.73 -12.66 33.66
CA TYR D 63 14.31 -11.75 32.69
C TYR D 63 15.21 -10.68 33.20
N ASN D 64 16.05 -10.31 32.26
CA ASN D 64 17.00 -9.28 32.41
C ASN D 64 16.25 -8.11 32.93
N GLN D 65 16.94 -7.31 33.67
CA GLN D 65 16.32 -6.10 34.14
C GLN D 65 15.98 -5.32 32.85
N GLN D 66 17.01 -5.24 31.99
CA GLN D 66 16.93 -4.66 30.66
C GLN D 66 16.10 -5.58 29.79
N LYS D 67 15.89 -6.79 30.25
CA LYS D 67 15.19 -7.77 29.48
C LYS D 67 15.99 -8.34 28.29
N THR D 68 17.33 -8.44 28.32
CA THR D 68 18.11 -8.97 27.20
C THR D 68 18.66 -10.33 27.46
N HIS D 69 18.50 -10.74 28.71
CA HIS D 69 18.95 -12.04 29.14
C HIS D 69 17.73 -12.76 29.68
N VAL D 70 17.55 -14.03 29.34
CA VAL D 70 16.40 -14.81 29.74
C VAL D 70 16.91 -16.12 30.33
N LEU D 71 16.34 -16.48 31.50
CA LEU D 71 16.77 -17.68 32.22
C LEU D 71 15.60 -18.56 32.68
N ALA D 72 15.88 -19.85 32.56
CA ALA D 72 14.96 -20.90 32.92
C ALA D 72 15.76 -21.85 33.78
N VAL D 73 15.31 -22.05 35.02
CA VAL D 73 16.04 -22.93 35.93
C VAL D 73 15.11 -23.93 36.64
N ASN D 74 15.65 -25.12 36.86
CA ASN D 74 14.97 -26.13 37.63
C ASN D 74 15.98 -26.38 38.75
N GLY D 75 15.67 -25.96 39.98
CA GLY D 75 16.64 -26.21 41.06
C GLY D 75 16.53 -25.26 42.24
N GLU D 76 17.50 -25.38 43.12
CA GLU D 76 17.57 -24.55 44.30
C GLU D 76 19.00 -24.08 44.52
N ILE D 77 19.15 -22.75 44.60
CA ILE D 77 20.45 -22.12 44.84
C ILE D 77 20.45 -21.73 46.34
N TYR D 78 21.06 -22.60 47.11
CA TYR D 78 21.03 -22.44 48.55
C TYR D 78 21.68 -21.18 49.06
N ASN D 79 22.71 -20.70 48.40
CA ASN D 79 23.41 -19.54 48.87
C ASN D 79 22.96 -18.29 48.19
N HIS D 80 21.82 -18.33 47.60
CA HIS D 80 21.41 -17.19 46.85
C HIS D 80 21.36 -15.94 47.66
N GLN D 81 21.14 -16.11 48.92
CA GLN D 81 21.04 -14.93 49.75
C GLN D 81 22.33 -14.17 49.82
N ALA D 82 23.37 -14.96 49.97
CA ALA D 82 24.69 -14.42 50.04
C ALA D 82 25.01 -13.72 48.75
N LEU D 83 24.62 -14.37 47.63
CA LEU D 83 24.87 -13.81 46.32
C LEU D 83 24.10 -12.55 46.01
N ARG D 84 22.89 -12.46 46.54
CA ARG D 84 22.13 -11.29 46.31
C ARG D 84 22.88 -10.13 46.94
N ALA D 85 23.39 -10.37 48.12
CA ALA D 85 24.11 -9.33 48.82
C ALA D 85 25.32 -8.88 48.02
N GLU D 86 26.17 -9.84 47.69
CA GLU D 86 27.36 -9.62 46.92
C GLU D 86 27.16 -8.97 45.57
N TYR D 87 26.08 -9.24 44.87
CA TYR D 87 26.06 -8.67 43.56
C TYR D 87 25.00 -7.66 43.47
N GLY D 88 24.24 -7.61 44.55
CA GLY D 88 23.14 -6.67 44.54
C GLY D 88 23.58 -5.25 44.21
N ASP D 89 24.87 -5.01 44.35
CA ASP D 89 25.54 -3.74 44.10
C ASP D 89 25.48 -3.47 42.61
N ARG D 90 25.92 -4.50 41.89
CA ARG D 90 25.99 -4.52 40.46
C ARG D 90 24.70 -4.92 39.72
N TYR D 91 23.91 -5.84 40.25
CA TYR D 91 22.75 -6.24 39.49
C TYR D 91 21.43 -5.98 40.15
N GLN D 92 20.51 -5.58 39.33
CA GLN D 92 19.19 -5.23 39.74
C GLN D 92 18.21 -6.39 39.79
N PHE D 93 18.04 -6.94 40.98
CA PHE D 93 17.14 -8.03 41.12
C PHE D 93 15.72 -7.65 40.81
N GLN D 94 14.99 -8.54 40.13
CA GLN D 94 13.61 -8.25 39.78
C GLN D 94 12.63 -9.03 40.64
N THR D 95 13.11 -10.08 41.29
CA THR D 95 12.27 -10.93 42.11
C THR D 95 13.06 -11.36 43.32
N GLY D 96 12.44 -12.27 44.03
CA GLY D 96 13.03 -12.86 45.20
C GLY D 96 13.42 -14.30 44.92
N SER D 97 13.34 -14.69 43.66
CA SER D 97 13.66 -16.07 43.36
C SER D 97 15.13 -16.40 43.58
N ASP D 98 15.38 -17.53 44.27
CA ASP D 98 16.77 -17.95 44.49
C ASP D 98 17.50 -18.08 43.18
N CYS D 99 16.77 -18.44 42.13
CA CYS D 99 17.38 -18.66 40.84
C CYS D 99 17.93 -17.41 40.12
N GLU D 100 17.40 -16.23 40.47
CA GLU D 100 17.79 -14.97 39.85
C GLU D 100 19.25 -14.59 39.89
N VAL D 101 19.97 -15.16 40.84
CA VAL D 101 21.38 -14.88 40.98
C VAL D 101 22.17 -15.39 39.77
N ILE D 102 21.65 -16.36 39.06
CA ILE D 102 22.42 -16.83 37.93
C ILE D 102 22.48 -15.67 36.95
N LEU D 103 21.38 -14.94 36.90
CA LEU D 103 21.30 -13.78 36.04
C LEU D 103 22.31 -12.73 36.50
N ALA D 104 22.41 -12.52 37.80
CA ALA D 104 23.39 -11.54 38.30
C ALA D 104 24.80 -11.97 37.93
N LEU D 105 25.07 -13.21 38.28
CA LEU D 105 26.35 -13.85 38.04
C LEU D 105 26.80 -13.78 36.59
N TYR D 106 25.91 -14.15 35.68
CA TYR D 106 26.23 -14.12 34.27
C TYR D 106 26.60 -12.73 33.80
N GLN D 107 25.87 -11.73 34.28
CA GLN D 107 26.07 -10.35 33.90
C GLN D 107 27.46 -9.91 34.16
N GLU D 108 27.99 -10.41 35.23
CA GLU D 108 29.31 -9.95 35.59
C GLU D 108 30.40 -10.86 35.19
N LYS D 109 30.11 -12.13 35.08
CA LYS D 109 31.20 -13.05 34.79
C LYS D 109 31.02 -13.84 33.54
N GLY D 110 29.93 -13.57 32.76
CA GLY D 110 29.70 -14.36 31.58
C GLY D 110 29.41 -15.78 32.02
N PRO D 111 30.11 -16.70 31.39
CA PRO D 111 29.98 -18.13 31.60
C PRO D 111 30.82 -18.68 32.71
N GLU D 112 31.57 -17.83 33.36
CA GLU D 112 32.47 -18.36 34.34
C GLU D 112 32.05 -18.40 35.79
N PHE D 113 30.78 -18.42 36.12
CA PHE D 113 30.40 -18.43 37.50
C PHE D 113 29.82 -19.75 38.03
N LEU D 114 29.95 -20.85 37.31
CA LEU D 114 29.34 -22.05 37.80
C LEU D 114 29.74 -22.52 39.19
N ASP D 115 31.02 -22.65 39.47
CA ASP D 115 31.40 -23.10 40.80
C ASP D 115 31.03 -22.12 41.90
N ASP D 116 30.47 -20.96 41.54
CA ASP D 116 30.07 -20.01 42.52
C ASP D 116 28.70 -20.31 43.08
N LEU D 117 27.98 -21.24 42.46
CA LEU D 117 26.63 -21.54 42.91
C LEU D 117 26.65 -22.68 43.90
N GLN D 118 25.80 -22.59 44.90
CA GLN D 118 25.76 -23.69 45.84
C GLN D 118 24.31 -24.22 45.79
N GLY D 119 24.14 -25.42 45.27
CA GLY D 119 22.74 -25.88 45.21
C GLY D 119 22.56 -26.97 44.17
N MET D 120 21.34 -27.20 43.68
CA MET D 120 21.12 -28.22 42.67
C MET D 120 20.40 -27.53 41.57
N PHE D 121 20.76 -27.87 40.34
CA PHE D 121 20.13 -27.14 39.26
C PHE D 121 20.56 -27.65 37.90
N ALA D 122 19.80 -27.14 36.95
CA ALA D 122 19.92 -27.26 35.54
C ALA D 122 19.29 -25.99 35.01
N PHE D 123 20.01 -25.33 34.10
CA PHE D 123 19.47 -24.09 33.52
C PHE D 123 19.92 -23.96 32.09
N ALA D 124 19.22 -23.03 31.47
CA ALA D 124 19.48 -22.64 30.11
C ALA D 124 19.30 -21.16 30.15
N LEU D 125 20.25 -20.43 29.62
CA LEU D 125 20.18 -18.99 29.59
C LEU D 125 20.47 -18.53 28.17
N TYR D 126 19.72 -17.52 27.72
CA TYR D 126 19.84 -16.94 26.38
C TYR D 126 20.10 -15.43 26.47
N ASP D 127 21.18 -15.00 25.85
CA ASP D 127 21.58 -13.59 25.79
C ASP D 127 21.21 -13.07 24.37
N SER D 128 20.18 -12.29 24.29
CA SER D 128 19.78 -11.76 23.02
C SER D 128 20.80 -10.77 22.51
N GLU D 129 21.49 -10.09 23.42
CA GLU D 129 22.49 -9.12 23.01
C GLU D 129 23.55 -9.81 22.20
N LYS D 130 24.31 -10.68 22.85
CA LYS D 130 25.36 -11.40 22.15
C LYS D 130 24.85 -12.54 21.28
N ASP D 131 23.54 -12.85 21.39
CA ASP D 131 22.94 -13.97 20.68
C ASP D 131 23.77 -15.17 21.02
N ALA D 132 23.76 -15.46 22.32
CA ALA D 132 24.54 -16.56 22.90
C ALA D 132 23.69 -17.24 23.97
N TYR D 133 24.08 -18.50 24.27
CA TYR D 133 23.41 -19.29 25.29
C TYR D 133 24.35 -20.03 26.21
N LEU D 134 23.83 -20.28 27.41
CA LEU D 134 24.55 -21.00 28.40
C LEU D 134 23.61 -21.97 29.09
N ILE D 135 24.08 -23.19 29.13
CA ILE D 135 23.46 -24.29 29.78
C ILE D 135 24.40 -24.83 30.86
N GLY D 136 23.82 -25.17 31.99
CA GLY D 136 24.60 -25.72 33.11
C GLY D 136 23.74 -26.66 33.98
N ARG D 137 24.49 -27.55 34.60
CA ARG D 137 24.03 -28.58 35.49
C ARG D 137 24.87 -28.57 36.77
N ASP D 138 24.25 -28.73 37.92
CA ASP D 138 25.00 -28.71 39.18
C ASP D 138 26.14 -29.70 39.23
N HIS D 139 26.91 -29.58 40.30
CA HIS D 139 28.14 -30.36 40.48
C HIS D 139 28.08 -31.87 40.32
N LEU D 140 26.99 -32.50 40.73
CA LEU D 140 26.95 -33.95 40.62
C LEU D 140 25.74 -34.33 39.83
N GLY D 141 25.09 -33.31 39.28
CA GLY D 141 23.90 -33.53 38.46
C GLY D 141 22.72 -34.07 39.28
N ILE D 142 22.55 -33.39 40.40
CA ILE D 142 21.49 -33.69 41.32
C ILE D 142 20.16 -33.52 40.60
N ILE D 143 20.06 -32.41 39.88
CA ILE D 143 18.93 -32.02 39.01
C ILE D 143 19.26 -32.65 37.64
N PRO D 144 18.31 -33.38 37.03
CA PRO D 144 18.60 -33.99 35.74
C PRO D 144 18.47 -33.00 34.54
N LEU D 145 19.19 -33.35 33.45
CA LEU D 145 19.16 -32.55 32.24
C LEU D 145 19.62 -33.40 31.09
N TYR D 146 18.81 -33.38 30.01
CA TYR D 146 19.07 -34.09 28.74
C TYR D 146 19.31 -33.04 27.64
N MET D 147 19.98 -33.49 26.59
CA MET D 147 20.33 -32.68 25.41
C MET D 147 20.27 -33.54 24.14
N GLY D 148 20.09 -32.93 22.99
CA GLY D 148 20.06 -33.74 21.79
C GLY D 148 19.95 -32.84 20.56
N TYR D 149 19.98 -33.49 19.41
CA TYR D 149 19.86 -32.82 18.09
C TYR D 149 18.78 -33.41 17.16
N ASP D 150 18.11 -32.45 16.48
CA ASP D 150 17.12 -32.46 15.38
C ASP D 150 17.83 -33.08 14.14
N GLU D 151 17.10 -33.32 13.04
CA GLU D 151 17.68 -33.80 11.78
C GLU D 151 18.25 -32.55 11.05
N HIS D 152 17.89 -31.38 11.62
CA HIS D 152 18.32 -30.05 11.19
C HIS D 152 19.56 -29.59 11.91
N GLY D 153 19.94 -30.31 12.96
CA GLY D 153 21.09 -29.86 13.69
C GLY D 153 20.69 -28.82 14.72
N GLN D 154 19.42 -28.60 15.00
CA GLN D 154 19.04 -27.65 16.05
C GLN D 154 19.29 -28.29 17.43
N LEU D 155 19.55 -27.48 18.45
CA LEU D 155 19.87 -28.05 19.75
C LEU D 155 18.70 -27.97 20.70
N TYR D 156 18.52 -29.10 21.40
CA TYR D 156 17.49 -29.29 22.40
C TYR D 156 18.04 -29.70 23.74
N VAL D 157 17.31 -29.21 24.75
CA VAL D 157 17.60 -29.54 26.13
C VAL D 157 16.29 -29.63 26.90
N ALA D 158 16.23 -30.61 27.84
CA ALA D 158 15.03 -30.89 28.65
C ALA D 158 15.35 -31.67 29.94
N SER D 159 14.63 -31.34 31.01
CA SER D 159 14.84 -31.99 32.29
C SER D 159 14.71 -33.49 32.15
N GLU D 160 13.77 -33.96 31.30
CA GLU D 160 13.49 -35.39 31.04
C GLU D 160 13.61 -35.81 29.57
N MET D 161 14.18 -36.98 29.32
CA MET D 161 14.37 -37.42 27.98
C MET D 161 13.10 -37.54 27.24
N LYS D 162 12.02 -37.73 27.99
CA LYS D 162 10.62 -37.87 27.54
C LYS D 162 10.26 -36.74 26.56
N ALA D 163 10.80 -35.55 26.73
CA ALA D 163 10.42 -34.48 25.84
C ALA D 163 11.33 -34.30 24.66
N LEU D 164 12.33 -35.16 24.55
CA LEU D 164 13.24 -34.99 23.44
C LEU D 164 13.07 -36.10 22.45
N VAL D 165 12.75 -37.28 22.97
CA VAL D 165 12.57 -38.47 22.16
C VAL D 165 11.65 -38.19 20.99
N PRO D 166 10.65 -37.37 21.18
CA PRO D 166 9.84 -37.11 20.03
C PRO D 166 10.50 -36.28 18.91
N VAL D 167 11.53 -35.48 19.18
CA VAL D 167 12.16 -34.69 18.10
C VAL D 167 13.62 -34.98 17.76
N CYS D 168 14.43 -35.41 18.70
CA CYS D 168 15.82 -35.58 18.38
C CYS D 168 16.16 -36.83 17.63
N ARG D 169 17.24 -36.77 16.82
CA ARG D 169 17.73 -37.95 16.12
C ARG D 169 18.68 -38.61 17.07
N THR D 170 19.19 -37.79 17.99
CA THR D 170 20.11 -38.23 19.03
C THR D 170 19.90 -37.45 20.32
N ILE D 171 20.20 -38.16 21.37
CA ILE D 171 20.07 -37.58 22.67
C ILE D 171 21.11 -38.19 23.60
N LYS D 172 21.37 -37.46 24.66
CA LYS D 172 22.28 -37.88 25.68
C LYS D 172 22.07 -37.06 26.96
N GLU D 173 22.62 -37.51 28.07
CA GLU D 173 22.54 -36.77 29.29
C GLU D 173 23.50 -35.55 29.22
N PHE D 174 23.01 -34.41 29.71
CA PHE D 174 23.80 -33.23 29.80
C PHE D 174 24.72 -33.51 30.97
N PRO D 175 26.00 -33.62 30.65
CA PRO D 175 26.99 -33.93 31.65
C PRO D 175 26.93 -33.12 32.94
N ALA D 176 27.15 -33.84 34.01
CA ALA D 176 27.10 -33.21 35.31
C ALA D 176 28.35 -32.37 35.60
N GLY D 177 28.27 -31.43 36.54
CA GLY D 177 29.41 -30.58 36.90
C GLY D 177 29.94 -29.84 35.68
N SER D 178 29.04 -29.52 34.76
CA SER D 178 29.48 -28.89 33.54
C SER D 178 28.58 -27.81 33.04
N TYR D 179 29.07 -27.10 31.97
CA TYR D 179 28.31 -26.07 31.28
C TYR D 179 28.58 -26.06 29.80
N LEU D 180 27.69 -25.37 29.07
CA LEU D 180 27.79 -25.20 27.62
C LEU D 180 27.59 -23.76 27.23
N TRP D 181 28.72 -23.13 26.86
CA TRP D 181 28.79 -21.74 26.40
C TRP D 181 28.81 -21.74 24.86
N SER D 182 27.75 -21.14 24.29
CA SER D 182 27.63 -21.09 22.82
C SER D 182 28.93 -20.58 22.14
N GLN D 183 29.51 -19.52 22.68
CA GLN D 183 30.69 -18.93 22.09
C GLN D 183 31.81 -19.91 22.05
N ASP D 184 31.74 -20.92 22.91
CA ASP D 184 32.77 -21.90 22.91
C ASP D 184 32.44 -23.16 22.14
N GLY D 185 31.13 -23.47 22.08
CA GLY D 185 30.64 -24.62 21.33
C GLY D 185 30.97 -25.95 21.93
N GLU D 186 31.53 -25.95 23.13
CA GLU D 186 31.84 -27.20 23.76
C GLU D 186 31.59 -27.30 25.24
N ILE D 187 31.08 -28.48 25.60
CA ILE D 187 30.75 -28.76 26.99
C ILE D 187 32.02 -28.78 27.78
N ARG D 188 32.11 -27.96 28.84
CA ARG D 188 33.27 -27.94 29.69
C ARG D 188 32.85 -28.22 31.12
N SER D 189 33.70 -29.02 31.82
CA SER D 189 33.55 -29.38 33.25
C SER D 189 33.96 -28.19 34.08
N TYR D 190 33.21 -27.88 35.11
CA TYR D 190 33.61 -26.77 35.94
C TYR D 190 33.88 -27.19 37.39
N TYR D 191 33.40 -28.37 37.76
CA TYR D 191 33.53 -28.89 39.11
C TYR D 191 34.70 -29.85 39.28
N HIS D 192 35.73 -29.45 40.05
CA HIS D 192 36.87 -30.30 40.33
C HIS D 192 37.36 -30.11 41.76
N ARG D 193 37.77 -31.19 42.41
CA ARG D 193 38.24 -30.94 43.74
C ARG D 193 39.42 -31.78 44.04
N ASP D 194 40.26 -31.23 44.92
CA ASP D 194 41.47 -31.90 45.34
C ASP D 194 41.27 -33.37 45.67
N TRP D 195 40.17 -33.58 46.43
CA TRP D 195 39.74 -34.87 46.94
C TRP D 195 39.43 -35.85 45.81
N PHE D 196 39.40 -35.31 44.57
CA PHE D 196 39.17 -36.19 43.45
C PHE D 196 40.30 -37.20 43.41
N ASP D 197 41.41 -36.85 44.06
CA ASP D 197 42.59 -37.73 44.11
C ASP D 197 43.06 -38.10 45.51
N TYR D 198 43.39 -39.40 45.71
CA TYR D 198 43.81 -39.95 46.98
C TYR D 198 45.02 -39.28 47.61
N ASP D 199 46.01 -39.13 46.76
CA ASP D 199 47.30 -38.52 47.06
C ASP D 199 47.16 -37.11 47.58
N ALA D 200 45.93 -36.64 47.48
CA ALA D 200 45.49 -35.33 47.98
C ALA D 200 44.95 -35.31 49.41
N VAL D 201 44.37 -36.42 49.88
CA VAL D 201 43.76 -36.44 51.20
C VAL D 201 44.44 -37.43 52.14
N LYS D 202 45.15 -38.37 51.52
CA LYS D 202 45.86 -39.51 52.08
C LYS D 202 46.35 -39.41 53.52
N ASP D 203 46.99 -38.30 53.82
CA ASP D 203 47.42 -38.10 55.17
C ASP D 203 46.77 -36.88 55.77
N ASN D 204 45.45 -36.73 55.55
CA ASN D 204 44.71 -35.61 56.09
C ASN D 204 44.32 -35.85 57.55
N VAL D 205 43.84 -34.79 58.19
CA VAL D 205 43.37 -34.80 59.58
C VAL D 205 41.84 -34.88 59.77
N THR D 206 41.35 -36.02 60.31
CA THR D 206 39.91 -36.13 60.49
C THR D 206 39.42 -35.38 61.70
N ASP D 207 38.46 -34.48 61.47
CA ASP D 207 37.82 -33.67 62.49
C ASP D 207 36.33 -33.92 62.56
N LYS D 208 36.02 -34.93 63.41
CA LYS D 208 34.67 -35.40 63.67
C LYS D 208 33.68 -34.29 63.96
N ASN D 209 34.09 -33.36 64.80
CA ASN D 209 33.21 -32.27 65.10
C ASN D 209 32.94 -31.38 63.90
N GLU D 210 33.93 -31.39 63.02
CA GLU D 210 33.81 -30.62 61.85
C GLU D 210 32.81 -31.32 60.93
N LEU D 211 33.02 -32.63 60.83
CA LEU D 211 32.17 -33.47 59.99
C LEU D 211 30.70 -33.34 60.35
N ARG D 212 30.43 -33.49 61.61
CA ARG D 212 29.08 -33.37 62.12
C ARG D 212 28.53 -32.00 61.80
N GLN D 213 29.27 -30.97 62.21
CA GLN D 213 28.74 -29.65 61.99
C GLN D 213 28.48 -29.35 60.54
N ALA D 214 29.34 -29.93 59.71
CA ALA D 214 29.20 -29.74 58.25
C ALA D 214 27.88 -30.25 57.71
N LEU D 215 27.51 -31.44 58.14
CA LEU D 215 26.27 -32.01 57.74
C LEU D 215 25.11 -31.21 58.31
N GLU D 216 25.28 -30.67 59.51
CA GLU D 216 24.24 -29.86 60.13
C GLU D 216 23.92 -28.58 59.32
N ASP D 217 24.98 -27.92 58.90
CA ASP D 217 24.92 -26.70 58.10
C ASP D 217 24.27 -26.99 56.73
N SER D 218 24.69 -28.10 56.10
CA SER D 218 24.11 -28.51 54.83
C SER D 218 22.60 -28.57 54.99
N VAL D 219 22.15 -29.41 55.92
CA VAL D 219 20.72 -29.53 56.22
C VAL D 219 20.03 -28.25 56.46
N LYS D 220 20.61 -27.49 57.36
CA LYS D 220 20.11 -26.17 57.67
C LYS D 220 19.87 -25.32 56.40
N SER D 221 20.87 -25.28 55.57
CA SER D 221 20.71 -24.52 54.37
C SER D 221 19.66 -25.13 53.40
N HIS D 222 19.48 -26.45 53.44
CA HIS D 222 18.52 -27.04 52.53
C HIS D 222 17.10 -26.89 53.05
N LEU D 223 16.93 -26.09 54.08
CA LEU D 223 15.61 -25.97 54.65
C LEU D 223 14.85 -24.81 54.03
N MET D 224 15.57 -24.13 53.16
CA MET D 224 15.07 -22.99 52.42
C MET D 224 13.81 -23.32 51.60
N SER D 225 12.71 -22.65 51.96
CA SER D 225 11.48 -22.90 51.22
C SER D 225 10.38 -22.00 51.72
N ASP D 226 9.40 -21.65 50.90
CA ASP D 226 8.29 -20.83 51.39
C ASP D 226 6.98 -21.65 51.49
N VAL D 227 7.10 -22.97 51.28
CA VAL D 227 5.94 -23.88 51.29
C VAL D 227 6.14 -25.00 52.28
N PRO D 228 5.14 -25.82 52.46
CA PRO D 228 5.29 -26.87 53.43
C PRO D 228 6.20 -27.93 52.89
N TYR D 229 7.01 -28.46 53.79
CA TYR D 229 7.96 -29.45 53.45
C TYR D 229 8.00 -30.59 54.46
N GLY D 230 8.67 -31.70 54.15
CA GLY D 230 8.74 -32.84 55.07
C GLY D 230 10.02 -33.60 54.85
N VAL D 231 10.15 -34.68 55.60
CA VAL D 231 11.32 -35.55 55.50
C VAL D 231 10.91 -36.97 55.22
N LEU D 232 11.75 -37.67 54.50
CA LEU D 232 11.52 -39.05 54.16
C LEU D 232 12.15 -39.84 55.26
N LEU D 233 11.37 -40.63 55.94
CA LEU D 233 11.97 -41.41 57.02
C LEU D 233 11.69 -42.88 56.76
N SER D 234 12.75 -43.60 56.44
CA SER D 234 12.57 -44.99 56.17
C SER D 234 12.96 -45.89 57.33
N GLY D 235 13.56 -45.30 58.35
CA GLY D 235 14.03 -46.06 59.50
C GLY D 235 15.49 -46.48 59.25
N GLY D 236 16.09 -46.02 58.16
CA GLY D 236 17.47 -46.36 57.89
C GLY D 236 18.35 -45.29 58.50
N LEU D 237 19.68 -45.53 58.65
CA LEU D 237 20.49 -44.47 59.25
C LEU D 237 20.46 -43.11 58.54
N ASP D 238 20.69 -43.16 57.24
CA ASP D 238 20.76 -41.99 56.38
C ASP D 238 19.57 -41.07 56.52
N SER D 239 18.34 -41.59 56.35
CA SER D 239 17.17 -40.70 56.54
C SER D 239 16.93 -40.34 58.02
N SER D 240 17.40 -41.21 58.91
CA SER D 240 17.25 -40.96 60.34
C SER D 240 18.04 -39.75 60.77
N ILE D 241 19.24 -39.66 60.21
CA ILE D 241 20.07 -38.52 60.53
C ILE D 241 19.46 -37.26 59.96
N ILE D 242 19.16 -37.31 58.65
CA ILE D 242 18.53 -36.17 58.00
C ILE D 242 17.29 -35.66 58.73
N SER D 243 16.48 -36.60 59.16
CA SER D 243 15.26 -36.21 59.83
C SER D 243 15.62 -35.64 61.19
N ALA D 244 16.58 -36.28 61.82
CA ALA D 244 16.99 -35.82 63.13
C ALA D 244 17.50 -34.41 63.00
N ILE D 245 18.32 -34.22 61.99
CA ILE D 245 18.88 -32.88 61.87
C ILE D 245 17.82 -31.87 61.58
N THR D 246 16.95 -32.31 60.70
CA THR D 246 15.88 -31.40 60.34
C THR D 246 14.98 -31.02 61.48
N LYS D 247 14.82 -31.98 62.38
CA LYS D 247 13.94 -31.76 63.50
C LYS D 247 14.63 -30.74 64.35
N LYS D 248 15.91 -30.98 64.52
CA LYS D 248 16.73 -30.10 65.28
C LYS D 248 16.62 -28.65 64.85
N TYR D 249 16.65 -28.38 63.56
CA TYR D 249 16.57 -26.97 63.15
C TYR D 249 15.23 -26.50 62.61
N ALA D 250 14.19 -27.33 62.69
CA ALA D 250 12.91 -26.91 62.15
C ALA D 250 12.42 -25.55 62.65
N ALA D 251 13.09 -25.05 63.70
CA ALA D 251 12.72 -23.79 64.30
C ALA D 251 13.93 -22.82 64.38
N GLN D 266 6.01 -28.45 64.03
CA GLN D 266 5.33 -29.34 63.10
C GLN D 266 6.15 -29.91 61.94
N LEU D 267 6.83 -31.02 62.22
CA LEU D 267 7.65 -31.67 61.23
C LEU D 267 7.08 -33.01 60.79
N HIS D 268 6.64 -33.06 59.55
CA HIS D 268 6.10 -34.29 58.96
C HIS D 268 7.12 -35.26 58.36
N SER D 269 6.96 -36.56 58.73
CA SER D 269 7.82 -37.59 58.23
C SER D 269 6.95 -38.54 57.44
N PHE D 270 7.57 -39.17 56.44
CA PHE D 270 6.95 -40.11 55.53
C PHE D 270 7.76 -41.33 55.31
N ALA D 271 7.06 -42.46 55.40
CA ALA D 271 7.69 -43.75 55.16
C ALA D 271 6.77 -44.56 54.25
N VAL D 272 7.29 -45.41 53.41
CA VAL D 272 6.38 -46.10 52.51
C VAL D 272 6.63 -47.59 52.50
N GLY D 273 5.54 -48.38 52.43
CA GLY D 273 5.79 -49.80 52.40
C GLY D 273 4.54 -50.64 52.45
N LEU D 274 4.76 -51.95 52.19
CA LEU D 274 3.71 -52.93 52.27
C LEU D 274 3.39 -53.03 53.75
N PRO D 275 2.10 -53.00 53.99
CA PRO D 275 1.53 -53.06 55.32
C PRO D 275 2.21 -54.12 56.16
N GLY D 276 2.67 -53.74 57.35
CA GLY D 276 3.31 -54.71 58.20
C GLY D 276 4.77 -54.99 57.91
N SER D 277 5.42 -54.23 57.02
CA SER D 277 6.83 -54.50 56.79
C SER D 277 7.78 -53.84 57.76
N PRO D 278 8.83 -54.58 58.09
CA PRO D 278 9.92 -54.23 59.01
C PRO D 278 10.43 -52.79 58.99
N ASP D 279 10.65 -52.29 57.80
CA ASP D 279 11.16 -50.95 57.69
C ASP D 279 10.19 -49.96 58.31
N LEU D 280 8.93 -50.33 58.14
CA LEU D 280 7.88 -49.49 58.61
C LEU D 280 8.03 -49.30 60.09
N LYS D 281 8.34 -50.42 60.72
CA LYS D 281 8.54 -50.46 62.15
C LYS D 281 9.69 -49.57 62.62
N ALA D 282 10.82 -49.71 61.93
CA ALA D 282 12.00 -48.90 62.18
C ALA D 282 11.67 -47.41 62.04
N ALA D 283 11.04 -47.11 60.91
CA ALA D 283 10.64 -45.77 60.61
C ALA D 283 9.79 -45.22 61.77
N GLN D 284 8.82 -46.01 62.23
CA GLN D 284 7.94 -45.58 63.32
C GLN D 284 8.69 -45.33 64.62
N GLU D 285 9.62 -46.18 64.81
CA GLU D 285 10.44 -46.02 65.98
C GLU D 285 11.18 -44.69 65.98
N VAL D 286 11.87 -44.41 64.87
CA VAL D 286 12.65 -43.17 64.75
C VAL D 286 11.81 -41.92 64.88
N ALA D 287 10.67 -41.93 64.16
CA ALA D 287 9.74 -40.85 64.17
C ALA D 287 9.28 -40.59 65.58
N ASN D 288 9.10 -41.68 66.34
CA ASN D 288 8.66 -41.58 67.71
C ASN D 288 9.81 -41.06 68.61
N HIS D 289 11.02 -41.52 68.34
CA HIS D 289 12.18 -41.04 69.07
C HIS D 289 12.45 -39.57 68.79
N LEU D 290 12.31 -39.15 67.51
CA LEU D 290 12.56 -37.76 67.08
C LEU D 290 11.41 -36.87 67.37
N GLY D 291 10.23 -37.48 67.47
CA GLY D 291 9.02 -36.73 67.72
C GLY D 291 8.41 -36.03 66.48
N THR D 292 8.47 -36.64 65.26
CA THR D 292 7.85 -36.04 64.04
C THR D 292 6.38 -36.49 63.93
N VAL D 293 5.57 -35.86 63.07
CA VAL D 293 4.20 -36.26 62.83
C VAL D 293 4.35 -37.17 61.62
N HIS D 294 4.50 -38.45 61.88
CA HIS D 294 4.80 -39.46 60.87
C HIS D 294 3.63 -39.97 60.08
N HIS D 295 3.91 -40.27 58.82
CA HIS D 295 2.87 -40.79 57.96
C HIS D 295 3.41 -42.01 57.30
N GLU D 296 2.81 -43.16 57.72
CA GLU D 296 3.17 -44.48 57.23
C GLU D 296 2.37 -44.78 55.99
N ILE D 297 3.01 -44.71 54.84
CA ILE D 297 2.27 -44.94 53.61
C ILE D 297 2.25 -46.39 53.23
N HIS D 298 1.07 -46.89 52.94
CA HIS D 298 1.07 -48.28 52.54
C HIS D 298 0.66 -48.36 51.12
N PHE D 299 1.16 -49.38 50.46
CA PHE D 299 0.75 -49.66 49.11
C PHE D 299 0.71 -51.17 48.96
N THR D 300 -0.25 -51.68 48.17
CA THR D 300 -0.37 -53.12 47.95
C THR D 300 0.49 -53.57 46.82
N VAL D 301 0.76 -54.85 46.76
CA VAL D 301 1.57 -55.33 45.66
C VAL D 301 0.94 -55.02 44.32
N GLN D 302 -0.39 -55.07 44.25
CA GLN D 302 -1.08 -54.82 43.00
C GLN D 302 -0.99 -53.38 42.60
N GLU D 303 -1.00 -52.53 43.62
CA GLU D 303 -0.88 -51.11 43.39
C GLU D 303 0.47 -50.78 42.75
N GLY D 304 1.46 -51.49 43.22
CA GLY D 304 2.79 -51.35 42.68
C GLY D 304 2.88 -51.88 41.24
N LEU D 305 2.29 -53.03 41.00
CA LEU D 305 2.35 -53.61 39.68
C LEU D 305 1.78 -52.69 38.65
N ASP D 306 0.62 -52.18 39.00
CA ASP D 306 -0.09 -51.30 38.14
C ASP D 306 0.62 -50.01 37.87
N ALA D 307 1.59 -49.67 38.68
CA ALA D 307 2.33 -48.41 38.52
C ALA D 307 3.61 -48.52 37.72
N ILE D 308 4.12 -49.73 37.56
CA ILE D 308 5.38 -50.01 36.88
C ILE D 308 5.61 -49.22 35.62
N ARG D 309 4.66 -49.27 34.76
CA ARG D 309 4.80 -48.60 33.48
C ARG D 309 4.96 -47.10 33.64
N ASP D 310 4.15 -46.52 34.51
CA ASP D 310 4.31 -45.11 34.71
C ASP D 310 5.65 -44.78 35.38
N VAL D 311 6.13 -45.67 36.23
CA VAL D 311 7.40 -45.40 36.93
C VAL D 311 8.46 -45.30 35.86
N ILE D 312 8.43 -46.30 35.05
CA ILE D 312 9.33 -46.42 33.93
C ILE D 312 9.24 -45.18 33.05
N TYR D 313 8.02 -44.65 32.79
CA TYR D 313 7.91 -43.46 31.97
C TYR D 313 8.54 -42.28 32.69
N HIS D 314 8.44 -42.28 34.00
CA HIS D 314 9.00 -41.21 34.82
C HIS D 314 10.48 -41.20 35.08
N ILE D 315 11.02 -42.32 35.42
CA ILE D 315 12.43 -42.37 35.73
C ILE D 315 13.22 -42.47 34.45
N GLU D 316 12.55 -42.97 33.47
CA GLU D 316 13.17 -43.13 32.17
C GLU D 316 14.35 -44.11 32.19
N THR D 317 14.10 -45.36 32.63
CA THR D 317 15.20 -46.33 32.62
C THR D 317 14.62 -47.72 32.48
N TYR D 318 15.48 -48.69 32.25
CA TYR D 318 15.03 -50.06 32.18
C TYR D 318 15.80 -50.91 33.23
N ASP D 319 16.61 -50.19 34.03
CA ASP D 319 17.35 -50.80 35.11
C ASP D 319 16.34 -51.29 36.19
N VAL D 320 16.37 -52.62 36.35
CA VAL D 320 15.57 -53.43 37.26
C VAL D 320 15.57 -52.88 38.68
N THR D 321 16.77 -52.74 39.22
CA THR D 321 17.02 -52.27 40.54
C THR D 321 16.47 -50.90 40.80
N THR D 322 16.69 -50.00 39.86
CA THR D 322 16.17 -48.65 39.95
C THR D 322 14.68 -48.75 39.87
N ILE D 323 14.19 -49.53 38.92
CA ILE D 323 12.76 -49.64 38.76
C ILE D 323 12.10 -50.16 40.03
N ARG D 324 12.63 -51.27 40.54
CA ARG D 324 12.11 -51.88 41.78
C ARG D 324 12.07 -50.86 42.90
N ALA D 325 13.13 -50.08 43.01
CA ALA D 325 13.20 -49.10 44.05
C ALA D 325 12.41 -47.80 43.85
N SER D 326 12.17 -47.37 42.62
CA SER D 326 11.48 -46.11 42.44
C SER D 326 10.00 -46.16 42.63
N THR D 327 9.58 -47.41 42.52
CA THR D 327 8.18 -47.66 42.61
C THR D 327 7.52 -47.07 43.85
N PRO D 328 7.99 -47.54 44.97
CA PRO D 328 7.47 -47.16 46.23
C PRO D 328 7.56 -45.69 46.39
N MET D 329 8.74 -45.18 46.00
CA MET D 329 9.02 -43.74 46.09
C MET D 329 8.06 -42.90 45.27
N TYR D 330 7.72 -43.49 44.15
CA TYR D 330 6.80 -42.92 43.24
C TYR D 330 5.43 -42.86 43.88
N LEU D 331 5.03 -43.92 44.55
CA LEU D 331 3.68 -43.85 45.17
C LEU D 331 3.67 -42.97 46.44
N MET D 332 4.81 -42.96 47.14
CA MET D 332 4.88 -42.17 48.34
C MET D 332 4.72 -40.72 47.98
N SER D 333 5.35 -40.40 46.86
CA SER D 333 5.25 -39.04 46.34
C SER D 333 3.82 -38.60 46.03
N ARG D 334 3.06 -39.49 45.39
CA ARG D 334 1.70 -39.09 45.09
C ARG D 334 0.87 -38.75 46.34
N LYS D 335 1.10 -39.57 47.41
CA LYS D 335 0.52 -39.50 48.75
C LYS D 335 0.98 -38.20 49.43
N ILE D 336 2.27 -37.91 49.42
CA ILE D 336 2.76 -36.61 49.94
C ILE D 336 2.14 -35.37 49.31
N LYS D 337 2.15 -35.36 48.00
CA LYS D 337 1.59 -34.24 47.29
C LYS D 337 0.15 -33.99 47.60
N ALA D 338 -0.59 -35.07 47.77
CA ALA D 338 -2.00 -35.00 48.06
C ALA D 338 -2.27 -34.34 49.42
N MET D 339 -1.29 -34.48 50.29
CA MET D 339 -1.30 -33.93 51.65
C MET D 339 -1.01 -32.44 51.62
N GLY D 340 -0.33 -32.03 50.54
CA GLY D 340 0.03 -30.65 50.29
C GLY D 340 1.52 -30.34 50.44
N ILE D 341 2.35 -31.37 50.59
CA ILE D 341 3.77 -31.09 50.76
C ILE D 341 4.47 -31.00 49.41
N LYS D 342 5.20 -29.89 49.20
CA LYS D 342 5.92 -29.66 47.95
C LYS D 342 7.43 -29.96 47.92
N MET D 343 8.04 -30.17 49.09
CA MET D 343 9.44 -30.48 49.12
C MET D 343 9.76 -31.46 50.20
N VAL D 344 10.76 -32.32 50.03
CA VAL D 344 11.16 -33.20 51.13
C VAL D 344 12.65 -33.35 51.15
N LEU D 345 13.22 -33.60 52.34
CA LEU D 345 14.63 -33.85 52.42
C LEU D 345 14.88 -35.31 52.44
N SER D 346 15.91 -35.76 51.77
CA SER D 346 16.18 -37.16 51.76
C SER D 346 17.64 -37.51 52.12
N GLY D 347 17.91 -38.81 52.28
CA GLY D 347 19.22 -39.29 52.64
C GLY D 347 20.09 -39.93 51.59
N GLU D 348 19.83 -39.66 50.29
CA GLU D 348 20.69 -40.19 49.25
C GLU D 348 22.06 -39.47 49.29
N GLY D 349 23.09 -40.24 48.94
CA GLY D 349 24.48 -39.83 48.84
C GLY D 349 25.36 -40.33 49.96
N SER D 350 24.71 -40.61 51.08
CA SER D 350 25.42 -41.06 52.25
C SER D 350 26.25 -42.32 52.01
N ASP D 351 25.65 -43.31 51.38
CA ASP D 351 26.44 -44.51 51.17
C ASP D 351 27.72 -44.31 50.31
N GLU D 352 27.56 -43.47 49.28
CA GLU D 352 28.57 -43.10 48.30
C GLU D 352 29.66 -42.23 48.86
N VAL D 353 29.31 -41.37 49.82
CA VAL D 353 30.28 -40.53 50.42
C VAL D 353 31.12 -41.29 51.43
N PHE D 354 30.45 -42.08 52.27
CA PHE D 354 31.06 -42.80 53.35
C PHE D 354 31.42 -44.26 53.05
N GLY D 355 31.17 -44.69 51.82
CA GLY D 355 31.47 -46.08 51.51
C GLY D 355 30.54 -46.93 52.38
N GLY D 356 29.27 -46.74 52.13
CA GLY D 356 28.19 -47.38 52.88
C GLY D 356 27.84 -48.80 52.53
N TYR D 357 28.10 -49.15 51.27
CA TYR D 357 27.87 -50.50 50.76
C TYR D 357 28.67 -51.62 51.47
N LEU D 358 28.04 -52.77 51.53
CA LEU D 358 28.68 -53.87 52.16
C LEU D 358 29.95 -54.23 51.42
N TYR D 359 29.93 -54.07 50.10
CA TYR D 359 31.12 -54.44 49.36
C TYR D 359 32.28 -53.59 49.82
N PHE D 360 31.93 -52.42 50.30
CA PHE D 360 33.01 -51.65 50.84
C PHE D 360 33.62 -52.30 52.07
N HIS D 361 32.89 -53.21 52.74
CA HIS D 361 33.43 -53.88 53.92
C HIS D 361 34.71 -54.57 53.52
N LYS D 362 34.59 -55.11 52.33
CA LYS D 362 35.64 -55.83 51.68
C LYS D 362 36.77 -54.95 51.17
N ALA D 363 36.74 -53.65 51.43
CA ALA D 363 37.85 -52.81 50.91
C ALA D 363 39.24 -53.10 51.38
N PRO D 364 40.09 -53.19 50.34
CA PRO D 364 41.52 -53.46 50.34
C PRO D 364 42.34 -52.46 51.12
N ASN D 365 42.04 -51.18 50.95
CA ASN D 365 42.75 -50.14 51.68
C ASN D 365 42.12 -48.76 51.51
N ALA D 366 42.73 -47.75 52.14
CA ALA D 366 42.17 -46.39 52.02
C ALA D 366 42.21 -45.76 50.61
N LYS D 367 43.20 -46.19 49.83
CA LYS D 367 43.35 -45.74 48.47
C LYS D 367 42.16 -46.24 47.64
N GLU D 368 41.98 -47.55 47.67
CA GLU D 368 40.85 -48.18 47.00
C GLU D 368 39.53 -47.59 47.47
N LEU D 369 39.39 -47.45 48.78
CA LEU D 369 38.14 -46.93 49.28
C LEU D 369 37.85 -45.55 48.69
N HIS D 370 38.79 -44.65 48.85
CA HIS D 370 38.61 -43.30 48.35
C HIS D 370 38.18 -43.28 46.86
N GLU D 371 39.01 -43.88 45.99
CA GLU D 371 38.74 -43.91 44.55
C GLU D 371 37.38 -44.42 44.23
N GLU D 372 36.92 -45.39 45.02
CA GLU D 372 35.61 -45.91 44.79
C GLU D 372 34.51 -44.93 45.09
N THR D 373 34.61 -44.29 46.25
CA THR D 373 33.60 -43.33 46.64
C THR D 373 33.58 -42.15 45.68
N VAL D 374 34.77 -41.76 45.22
CA VAL D 374 34.79 -40.60 44.34
C VAL D 374 34.03 -40.90 43.07
N ARG D 375 34.40 -42.06 42.56
CA ARG D 375 33.85 -42.67 41.38
C ARG D 375 32.34 -42.79 41.54
N LYS D 376 31.94 -43.19 42.74
CA LYS D 376 30.55 -43.38 43.03
C LYS D 376 29.85 -42.04 43.04
N LEU D 377 30.54 -41.04 43.53
CA LEU D 377 29.95 -39.73 43.58
C LEU D 377 29.78 -39.21 42.18
N LEU D 378 30.78 -39.43 41.36
CA LEU D 378 30.70 -38.93 40.02
C LEU D 378 29.72 -39.63 39.07
N ALA D 379 29.14 -40.79 39.48
CA ALA D 379 28.18 -41.59 38.70
C ALA D 379 26.72 -41.47 39.14
N LEU D 380 26.55 -40.94 40.36
CA LEU D 380 25.26 -40.72 40.98
C LEU D 380 24.17 -40.12 40.09
N HIS D 381 24.52 -39.17 39.20
CA HIS D 381 23.57 -38.50 38.26
C HIS D 381 22.76 -39.50 37.41
N MET D 382 23.36 -40.65 37.17
CA MET D 382 22.70 -41.69 36.43
C MET D 382 21.99 -42.63 37.39
N TYR D 383 22.36 -42.56 38.68
CA TYR D 383 21.84 -43.46 39.69
C TYR D 383 20.85 -42.90 40.70
N ASP D 384 21.23 -42.91 41.98
CA ASP D 384 20.35 -42.43 43.03
C ASP D 384 19.68 -41.07 42.74
N CYS D 385 20.47 -40.14 42.17
CA CYS D 385 20.02 -38.78 41.85
C CYS D 385 18.79 -38.72 40.97
N ALA D 386 18.90 -39.46 39.86
CA ALA D 386 17.86 -39.60 38.86
C ALA D 386 16.55 -40.13 39.47
N ARG D 387 16.69 -41.23 40.21
CA ARG D 387 15.58 -41.91 40.86
C ARG D 387 14.86 -40.99 41.81
N ALA D 388 15.62 -40.40 42.72
CA ALA D 388 15.01 -39.50 43.68
C ALA D 388 14.30 -38.36 43.00
N ASN D 389 15.06 -37.69 42.18
CA ASN D 389 14.50 -36.56 41.54
C ASN D 389 13.25 -36.90 40.72
N LYS D 390 13.38 -37.82 39.79
CA LYS D 390 12.27 -38.16 38.93
C LYS D 390 11.09 -38.85 39.65
N ALA D 391 11.39 -39.77 40.56
CA ALA D 391 10.34 -40.41 41.35
C ALA D 391 9.51 -39.34 42.02
N MET D 392 10.21 -38.41 42.70
CA MET D 392 9.47 -37.37 43.41
C MET D 392 8.75 -36.36 42.51
N SER D 393 9.44 -35.95 41.43
CA SER D 393 8.90 -34.99 40.47
C SER D 393 7.70 -35.48 39.67
N ALA D 394 7.49 -36.79 39.70
CA ALA D 394 6.38 -37.41 39.00
C ALA D 394 5.10 -36.83 39.49
N TRP D 395 5.18 -36.40 40.75
CA TRP D 395 4.04 -35.82 41.42
C TRP D 395 4.25 -34.40 41.85
N GLY D 396 5.27 -33.70 41.34
CA GLY D 396 5.46 -32.29 41.70
C GLY D 396 5.96 -32.11 43.13
N VAL D 397 6.92 -32.91 43.49
CA VAL D 397 7.48 -32.88 44.81
C VAL D 397 8.97 -32.79 44.69
N GLU D 398 9.51 -31.77 45.33
CA GLU D 398 10.97 -31.59 45.23
C GLU D 398 11.76 -32.33 46.29
N ALA D 399 12.76 -33.09 45.84
CA ALA D 399 13.65 -33.82 46.70
C ALA D 399 15.01 -33.11 46.90
N ARG D 400 15.42 -32.86 48.18
CA ARG D 400 16.72 -32.26 48.57
C ARG D 400 17.63 -33.36 49.12
N VAL D 401 18.96 -33.24 48.85
CA VAL D 401 19.96 -34.21 49.26
C VAL D 401 21.15 -33.59 49.94
N PRO D 402 20.97 -33.35 51.26
CA PRO D 402 21.99 -32.70 52.07
C PRO D 402 23.33 -33.36 52.11
N PHE D 403 23.31 -34.66 51.89
CA PHE D 403 24.57 -35.38 51.92
C PHE D 403 25.40 -35.06 50.69
N LEU D 404 24.76 -34.48 49.70
CA LEU D 404 25.46 -34.21 48.46
C LEU D 404 25.72 -32.73 48.29
N ASP D 405 25.51 -31.98 49.32
CA ASP D 405 25.74 -30.55 49.23
C ASP D 405 27.20 -30.28 48.91
N LYS D 406 27.46 -29.23 48.15
CA LYS D 406 28.85 -28.89 47.77
C LYS D 406 29.81 -28.77 48.95
N LYS D 407 29.48 -27.84 49.85
CA LYS D 407 30.31 -27.61 51.04
C LYS D 407 30.53 -28.89 51.84
N PHE D 408 29.44 -29.55 52.19
CA PHE D 408 29.49 -30.78 52.96
C PHE D 408 30.49 -31.76 52.37
N LEU D 409 30.42 -31.90 51.06
CA LEU D 409 31.25 -32.88 50.40
C LEU D 409 32.75 -32.62 50.55
N ASP D 410 33.07 -31.36 50.58
CA ASP D 410 34.46 -31.03 50.68
C ASP D 410 35.03 -31.47 52.02
N VAL D 411 34.23 -31.24 53.06
CA VAL D 411 34.58 -31.69 54.42
C VAL D 411 34.59 -33.23 54.49
N ALA D 412 33.47 -33.85 54.09
CA ALA D 412 33.38 -35.31 54.13
C ALA D 412 34.37 -36.03 53.21
N MET D 413 34.77 -35.40 52.08
CA MET D 413 35.69 -36.06 51.13
C MET D 413 37.14 -35.81 51.45
N ARG D 414 37.30 -34.82 52.34
CA ARG D 414 38.60 -34.42 52.79
C ARG D 414 39.01 -35.03 54.12
N ILE D 415 38.17 -35.74 54.84
CA ILE D 415 38.68 -36.30 56.06
C ILE D 415 39.61 -37.41 55.62
N ASN D 416 40.28 -38.07 56.54
CA ASN D 416 41.14 -39.17 56.16
C ASN D 416 40.31 -40.43 55.84
N PRO D 417 40.48 -40.92 54.65
CA PRO D 417 39.74 -42.09 54.15
C PRO D 417 40.00 -43.44 54.85
N GLN D 418 41.04 -43.49 55.71
CA GLN D 418 41.37 -44.68 56.49
C GLN D 418 40.19 -44.80 57.44
N ASP D 419 39.77 -43.62 57.92
CA ASP D 419 38.66 -43.38 58.82
C ASP D 419 37.32 -43.83 58.30
N LYS D 420 37.28 -44.19 57.01
CA LYS D 420 36.11 -44.69 56.37
C LYS D 420 36.24 -46.19 56.23
N MET D 421 37.42 -46.74 56.48
CA MET D 421 37.60 -48.22 56.40
C MET D 421 36.93 -49.04 57.55
N CYS D 422 36.26 -50.15 57.16
CA CYS D 422 35.54 -51.12 58.02
C CYS D 422 36.45 -52.26 58.36
N GLY D 423 37.40 -52.01 59.21
CA GLY D 423 38.30 -53.07 59.54
C GLY D 423 38.34 -53.17 61.05
N LYS D 426 34.53 -51.55 61.08
CA LYS D 426 33.68 -51.01 62.05
C LYS D 426 32.32 -51.26 61.44
N MET D 427 31.28 -50.59 61.86
CA MET D 427 30.04 -50.83 61.15
C MET D 427 30.40 -50.12 59.77
N GLU D 428 29.63 -50.25 58.69
CA GLU D 428 30.00 -49.58 57.45
C GLU D 428 30.20 -48.07 57.60
N LYS D 429 29.25 -47.34 58.11
CA LYS D 429 29.53 -45.89 58.14
C LYS D 429 29.76 -45.39 59.55
N HIS D 430 30.68 -46.09 60.25
CA HIS D 430 31.03 -45.87 61.65
C HIS D 430 31.15 -44.43 62.12
N ILE D 431 32.01 -43.74 61.40
CA ILE D 431 32.29 -42.36 61.67
C ILE D 431 31.02 -41.57 61.69
N LEU D 432 30.16 -41.85 60.69
CA LEU D 432 28.87 -41.18 60.60
C LEU D 432 27.96 -41.58 61.76
N ARG D 433 27.96 -42.87 62.10
CA ARG D 433 27.13 -43.30 63.20
C ARG D 433 27.61 -42.61 64.43
N GLU D 434 28.92 -42.64 64.57
CA GLU D 434 29.56 -41.98 65.70
C GLU D 434 29.13 -40.56 65.80
N CYS D 435 29.08 -39.88 64.69
CA CYS D 435 28.67 -38.51 64.75
C CYS D 435 27.26 -38.26 65.19
N PHE D 436 26.35 -39.18 64.93
CA PHE D 436 25.00 -38.84 65.28
C PHE D 436 24.25 -39.75 66.24
N GLU D 437 24.98 -40.66 66.82
CA GLU D 437 24.47 -41.66 67.74
C GLU D 437 23.52 -41.06 68.73
N ALA D 438 23.91 -39.89 69.19
CA ALA D 438 23.14 -39.17 70.19
C ALA D 438 21.70 -38.81 69.82
N TYR D 439 21.53 -38.54 68.55
CA TYR D 439 20.27 -38.10 68.00
C TYR D 439 19.29 -39.25 67.74
N LEU D 440 19.80 -40.48 67.75
CA LEU D 440 19.00 -41.65 67.44
C LEU D 440 18.91 -42.79 68.46
N PRO D 441 17.99 -43.65 68.15
CA PRO D 441 17.77 -44.84 68.89
C PRO D 441 18.94 -45.76 68.61
N ALA D 442 19.46 -46.40 69.65
CA ALA D 442 20.61 -47.28 69.53
C ALA D 442 20.47 -48.30 68.40
N SER D 443 19.22 -48.70 68.20
CA SER D 443 18.90 -49.69 67.18
C SER D 443 19.34 -49.25 65.76
N VAL D 444 18.87 -48.07 65.31
CA VAL D 444 19.22 -47.55 64.00
C VAL D 444 20.67 -47.15 63.95
N ALA D 445 21.08 -46.47 65.00
CA ALA D 445 22.45 -46.04 65.14
C ALA D 445 23.48 -47.08 64.80
N TRP D 446 23.38 -48.27 65.38
CA TRP D 446 24.36 -49.30 65.09
C TRP D 446 23.89 -50.47 64.23
N ARG D 447 22.70 -50.35 63.62
CA ARG D 447 22.22 -51.44 62.77
C ARG D 447 23.09 -51.61 61.52
N GLN D 448 23.19 -52.85 61.07
CA GLN D 448 23.99 -53.18 59.91
C GLN D 448 23.24 -54.20 59.02
N ASP D 454 14.69 -57.55 52.60
CA ASP D 454 13.93 -56.40 52.06
C ASP D 454 12.86 -55.81 53.01
N GLY D 455 13.13 -54.60 53.51
CA GLY D 455 12.21 -53.98 54.45
C GLY D 455 10.91 -53.41 53.92
N VAL D 456 10.83 -53.17 52.60
CA VAL D 456 9.60 -52.63 52.02
C VAL D 456 8.56 -53.73 51.87
N GLY D 457 9.10 -54.94 51.70
CA GLY D 457 8.35 -56.18 51.55
C GLY D 457 9.07 -57.15 50.62
N TYR D 458 9.20 -58.42 51.06
CA TYR D 458 9.82 -59.43 50.23
C TYR D 458 8.89 -59.60 49.04
N SER D 459 7.61 -59.80 49.36
CA SER D 459 6.54 -59.97 48.40
C SER D 459 6.63 -58.97 47.28
N TRP D 460 7.08 -57.74 47.59
CA TRP D 460 7.18 -56.75 46.50
C TRP D 460 8.03 -57.32 45.34
N ILE D 461 9.33 -57.40 45.49
CA ILE D 461 10.18 -57.99 44.46
C ILE D 461 9.76 -59.39 44.02
N ASP D 462 9.30 -60.23 44.94
CA ASP D 462 8.88 -61.60 44.61
C ASP D 462 7.78 -61.65 43.55
N THR D 463 6.75 -60.86 43.73
CA THR D 463 5.71 -60.91 42.74
C THR D 463 6.21 -60.32 41.45
N LEU D 464 7.11 -59.36 41.60
CA LEU D 464 7.73 -58.70 40.51
C LEU D 464 8.32 -59.79 39.68
N LYS D 465 9.20 -60.54 40.29
CA LYS D 465 9.83 -61.62 39.61
C LYS D 465 8.77 -62.58 39.08
N GLU D 466 7.84 -62.91 39.92
CA GLU D 466 6.85 -63.85 39.50
C GLU D 466 6.00 -63.41 38.34
N VAL D 467 5.84 -62.13 38.19
CA VAL D 467 5.03 -61.64 37.09
C VAL D 467 5.82 -61.62 35.79
N ALA D 468 7.09 -61.32 35.91
CA ALA D 468 7.98 -61.26 34.78
C ALA D 468 8.05 -62.61 34.07
N ALA D 469 8.20 -63.64 34.89
CA ALA D 469 8.29 -65.02 34.43
C ALA D 469 7.05 -65.48 33.66
N GLN D 470 5.93 -64.81 33.94
CA GLN D 470 4.68 -65.12 33.28
C GLN D 470 4.66 -64.46 31.91
N GLN D 471 4.89 -63.16 31.96
CA GLN D 471 4.91 -62.28 30.83
C GLN D 471 6.03 -62.47 29.83
N VAL D 472 7.10 -63.16 30.22
CA VAL D 472 8.22 -63.38 29.31
C VAL D 472 8.53 -64.85 28.97
N SER D 473 8.44 -65.19 27.68
CA SER D 473 8.72 -66.55 27.21
C SER D 473 10.19 -66.84 27.30
N ASP D 474 10.52 -68.09 27.45
CA ASP D 474 11.92 -68.38 27.54
C ASP D 474 12.55 -68.06 26.20
N GLN D 475 11.66 -68.05 25.22
CA GLN D 475 12.04 -67.80 23.85
C GLN D 475 12.46 -66.39 23.64
N GLN D 476 11.61 -65.49 24.10
CA GLN D 476 11.93 -64.08 24.03
C GLN D 476 13.30 -63.86 24.63
N LEU D 477 13.47 -64.38 25.83
CA LEU D 477 14.73 -64.20 26.50
C LEU D 477 15.90 -64.73 25.75
N GLU D 478 15.70 -65.88 25.11
CA GLU D 478 16.74 -66.53 24.33
C GLU D 478 17.17 -65.66 23.16
N THR D 479 16.22 -65.05 22.46
CA THR D 479 16.64 -64.27 21.33
C THR D 479 16.62 -62.79 21.55
N ALA D 480 16.65 -62.32 22.80
CA ALA D 480 16.61 -60.90 23.16
C ALA D 480 17.67 -60.04 22.45
N ARG D 481 18.83 -60.65 22.22
CA ARG D 481 19.94 -59.97 21.58
C ARG D 481 19.53 -59.46 20.19
N PHE D 482 18.58 -60.18 19.59
CA PHE D 482 18.08 -59.80 18.27
C PHE D 482 17.12 -58.64 18.33
N ARG D 483 16.48 -58.50 19.46
CA ARG D 483 15.50 -57.46 19.64
C ARG D 483 16.07 -56.24 20.33
N PHE D 484 16.93 -56.52 21.30
CA PHE D 484 17.52 -55.50 22.06
C PHE D 484 19.01 -55.73 22.08
N PRO D 485 19.59 -55.48 20.94
CA PRO D 485 21.02 -55.53 20.73
C PRO D 485 21.80 -54.73 21.76
N TYR D 486 21.25 -53.62 22.22
CA TYR D 486 22.01 -52.84 23.20
C TYR D 486 21.58 -53.23 24.62
N ASN D 487 22.56 -53.44 25.51
CA ASN D 487 22.30 -53.81 26.91
C ASN D 487 21.25 -54.91 26.96
N THR D 488 21.49 -55.98 26.22
CA THR D 488 20.55 -57.06 26.12
C THR D 488 20.13 -57.49 27.50
N PRO D 489 18.85 -57.57 27.69
CA PRO D 489 18.30 -58.00 28.95
C PRO D 489 18.62 -59.47 29.14
N THR D 490 19.16 -59.84 30.30
CA THR D 490 19.57 -61.20 30.62
C THR D 490 18.69 -61.95 31.62
N SER D 491 17.54 -61.37 31.96
CA SER D 491 16.55 -61.96 32.83
C SER D 491 15.22 -61.53 32.29
N LYS D 492 14.22 -62.27 32.64
CA LYS D 492 12.89 -61.96 32.16
C LYS D 492 12.37 -60.65 32.74
N GLU D 493 12.79 -60.28 33.96
CA GLU D 493 12.32 -59.05 34.58
C GLU D 493 12.88 -57.86 33.84
N ALA D 494 14.19 -57.88 33.65
CA ALA D 494 14.82 -56.84 32.86
C ALA D 494 14.22 -56.82 31.49
N TYR D 495 13.98 -58.02 30.91
CA TYR D 495 13.39 -58.11 29.59
C TYR D 495 12.08 -57.35 29.53
N LEU D 496 11.30 -57.51 30.57
CA LEU D 496 10.00 -56.86 30.67
C LEU D 496 10.09 -55.33 30.80
N TYR D 497 11.03 -54.90 31.63
CA TYR D 497 11.15 -53.49 31.81
C TYR D 497 11.60 -52.86 30.49
N ARG D 498 12.50 -53.57 29.77
CA ARG D 498 13.08 -53.08 28.49
C ARG D 498 12.06 -52.83 27.39
N GLU D 499 11.15 -53.79 27.27
CA GLU D 499 10.14 -53.69 26.26
C GLU D 499 9.34 -52.45 26.46
N ILE D 500 8.98 -52.21 27.69
CA ILE D 500 8.15 -51.06 27.99
C ILE D 500 8.92 -49.77 27.75
N PHE D 501 10.18 -49.84 28.14
CA PHE D 501 11.07 -48.70 28.00
C PHE D 501 11.12 -48.31 26.56
N GLU D 502 11.48 -49.27 25.77
CA GLU D 502 11.59 -49.04 24.36
C GLU D 502 10.33 -48.57 23.71
N GLU D 503 9.27 -49.13 24.20
CA GLU D 503 7.97 -48.78 23.68
C GLU D 503 7.72 -47.32 23.89
N LEU D 504 8.15 -46.86 25.06
CA LEU D 504 7.96 -45.50 25.43
C LEU D 504 9.04 -44.59 24.89
N PHE D 505 10.25 -45.13 24.72
CA PHE D 505 11.35 -44.35 24.26
C PHE D 505 12.08 -45.00 23.08
N PRO D 506 11.39 -44.98 21.95
CA PRO D 506 11.81 -45.58 20.71
C PRO D 506 13.26 -45.39 20.31
N LEU D 507 13.64 -44.15 20.34
CA LEU D 507 14.96 -43.78 19.95
C LEU D 507 16.10 -44.58 20.56
N PRO D 508 16.94 -45.11 19.67
CA PRO D 508 18.08 -45.90 20.04
C PRO D 508 19.03 -45.26 21.06
N SER D 509 19.29 -43.96 20.98
CA SER D 509 20.24 -43.40 21.95
C SER D 509 19.65 -43.27 23.36
N ALA D 510 18.31 -43.26 23.41
CA ALA D 510 17.65 -43.16 24.69
C ALA D 510 18.09 -44.33 25.56
N ALA D 511 18.30 -45.49 24.94
CA ALA D 511 18.70 -46.63 25.72
C ALA D 511 20.15 -46.55 26.08
N GLU D 512 20.87 -45.71 25.35
CA GLU D 512 22.30 -45.57 25.62
C GLU D 512 22.58 -44.61 26.77
N CYS D 513 21.52 -43.92 27.19
CA CYS D 513 21.61 -43.03 28.33
C CYS D 513 21.62 -43.96 29.52
N VAL D 514 20.96 -45.11 29.31
CA VAL D 514 20.88 -46.16 30.31
C VAL D 514 22.26 -46.87 30.38
N PRO D 515 22.83 -46.85 31.59
CA PRO D 515 24.13 -47.39 31.92
C PRO D 515 24.35 -48.87 31.65
N GLY D 516 25.28 -49.13 30.75
CA GLY D 516 25.66 -50.48 30.39
C GLY D 516 26.86 -50.90 31.23
#